data_6BM0
#
_entry.id   6BM0
#
loop_
_entity.id
_entity.type
_entity.pdbx_description
1 polymer 'Cleavage and polyadenylation specificity factor subunit 1'
2 polymer "pre-mRNA 3' end processing protein WDR33"
#
loop_
_entity_poly.entity_id
_entity_poly.type
_entity_poly.pdbx_seq_one_letter_code
_entity_poly.pdbx_strand_id
1 'polypeptide(L)'
;MYAVYKQAHPPTGLEFSMYCNFFNNSERNLVVAGTSQLYVYRLNRDAEALTKNDRSTEGKAHREKLELAASFSFFGNVMS
MASVQLAGAKRDALLLSFKDAKLSVVEYDPGTHDLKTLSLHYFEEPELRDGFVQNVHTPRVRVDPDGRCAAMLVYGTRLV
VLPFRRESLAEEHEGLVGEGQRSSFLPSYIIDVRALDEKLLNIIDLQFLHGYYEPTLLILFEPNQTWPGRVAVRQDTCSI
VAISLNITQKVHPVIWSLTSLPFDCTQALAVPKPIGGVVVFAVNSLLYLNQSVPPYGVALNSLTTGTTAFPLRTQEGVRI
TLDCAQATFISYDKMVISLKGGEIYVLTLITDGMRSVRAFHFDKAAASVLTTSMVTMEPGYLFLGSRLGNSLLLKYTEKL
QEPPASAVREAADKEEPPSKKKRVDATAGWSAAGKSVPQDEVDEIEVYGSEAQSGTQLATYSFEVCDSILNIGPCANAAV
GEPAFLSEEFQNSPEPDLEIVVCSGHGKNGALSVLQKSIRPQVVTTFELPGCYDMWTVIAPVRKEEEDNPKGEGTEQEPS
TTPEADDDGRRHGFLILSREDSTMILQTGQEIMELDTSGFATQGPTVFAGNIGDNRYIVQVSPLGIRLLEGVNQLHFIPV
DLGAPIVQCAVADPYVVIMSAEGHVTMFLLKSDSYGGRHHRLALHKPPLHHQSKVITLCLYRDLSGMFTTESRLGGARDE
LGGRSGPEAEGLGSETSPTVDDEEEMLYGDSGSLFSPSKEEARRSSQPPADRDPAPFRAEPTHWCLLVRENGTMEIYQLP
DWRLVFLVKNFPVGQRVLVDSSFGQPTTQGEARREEATRQGELPLVKEVLLVALGSRQSRPYLLVHVDQELLIYEAFPHD
SQLGQGNLKVRFKKVPHNINFREKKPKPSKKKAEGGGAEEGAGARGRVARFRYFEDIYGYSGVFICGPSPHWLLVTGRGA
LRLHPMAIDGPVDSFAPFHNVNCPRGFLYFNRQGELRISVLPAYLSYDAPWPVRKIPLRCTAHYVAYHVESKVYAVATST
NTPCARIPRMTGEEKEFETIERDERYIHPQQEAFSIQLISPVSWEAIPNARIELQEWEHVTCMKTVSLRSEETVSGLKGY
VAAGTCLMQGEEVTCRGRILIMDVIEVVPEPGQPLTKNKFKVLYEKEQKGPVTALCHCNGHLVSAIGQKIFLWSLRASEL
TGMAFIDTQLYIHQMISVKNFILAADVMKSISLLRYQEESKTLSLVSRDAKPLEVYSVDFMVDNAQLGFLVSDRDRNLMV
YMYLPEAKESFGGMRLLRRADFHVGAHVNTFWRTPCRGATEGLSKKSVVWENKHITWFATLDGGIGLLLPMQEKTYRRLL
MLQNALTTMLPHHAGLNPRAFRMLHVDRRTLQNAVRNVLDGELLNRYLYLSTMERSELAKKIGTTPDIILDDLLETDRVT
AHF
;
A
2 'polypeptide(L)'
;MGSSHHHHHHSSGLVMATEIGSPPRFFHMPRFQHQAPRQLFYKRPDFAQQQAMQQLTFDGKRMRKAVNRKTIDYNPSVIK
YLENRIWQRDQRDMRAIQPDAGYYNDLVPPIGMLNNPMNAVTTKFVRTSTNKVKCPVFVVRWTPEGRRLVTGASSGEFTL
WNGLTFNFETILQAHDSPVRAMTWSHNDMWMLTADHGGYVKYWQSNMNNVKMFQAHKEAIREASFSPTDNKFATCSDDGT
VRIWDFLRCHEERILRGHGADVKCVDWHPTKGLVVSGSKDSQQPIKFWDPKTGQSLATLHAHKNTVMEVKLNLNGNWLLT
ASRDHLCKLFDIRNLKEELQVFRGHKKEATAVAWHPVHEGLFASGGSDGSLLFWHVGVEKEVGGMEMAHEGMIWSLAWHP
LGHILCSGSNDHTSKFWTRNRPGDKMRDRYNLNLLPGMSEDGVEYDDLEPNSLAVIPGMGIPEQLKLAMEQEQMGKDESN
EIEMTIPGLDWGMEEVMQKDQKKVPQKKVPYAKPIPAQFQQAWMQNKVPIPAPNEVLNDRKEDIKLEEKKKTQAEIEQEM
ATLQYTNPQLLEQLKIERLAQKQVEQI
;
B
#
# COMPACT_ATOMS: atom_id res chain seq x y z
N MET A 1 -15.92 -11.28 -14.16
CA MET A 1 -16.18 -10.25 -15.15
C MET A 1 -16.62 -8.98 -14.48
N TYR A 2 -17.88 -8.95 -14.06
CA TYR A 2 -18.51 -7.75 -13.57
C TYR A 2 -18.49 -7.75 -12.05
N ALA A 3 -17.86 -6.74 -11.46
CA ALA A 3 -17.66 -6.72 -10.02
C ALA A 3 -17.72 -5.28 -9.52
N VAL A 4 -17.41 -5.11 -8.24
CA VAL A 4 -17.34 -3.81 -7.60
C VAL A 4 -16.32 -3.88 -6.47
N TYR A 5 -15.55 -2.81 -6.29
CA TYR A 5 -14.57 -2.78 -5.23
C TYR A 5 -14.98 -1.81 -4.14
N LYS A 6 -15.15 -2.33 -2.92
CA LYS A 6 -15.51 -1.50 -1.78
C LYS A 6 -14.40 -1.50 -0.74
N GLN A 7 -14.32 -0.43 0.04
CA GLN A 7 -13.29 -0.31 1.06
C GLN A 7 -13.95 -0.46 2.42
N ALA A 8 -13.54 -1.46 3.19
CA ALA A 8 -14.19 -1.74 4.46
C ALA A 8 -13.44 -1.05 5.58
N HIS A 9 -12.12 -0.98 5.46
CA HIS A 9 -11.29 -0.34 6.47
C HIS A 9 -10.55 0.83 5.83
N PRO A 10 -10.61 2.03 6.39
CA PRO A 10 -9.85 3.13 5.82
C PRO A 10 -8.37 2.94 6.10
N PRO A 11 -7.50 3.35 5.18
CA PRO A 11 -6.07 3.02 5.30
C PRO A 11 -5.40 3.85 6.37
N THR A 12 -4.65 3.17 7.24
CA THR A 12 -3.90 3.79 8.31
C THR A 12 -2.41 3.72 7.98
N GLY A 13 -1.62 4.44 8.74
CA GLY A 13 -0.21 4.53 8.39
C GLY A 13 0.11 5.83 7.67
N LEU A 14 0.80 6.70 8.37
CA LEU A 14 1.03 8.07 7.95
C LEU A 14 2.41 8.16 7.32
N GLU A 15 2.50 8.87 6.21
CA GLU A 15 3.79 9.02 5.55
C GLU A 15 4.34 10.44 5.70
N PHE A 16 3.46 11.43 5.71
CA PHE A 16 3.84 12.82 5.67
C PHE A 16 3.26 13.52 6.88
N SER A 17 3.91 14.60 7.30
CA SER A 17 3.45 15.35 8.45
C SER A 17 4.06 16.75 8.39
N MET A 18 3.30 17.72 8.89
CA MET A 18 3.79 19.08 9.01
C MET A 18 3.05 19.77 10.14
N TYR A 19 3.44 21.01 10.38
CA TYR A 19 2.89 21.81 11.46
C TYR A 19 2.65 23.21 10.93
N CYS A 20 1.43 23.46 10.48
CA CYS A 20 1.12 24.72 9.80
C CYS A 20 -0.27 25.16 10.23
N ASN A 21 -0.63 26.37 9.80
CA ASN A 21 -2.01 26.81 9.92
C ASN A 21 -2.88 26.00 8.98
N PHE A 22 -4.01 25.52 9.47
CA PHE A 22 -4.97 24.95 8.54
C PHE A 22 -6.28 25.69 8.67
N PHE A 23 -6.74 25.88 9.90
CA PHE A 23 -8.03 26.53 10.12
C PHE A 23 -7.88 28.04 10.11
N ASN A 24 -6.88 28.57 10.81
CA ASN A 24 -6.79 30.00 11.04
C ASN A 24 -5.35 30.33 11.40
N ASN A 25 -5.01 31.62 11.28
CA ASN A 25 -3.66 32.06 11.60
C ASN A 25 -3.37 32.05 13.10
N SER A 26 -4.41 32.04 13.93
CA SER A 26 -4.22 32.11 15.38
C SER A 26 -3.60 30.83 15.94
N GLU A 27 -4.28 29.70 15.81
CA GLU A 27 -3.75 28.45 16.31
C GLU A 27 -3.05 27.70 15.19
N ARG A 28 -2.36 26.63 15.55
CA ARG A 28 -1.60 25.81 14.62
C ARG A 28 -2.14 24.38 14.65
N ASN A 29 -1.90 23.64 13.57
CA ASN A 29 -2.45 22.30 13.46
C ASN A 29 -1.42 21.35 12.88
N LEU A 30 -1.39 20.14 13.41
CA LEU A 30 -0.64 19.03 12.86
C LEU A 30 -1.41 18.51 11.64
N VAL A 31 -0.78 18.58 10.47
CA VAL A 31 -1.39 18.12 9.24
C VAL A 31 -0.62 16.89 8.78
N VAL A 32 -1.20 15.71 8.94
CA VAL A 32 -0.55 14.48 8.53
C VAL A 32 -1.31 13.90 7.34
N ALA A 33 -0.60 13.13 6.52
CA ALA A 33 -1.15 12.60 5.29
C ALA A 33 -0.58 11.23 5.04
N GLY A 34 -1.43 10.30 4.68
CA GLY A 34 -1.01 8.95 4.35
C GLY A 34 -1.25 8.62 2.90
N THR A 35 -1.57 7.36 2.65
CA THR A 35 -1.97 6.93 1.32
C THR A 35 -3.37 7.49 1.04
N SER A 36 -3.41 8.60 0.29
CA SER A 36 -4.64 9.15 -0.30
C SER A 36 -5.66 9.59 0.74
N GLN A 37 -5.16 10.10 1.86
CA GLN A 37 -6.07 10.50 2.93
C GLN A 37 -5.35 11.50 3.82
N LEU A 38 -6.04 12.61 4.11
CA LEU A 38 -5.45 13.72 4.83
C LEU A 38 -6.15 13.90 6.16
N TYR A 39 -5.36 14.09 7.22
CA TYR A 39 -5.86 14.24 8.58
C TYR A 39 -5.33 15.54 9.14
N VAL A 40 -6.15 16.26 9.89
CA VAL A 40 -5.75 17.50 10.54
C VAL A 40 -5.99 17.35 12.03
N TYR A 41 -4.94 17.53 12.82
CA TYR A 41 -4.96 17.30 14.26
C TYR A 41 -4.77 18.60 15.03
N ARG A 42 -5.63 18.82 16.02
CA ARG A 42 -5.39 19.82 17.04
C ARG A 42 -4.64 19.17 18.21
N LEU A 43 -4.58 19.88 19.33
CA LEU A 43 -3.88 19.36 20.49
C LEU A 43 -4.48 19.92 21.77
N ASN A 44 -5.05 19.04 22.58
CA ASN A 44 -5.65 19.43 23.85
C ASN A 44 -4.69 19.08 24.98
N ARG A 45 -4.90 19.72 26.11
CA ARG A 45 -4.06 19.48 27.28
C ARG A 45 -4.91 19.16 28.50
N ARG A 63 -2.01 15.07 30.69
CA ARG A 63 -1.79 14.34 29.45
C ARG A 63 -2.25 15.13 28.25
N GLU A 64 -1.56 14.93 27.12
CA GLU A 64 -1.92 15.61 25.88
C GLU A 64 -2.36 14.55 24.89
N LYS A 65 -3.49 14.77 24.24
CA LYS A 65 -4.00 13.80 23.30
C LYS A 65 -4.41 14.44 21.98
N LEU A 66 -3.64 14.16 20.94
CA LEU A 66 -3.92 14.68 19.61
C LEU A 66 -5.39 14.43 19.28
N GLU A 67 -6.14 15.51 19.07
CA GLU A 67 -7.56 15.43 18.75
C GLU A 67 -7.73 15.59 17.25
N LEU A 68 -8.54 14.73 16.64
CA LEU A 68 -8.83 14.87 15.22
C LEU A 68 -9.79 16.02 15.01
N ALA A 69 -9.54 16.80 13.96
CA ALA A 69 -10.33 17.98 13.65
C ALA A 69 -11.02 17.86 12.29
N ALA A 70 -10.30 17.37 11.29
CA ALA A 70 -10.85 17.17 9.95
C ALA A 70 -10.12 16.01 9.31
N SER A 71 -10.87 15.13 8.66
CA SER A 71 -10.32 14.02 7.89
C SER A 71 -10.85 14.13 6.47
N PHE A 72 -9.97 13.97 5.50
CA PHE A 72 -10.25 14.23 4.09
C PHE A 72 -9.78 13.05 3.26
N SER A 73 -10.61 12.63 2.32
CA SER A 73 -10.34 11.43 1.53
C SER A 73 -10.03 11.86 0.11
N PHE A 74 -8.87 11.44 -0.39
CA PHE A 74 -8.41 11.82 -1.71
C PHE A 74 -8.48 10.65 -2.68
N PHE A 75 -8.64 11.00 -3.95
CA PHE A 75 -8.66 10.04 -5.05
C PHE A 75 -7.29 10.03 -5.71
N GLY A 76 -6.25 9.83 -4.91
CA GLY A 76 -4.90 9.77 -5.42
C GLY A 76 -3.98 9.22 -4.34
N ASN A 77 -2.68 9.25 -4.57
CA ASN A 77 -1.73 8.76 -3.58
C ASN A 77 -0.67 9.81 -3.34
N VAL A 78 -0.97 10.68 -2.38
CA VAL A 78 -0.13 11.82 -2.03
C VAL A 78 1.33 11.41 -2.09
N MET A 79 2.10 12.06 -2.95
CA MET A 79 3.51 11.73 -3.12
C MET A 79 4.45 12.74 -2.47
N SER A 80 3.98 13.95 -2.20
CA SER A 80 4.73 14.96 -1.45
C SER A 80 3.72 15.97 -0.92
N MET A 81 4.16 16.77 0.03
CA MET A 81 3.26 17.70 0.69
C MET A 81 4.07 18.81 1.33
N ALA A 82 3.64 20.05 1.08
CA ALA A 82 4.30 21.23 1.64
C ALA A 82 3.25 22.32 1.77
N SER A 83 3.57 23.34 2.58
CA SER A 83 2.64 24.41 2.86
C SER A 83 3.34 25.75 2.80
N VAL A 84 2.79 26.69 2.06
CA VAL A 84 3.32 28.04 1.97
C VAL A 84 2.17 29.03 2.07
N GLN A 85 2.34 30.05 2.90
CA GLN A 85 1.27 30.98 3.21
C GLN A 85 1.31 32.14 2.25
N LEU A 86 0.30 32.22 1.38
CA LEU A 86 0.20 33.31 0.42
C LEU A 86 -0.09 34.62 1.12
N ALA A 87 0.41 35.70 0.53
CA ALA A 87 0.20 37.02 1.12
C ALA A 87 -1.24 37.46 0.91
N GLY A 88 -1.83 38.03 1.96
CA GLY A 88 -3.21 38.45 1.95
C GLY A 88 -4.19 37.42 2.42
N ALA A 89 -3.84 36.14 2.34
CA ALA A 89 -4.75 35.08 2.77
C ALA A 89 -4.76 34.97 4.29
N LYS A 90 -5.90 34.52 4.83
CA LYS A 90 -6.08 34.38 6.26
C LYS A 90 -5.67 33.01 6.77
N ARG A 91 -5.22 32.12 5.90
CA ARG A 91 -4.88 30.75 6.25
C ARG A 91 -3.58 30.38 5.57
N ASP A 92 -3.26 29.09 5.59
CA ASP A 92 -2.05 28.56 4.99
C ASP A 92 -2.44 27.44 4.03
N ALA A 93 -2.06 27.59 2.77
CA ALA A 93 -2.42 26.64 1.73
C ALA A 93 -1.60 25.36 1.86
N LEU A 94 -1.96 24.35 1.08
CA LEU A 94 -1.21 23.10 1.05
C LEU A 94 -0.87 22.77 -0.39
N LEU A 95 0.26 22.13 -0.61
CA LEU A 95 0.76 21.82 -1.94
C LEU A 95 0.89 20.31 -2.07
N LEU A 96 -0.11 19.67 -2.66
CA LEU A 96 -0.24 18.23 -2.65
C LEU A 96 0.25 17.67 -3.98
N SER A 97 1.35 16.94 -3.95
CA SER A 97 1.94 16.36 -5.14
C SER A 97 1.41 14.94 -5.33
N PHE A 98 0.92 14.65 -6.53
CA PHE A 98 0.28 13.39 -6.83
C PHE A 98 1.06 12.62 -7.90
N LYS A 99 0.54 11.47 -8.29
CA LYS A 99 1.25 10.66 -9.27
C LYS A 99 1.16 11.17 -10.69
N ASP A 100 2.18 10.84 -11.48
CA ASP A 100 2.32 11.25 -12.87
C ASP A 100 2.27 12.77 -12.98
N ALA A 101 3.03 13.42 -12.09
CA ALA A 101 3.15 14.87 -12.03
C ALA A 101 1.87 15.70 -11.97
N LYS A 102 1.30 15.81 -10.79
CA LYS A 102 0.13 16.63 -10.52
C LYS A 102 0.38 17.43 -9.25
N LEU A 103 0.35 18.75 -9.36
CA LEU A 103 0.36 19.61 -8.18
C LEU A 103 -1.04 20.16 -7.98
N SER A 104 -1.43 20.35 -6.72
CA SER A 104 -2.77 20.80 -6.38
C SER A 104 -2.71 21.68 -5.14
N VAL A 105 -2.83 22.98 -5.31
CA VAL A 105 -2.86 23.91 -4.20
C VAL A 105 -4.29 23.98 -3.67
N VAL A 106 -4.48 23.55 -2.43
CA VAL A 106 -5.79 23.57 -1.79
C VAL A 106 -5.71 24.34 -0.48
N GLU A 107 -6.86 24.83 -0.05
CA GLU A 107 -7.00 25.48 1.25
C GLU A 107 -8.22 24.93 1.95
N TYR A 108 -8.20 25.03 3.28
CA TYR A 108 -9.41 24.85 4.07
C TYR A 108 -10.40 25.94 3.72
N ASP A 109 -11.68 25.60 3.74
CA ASP A 109 -12.72 26.58 3.51
C ASP A 109 -13.54 26.75 4.76
N PRO A 110 -13.86 27.95 5.18
CA PRO A 110 -14.97 28.13 6.12
C PRO A 110 -16.29 28.12 5.38
N GLY A 111 -17.40 28.35 6.06
CA GLY A 111 -18.66 28.26 5.36
C GLY A 111 -19.01 26.80 5.19
N THR A 112 -18.82 26.26 3.99
CA THR A 112 -18.73 24.82 3.86
C THR A 112 -17.43 24.37 4.51
N HIS A 113 -17.48 23.26 5.24
CA HIS A 113 -16.34 22.80 6.01
C HIS A 113 -15.38 21.96 5.16
N ASP A 114 -15.66 21.77 3.88
CA ASP A 114 -14.77 20.99 3.03
C ASP A 114 -13.54 21.82 2.70
N LEU A 115 -12.52 21.18 2.16
CA LEU A 115 -11.33 21.94 1.79
C LEU A 115 -11.40 22.33 0.31
N LYS A 116 -11.28 23.63 0.08
CA LYS A 116 -11.35 24.22 -1.26
C LYS A 116 -10.11 23.94 -2.09
N THR A 117 -10.25 24.04 -3.40
CA THR A 117 -9.14 23.79 -4.31
C THR A 117 -8.83 25.09 -5.06
N LEU A 118 -7.60 25.57 -4.93
CA LEU A 118 -7.25 26.83 -5.57
C LEU A 118 -6.70 26.63 -6.96
N SER A 119 -5.76 25.72 -7.12
CA SER A 119 -5.04 25.59 -8.38
C SER A 119 -4.81 24.12 -8.71
N LEU A 120 -4.79 23.85 -10.01
CA LEU A 120 -4.39 22.56 -10.54
C LEU A 120 -3.31 22.79 -11.58
N HIS A 121 -2.39 21.84 -11.70
CA HIS A 121 -1.32 21.94 -12.67
C HIS A 121 -1.03 20.56 -13.21
N TYR A 122 -1.53 20.27 -14.40
CA TYR A 122 -1.27 19.00 -15.08
C TYR A 122 0.05 19.14 -15.83
N PHE A 123 1.01 18.30 -15.47
CA PHE A 123 2.34 18.34 -16.04
C PHE A 123 2.73 17.05 -16.74
N GLU A 124 1.75 16.21 -17.07
CA GLU A 124 2.04 14.96 -17.77
C GLU A 124 2.10 15.19 -19.27
N GLU A 125 3.31 15.12 -19.82
CA GLU A 125 3.58 15.40 -21.22
C GLU A 125 4.54 14.33 -21.74
N PRO A 126 4.32 13.83 -22.96
CA PRO A 126 5.23 12.81 -23.48
C PRO A 126 6.62 13.33 -23.82
N GLU A 127 6.74 14.63 -24.09
CA GLU A 127 8.04 15.20 -24.45
C GLU A 127 8.85 15.62 -23.22
N LEU A 128 8.28 15.54 -22.02
CA LEU A 128 9.03 15.81 -20.81
C LEU A 128 9.75 14.57 -20.27
N ARG A 129 9.25 13.37 -20.54
CA ARG A 129 9.80 12.16 -19.96
C ARG A 129 11.10 11.70 -20.62
N ASP A 130 11.55 12.38 -21.68
CA ASP A 130 12.81 12.17 -22.39
C ASP A 130 12.87 10.76 -23.01
N GLY A 131 11.74 10.13 -23.30
CA GLY A 131 11.70 8.80 -23.84
C GLY A 131 11.59 7.70 -22.80
N PHE A 132 11.88 8.01 -21.54
CA PHE A 132 11.70 7.06 -20.45
C PHE A 132 10.22 6.79 -20.24
N VAL A 133 9.80 5.55 -20.45
CA VAL A 133 8.41 5.18 -20.21
C VAL A 133 8.20 4.88 -18.74
N GLN A 134 9.02 3.99 -18.19
CA GLN A 134 8.85 3.58 -16.80
C GLN A 134 9.31 4.68 -15.87
N ASN A 135 8.37 5.20 -15.07
CA ASN A 135 8.63 6.30 -14.15
C ASN A 135 9.12 5.71 -12.85
N VAL A 136 10.31 6.13 -12.43
CA VAL A 136 10.87 5.64 -11.18
C VAL A 136 10.80 6.73 -10.11
N HIS A 137 11.05 7.98 -10.49
CA HIS A 137 11.22 9.06 -9.53
C HIS A 137 9.87 9.63 -9.12
N THR A 138 9.74 9.96 -7.84
CA THR A 138 8.55 10.57 -7.26
C THR A 138 8.67 12.09 -7.29
N PRO A 139 7.57 12.80 -7.55
CA PRO A 139 7.63 14.26 -7.58
C PRO A 139 7.74 14.83 -6.17
N ARG A 140 8.56 15.88 -6.04
CA ARG A 140 8.94 16.44 -4.75
C ARG A 140 8.65 17.93 -4.75
N VAL A 141 7.87 18.38 -3.77
CA VAL A 141 7.53 19.79 -3.64
C VAL A 141 8.34 20.40 -2.52
N ARG A 142 8.96 21.56 -2.79
CA ARG A 142 9.64 22.34 -1.76
C ARG A 142 9.16 23.77 -1.84
N VAL A 143 9.09 24.45 -0.70
CA VAL A 143 8.69 25.84 -0.65
C VAL A 143 9.76 26.65 0.06
N ASP A 144 9.69 27.96 -0.08
CA ASP A 144 10.68 28.83 0.52
C ASP A 144 10.44 29.00 2.02
N PRO A 145 11.49 29.19 2.80
CA PRO A 145 11.30 29.61 4.19
C PRO A 145 10.72 31.01 4.28
N ASP A 146 11.12 31.90 3.37
CA ASP A 146 10.57 33.24 3.35
C ASP A 146 9.22 33.29 2.63
N GLY A 147 8.84 32.20 1.98
CA GLY A 147 7.55 32.14 1.32
C GLY A 147 7.48 32.89 0.01
N ARG A 148 8.57 32.91 -0.74
CA ARG A 148 8.58 33.66 -2.01
C ARG A 148 8.09 32.87 -3.20
N CYS A 149 8.63 31.66 -3.39
CA CYS A 149 8.20 30.83 -4.50
C CYS A 149 8.15 29.39 -4.02
N ALA A 150 7.72 28.50 -4.91
CA ALA A 150 7.62 27.08 -4.63
C ALA A 150 8.15 26.31 -5.82
N ALA A 151 8.65 25.10 -5.56
CA ALA A 151 9.33 24.35 -6.60
C ALA A 151 8.90 22.89 -6.56
N MET A 152 8.76 22.30 -7.74
CA MET A 152 8.48 20.87 -7.88
C MET A 152 9.49 20.24 -8.81
N LEU A 153 10.16 19.20 -8.35
CA LEU A 153 10.99 18.37 -9.23
C LEU A 153 10.11 17.36 -9.94
N VAL A 154 10.04 17.45 -11.26
CA VAL A 154 9.17 16.62 -12.07
C VAL A 154 10.02 15.60 -12.79
N TYR A 155 9.68 14.32 -12.64
CA TYR A 155 10.22 13.17 -13.37
C TYR A 155 11.70 12.93 -13.10
N GLY A 156 12.29 13.62 -12.14
CA GLY A 156 13.72 13.57 -11.93
C GLY A 156 14.52 14.51 -12.80
N THR A 157 13.90 15.12 -13.80
CA THR A 157 14.61 16.06 -14.65
C THR A 157 14.05 17.47 -14.51
N ARG A 158 12.76 17.64 -14.76
CA ARG A 158 12.21 18.99 -14.89
C ARG A 158 11.96 19.62 -13.52
N LEU A 159 12.27 20.90 -13.39
CA LEU A 159 11.92 21.71 -12.24
C LEU A 159 10.81 22.67 -12.61
N VAL A 160 9.71 22.62 -11.91
CA VAL A 160 8.63 23.59 -12.07
C VAL A 160 8.74 24.63 -10.97
N VAL A 161 8.78 25.90 -11.34
CA VAL A 161 8.86 26.99 -10.39
C VAL A 161 7.51 27.68 -10.34
N LEU A 162 6.95 27.80 -9.14
CA LEU A 162 5.69 28.51 -8.94
C LEU A 162 5.97 29.85 -8.28
N PRO A 163 5.88 30.95 -9.00
CA PRO A 163 6.05 32.27 -8.38
C PRO A 163 4.80 32.71 -7.66
N PHE A 164 4.98 33.59 -6.68
CA PHE A 164 3.88 34.09 -5.85
C PHE A 164 3.76 35.61 -5.95
N SER A 183 -5.81 37.37 -8.93
CA SER A 183 -5.58 36.22 -8.07
C SER A 183 -4.36 36.47 -7.18
N SER A 184 -3.82 35.39 -6.63
CA SER A 184 -2.62 35.44 -5.81
C SER A 184 -1.48 34.61 -6.37
N PHE A 185 -1.65 34.01 -7.54
CA PHE A 185 -0.66 33.14 -8.16
C PHE A 185 0.00 33.87 -9.32
N LEU A 186 1.03 33.23 -9.86
CA LEU A 186 1.73 33.67 -11.06
C LEU A 186 1.96 32.43 -11.91
N PRO A 187 1.97 32.56 -13.24
CA PRO A 187 2.10 31.36 -14.09
C PRO A 187 3.49 30.74 -13.99
N SER A 188 3.52 29.41 -13.99
CA SER A 188 4.74 28.66 -13.73
C SER A 188 5.63 28.65 -14.98
N TYR A 189 6.84 28.11 -14.80
CA TYR A 189 7.77 27.90 -15.89
C TYR A 189 8.65 26.72 -15.55
N ILE A 190 8.92 25.89 -16.55
CA ILE A 190 9.62 24.62 -16.36
C ILE A 190 11.09 24.83 -16.70
N ILE A 191 11.98 24.43 -15.80
CA ILE A 191 13.41 24.49 -16.02
C ILE A 191 13.90 23.12 -16.44
N ASP A 192 14.52 23.05 -17.61
CA ASP A 192 15.24 21.85 -18.02
C ASP A 192 16.57 21.84 -17.28
N VAL A 193 16.73 20.86 -16.40
CA VAL A 193 17.91 20.80 -15.53
C VAL A 193 19.15 20.40 -16.30
N ARG A 194 19.02 19.45 -17.24
CA ARG A 194 20.16 19.09 -18.08
C ARG A 194 20.54 20.20 -19.07
N ALA A 195 19.71 21.22 -19.23
CA ALA A 195 20.08 22.41 -19.99
C ALA A 195 20.75 23.48 -19.13
N LEU A 196 20.87 23.27 -17.82
CA LEU A 196 21.60 24.19 -16.96
C LEU A 196 23.08 23.86 -17.01
N ASP A 197 23.86 24.56 -16.18
CA ASP A 197 25.28 24.28 -16.09
C ASP A 197 25.52 22.99 -15.31
N GLU A 198 26.71 22.43 -15.50
CA GLU A 198 27.30 21.31 -14.78
C GLU A 198 26.61 19.95 -15.02
N LYS A 199 25.51 19.94 -15.79
CA LYS A 199 24.81 18.73 -16.25
C LYS A 199 24.39 17.83 -15.11
N LEU A 200 23.42 18.28 -14.31
CA LEU A 200 23.16 17.76 -12.97
C LEU A 200 22.77 16.28 -12.97
N LEU A 201 21.79 15.95 -13.81
CA LEU A 201 21.46 14.56 -14.16
C LEU A 201 20.85 13.66 -13.14
N ASN A 202 20.63 14.18 -11.96
CA ASN A 202 20.08 13.38 -10.88
C ASN A 202 19.56 14.29 -9.82
N ILE A 203 18.92 13.70 -8.85
CA ILE A 203 18.44 14.50 -7.73
C ILE A 203 18.24 13.76 -6.41
N ILE A 204 19.31 13.56 -5.64
CA ILE A 204 19.14 12.88 -4.36
C ILE A 204 18.25 13.69 -3.42
N ASP A 205 18.43 15.01 -3.39
CA ASP A 205 17.57 15.86 -2.59
C ASP A 205 17.77 17.32 -3.00
N LEU A 206 16.76 18.12 -2.73
CA LEU A 206 16.83 19.54 -3.03
C LEU A 206 16.04 20.32 -1.99
N GLN A 207 16.64 21.38 -1.47
CA GLN A 207 16.03 22.22 -0.46
C GLN A 207 16.26 23.68 -0.85
N PHE A 208 15.50 24.58 -0.25
CA PHE A 208 15.80 26.00 -0.31
C PHE A 208 16.60 26.39 0.92
N LEU A 209 17.56 27.28 0.74
CA LEU A 209 18.43 27.69 1.83
C LEU A 209 17.87 28.94 2.50
N HIS A 210 18.49 29.36 3.60
CA HIS A 210 18.06 30.52 4.35
C HIS A 210 19.00 31.69 4.07
N GLY A 211 18.66 32.86 4.61
CA GLY A 211 19.29 34.07 4.13
C GLY A 211 18.70 34.40 2.76
N TYR A 212 19.58 34.83 1.84
CA TYR A 212 19.36 34.68 0.40
C TYR A 212 18.11 35.35 -0.15
N TYR A 213 18.16 36.68 -0.29
CA TYR A 213 17.06 37.48 -0.85
C TYR A 213 16.48 36.92 -2.15
N GLU A 214 17.31 36.30 -3.00
CA GLU A 214 16.75 35.50 -4.07
C GLU A 214 16.53 34.07 -3.59
N PRO A 215 15.42 33.42 -3.95
CA PRO A 215 15.11 32.11 -3.39
C PRO A 215 16.04 31.01 -3.88
N THR A 216 17.20 30.91 -3.24
CA THR A 216 18.23 29.98 -3.66
C THR A 216 17.82 28.53 -3.42
N LEU A 217 17.89 27.73 -4.47
CA LEU A 217 17.58 26.31 -4.41
C LEU A 217 18.88 25.52 -4.42
N LEU A 218 19.12 24.75 -3.37
CA LEU A 218 20.24 23.82 -3.33
C LEU A 218 19.79 22.50 -3.94
N ILE A 219 20.69 21.78 -4.59
CA ILE A 219 20.38 20.51 -5.24
C ILE A 219 21.53 19.53 -4.98
N LEU A 220 21.23 18.42 -4.32
CA LEU A 220 22.14 17.29 -4.38
C LEU A 220 21.92 16.52 -5.68
N PHE A 221 23.03 16.07 -6.27
CA PHE A 221 22.97 15.27 -7.49
C PHE A 221 24.25 14.47 -7.61
N GLU A 222 24.28 13.59 -8.60
CA GLU A 222 25.48 12.84 -8.97
C GLU A 222 25.67 12.99 -10.47
N PRO A 223 26.70 13.70 -10.93
CA PRO A 223 26.94 13.76 -12.38
C PRO A 223 27.41 12.44 -12.95
N ASN A 224 28.19 11.68 -12.18
CA ASN A 224 28.62 10.34 -12.55
C ASN A 224 28.12 9.37 -11.49
N GLN A 225 26.96 8.76 -11.75
CA GLN A 225 26.32 7.94 -10.74
C GLN A 225 27.07 6.62 -10.56
N THR A 226 27.18 6.19 -9.31
CA THR A 226 28.03 5.06 -8.96
C THR A 226 27.25 4.11 -8.07
N TRP A 227 27.81 2.95 -7.74
CA TRP A 227 27.00 2.01 -6.95
C TRP A 227 27.68 1.29 -5.82
N PRO A 228 27.13 1.47 -4.63
CA PRO A 228 27.64 0.88 -3.39
C PRO A 228 27.85 -0.62 -3.54
N GLY A 229 29.12 -1.01 -3.52
CA GLY A 229 29.54 -2.32 -3.94
C GLY A 229 30.45 -2.29 -5.15
N ARG A 230 30.55 -1.14 -5.81
CA ARG A 230 31.51 -0.92 -6.87
C ARG A 230 32.23 0.38 -6.53
N VAL A 231 33.21 0.29 -5.62
CA VAL A 231 34.07 1.42 -5.30
C VAL A 231 35.48 0.90 -5.43
N ALA A 232 35.99 0.88 -6.66
CA ALA A 232 37.42 0.93 -6.93
C ALA A 232 37.59 1.81 -8.16
N VAL A 233 36.53 1.86 -8.98
CA VAL A 233 36.58 2.60 -10.23
C VAL A 233 35.90 3.95 -10.09
N ARG A 234 34.92 4.06 -9.20
CA ARG A 234 34.29 5.34 -8.88
C ARG A 234 34.30 5.48 -7.37
N GLN A 235 35.24 6.30 -6.88
CA GLN A 235 35.46 6.39 -5.43
C GLN A 235 34.35 7.18 -4.75
N ASP A 236 34.13 8.42 -5.19
CA ASP A 236 33.07 9.26 -4.64
C ASP A 236 32.63 10.29 -5.67
N THR A 237 31.33 10.40 -5.88
CA THR A 237 30.77 11.39 -6.80
C THR A 237 29.41 11.83 -6.28
N CYS A 238 29.39 12.92 -5.54
CA CYS A 238 28.17 13.68 -5.28
C CYS A 238 28.54 15.15 -5.32
N SER A 239 27.59 15.98 -5.72
CA SER A 239 27.91 17.38 -5.92
C SER A 239 26.73 18.21 -5.43
N ILE A 240 26.96 19.52 -5.34
CA ILE A 240 25.95 20.47 -4.90
C ILE A 240 26.02 21.70 -5.78
N VAL A 241 24.90 22.05 -6.39
CA VAL A 241 24.72 23.34 -7.08
C VAL A 241 23.64 24.10 -6.33
N ALA A 242 23.99 25.28 -5.83
CA ALA A 242 23.02 26.21 -5.27
C ALA A 242 22.63 27.19 -6.35
N ILE A 243 21.44 27.01 -6.93
CA ILE A 243 20.99 27.81 -8.06
C ILE A 243 20.19 28.97 -7.51
N SER A 244 20.35 30.15 -8.12
CA SER A 244 19.68 31.35 -7.65
C SER A 244 18.56 31.71 -8.61
N LEU A 245 17.33 31.68 -8.12
CA LEU A 245 16.16 31.82 -8.98
C LEU A 245 15.80 33.29 -9.11
N ASN A 246 15.79 33.79 -10.34
CA ASN A 246 15.19 35.08 -10.67
C ASN A 246 13.80 34.82 -11.20
N ILE A 247 12.80 35.36 -10.52
CA ILE A 247 11.41 35.19 -10.92
C ILE A 247 11.12 36.02 -12.16
N THR A 248 11.53 37.29 -12.12
CA THR A 248 11.20 38.21 -13.21
C THR A 248 12.07 37.95 -14.43
N GLN A 249 13.38 37.80 -14.24
CA GLN A 249 14.30 37.69 -15.34
C GLN A 249 14.38 36.29 -15.91
N LYS A 250 14.04 35.27 -15.11
CA LYS A 250 14.00 33.86 -15.49
C LYS A 250 15.37 33.36 -15.98
N VAL A 251 16.41 33.78 -15.26
CA VAL A 251 17.78 33.31 -15.48
C VAL A 251 18.26 32.66 -14.19
N HIS A 252 19.22 31.74 -14.33
CA HIS A 252 19.57 30.81 -13.26
C HIS A 252 21.08 30.69 -13.14
N PRO A 253 21.72 31.58 -12.37
CA PRO A 253 23.17 31.49 -12.20
C PRO A 253 23.56 30.48 -11.13
N VAL A 254 24.54 29.64 -11.47
CA VAL A 254 25.09 28.65 -10.55
C VAL A 254 26.13 29.34 -9.66
N ILE A 255 25.94 29.25 -8.35
CA ILE A 255 26.94 29.67 -7.39
C ILE A 255 27.20 28.51 -6.44
N TRP A 256 28.44 28.45 -5.93
CA TRP A 256 28.87 27.56 -4.84
C TRP A 256 28.69 26.09 -5.23
N SER A 257 29.53 25.66 -6.15
CA SER A 257 29.67 24.24 -6.51
C SER A 257 30.75 23.57 -5.67
N LEU A 258 30.55 22.28 -5.39
CA LEU A 258 31.44 21.56 -4.48
C LEU A 258 32.18 20.37 -5.09
N THR A 259 31.44 19.44 -5.70
CA THR A 259 31.87 18.38 -6.62
C THR A 259 32.59 17.20 -5.93
N SER A 260 33.02 17.33 -4.68
CA SER A 260 33.89 16.29 -4.10
C SER A 260 33.25 15.49 -2.96
N LEU A 261 31.93 15.49 -2.82
CA LEU A 261 31.25 14.86 -1.70
C LEU A 261 31.36 13.33 -1.77
N PRO A 262 31.10 12.60 -0.66
CA PRO A 262 31.16 11.13 -0.71
C PRO A 262 30.12 10.52 -1.63
N PHE A 263 30.30 9.23 -1.94
CA PHE A 263 29.50 8.59 -2.97
C PHE A 263 28.06 8.35 -2.55
N ASP A 264 27.83 8.09 -1.26
CA ASP A 264 26.51 7.72 -0.77
C ASP A 264 25.97 8.83 0.13
N CYS A 265 25.31 9.80 -0.46
CA CYS A 265 24.67 10.88 0.29
C CYS A 265 23.18 10.69 0.21
N THR A 266 22.53 10.62 1.37
CA THR A 266 21.08 10.73 1.47
C THR A 266 20.74 12.20 1.70
N GLN A 267 19.52 12.45 2.19
CA GLN A 267 18.87 13.76 2.21
C GLN A 267 19.71 14.89 2.81
N ALA A 268 19.49 16.10 2.31
CA ALA A 268 20.14 17.31 2.77
C ALA A 268 19.16 18.15 3.58
N LEU A 269 19.68 18.85 4.58
CA LEU A 269 18.84 19.64 5.47
C LEU A 269 19.35 21.08 5.54
N ALA A 270 18.46 22.01 5.27
CA ALA A 270 18.77 23.42 5.29
C ALA A 270 18.91 23.89 6.73
N VAL A 271 20.10 24.37 7.08
CA VAL A 271 20.34 24.91 8.43
C VAL A 271 19.63 26.25 8.55
N PRO A 272 18.94 26.54 9.67
CA PRO A 272 18.14 27.77 9.75
C PRO A 272 18.93 29.07 9.80
N LYS A 273 18.18 30.16 10.00
CA LYS A 273 18.64 31.50 9.61
C LYS A 273 19.84 32.07 10.37
N PRO A 274 19.97 31.98 11.72
CA PRO A 274 21.13 32.65 12.34
C PRO A 274 22.48 32.00 12.08
N ILE A 275 22.51 30.77 11.58
CA ILE A 275 23.76 30.12 11.18
C ILE A 275 23.87 30.00 9.67
N GLY A 276 22.85 29.46 9.02
CA GLY A 276 22.88 29.27 7.59
C GLY A 276 23.68 28.06 7.18
N GLY A 277 23.67 27.79 5.87
CA GLY A 277 24.38 26.64 5.36
C GLY A 277 23.48 25.43 5.22
N VAL A 278 24.09 24.25 5.21
CA VAL A 278 23.38 23.01 4.97
C VAL A 278 24.16 21.87 5.63
N VAL A 279 23.44 20.93 6.21
CA VAL A 279 24.01 19.66 6.65
C VAL A 279 23.58 18.59 5.66
N VAL A 280 24.52 17.75 5.26
CA VAL A 280 24.27 16.71 4.26
C VAL A 280 24.52 15.37 4.92
N PHE A 281 23.44 14.62 5.16
CA PHE A 281 23.53 13.28 5.71
C PHE A 281 24.13 12.38 4.65
N ALA A 282 25.27 11.77 4.97
CA ALA A 282 25.71 10.64 4.19
C ALA A 282 25.41 9.37 4.98
N VAL A 283 25.61 8.22 4.36
CA VAL A 283 25.37 6.95 5.01
C VAL A 283 26.35 6.73 6.15
N ASN A 284 27.63 6.99 5.91
CA ASN A 284 28.67 6.77 6.90
C ASN A 284 29.20 8.06 7.49
N SER A 285 29.16 9.16 6.76
CA SER A 285 29.71 10.40 7.26
C SER A 285 28.64 11.46 7.46
N LEU A 286 29.06 12.60 8.00
CA LEU A 286 28.17 13.73 8.23
C LEU A 286 28.92 15.02 7.96
N LEU A 287 28.34 15.84 7.09
CA LEU A 287 29.00 17.03 6.56
C LEU A 287 28.21 18.28 6.92
N TYR A 288 28.93 19.37 7.11
CA TYR A 288 28.35 20.71 7.14
C TYR A 288 28.99 21.52 6.04
N LEU A 289 28.16 22.20 5.25
CA LEU A 289 28.62 22.88 4.04
C LEU A 289 28.08 24.30 4.03
N ASN A 290 28.94 25.25 3.66
CA ASN A 290 28.59 26.66 3.65
C ASN A 290 29.36 27.30 2.51
N GLN A 291 28.89 28.47 2.04
CA GLN A 291 29.47 29.00 0.80
C GLN A 291 30.78 29.75 1.05
N SER A 292 31.04 30.16 2.28
CA SER A 292 32.27 30.88 2.60
C SER A 292 33.18 30.05 3.50
N VAL A 293 32.61 29.29 4.42
CA VAL A 293 33.35 28.43 5.35
C VAL A 293 33.93 27.27 4.55
N PRO A 294 35.15 26.82 4.86
CA PRO A 294 35.65 25.57 4.27
C PRO A 294 34.82 24.38 4.70
N PRO A 295 34.76 23.32 3.89
CA PRO A 295 33.90 22.18 4.21
C PRO A 295 34.34 21.42 5.46
N TYR A 296 33.43 21.31 6.42
CA TYR A 296 33.66 20.54 7.63
C TYR A 296 32.81 19.28 7.58
N GLY A 297 33.45 18.12 7.67
CA GLY A 297 32.73 16.86 7.65
C GLY A 297 33.45 15.82 8.46
N VAL A 298 32.66 15.05 9.21
CA VAL A 298 33.19 14.01 10.08
C VAL A 298 32.60 12.67 9.66
N ALA A 299 33.33 11.60 9.94
CA ALA A 299 32.79 10.27 9.78
C ALA A 299 32.11 9.84 11.08
N LEU A 300 31.29 8.80 10.97
CA LEU A 300 30.51 8.41 12.13
C LEU A 300 30.84 7.00 12.58
N ASN A 301 30.88 6.07 11.64
CA ASN A 301 31.26 4.70 11.90
C ASN A 301 32.45 4.45 11.01
N SER A 302 33.43 3.68 11.46
CA SER A 302 34.62 3.43 10.64
C SER A 302 34.38 2.58 9.40
N LEU A 303 33.80 3.17 8.37
CA LEU A 303 33.54 2.47 7.14
C LEU A 303 34.06 3.31 5.99
N THR A 304 34.59 4.47 6.34
CA THR A 304 35.17 5.35 5.35
C THR A 304 36.67 5.09 5.15
N THR A 305 37.13 3.86 5.32
CA THR A 305 38.56 3.59 5.19
C THR A 305 39.00 3.62 3.73
N GLY A 306 38.44 2.75 2.91
CA GLY A 306 38.90 2.63 1.54
C GLY A 306 37.90 3.08 0.50
N THR A 307 36.82 3.74 0.95
CA THR A 307 35.72 4.10 0.05
C THR A 307 35.70 5.60 -0.21
N THR A 308 35.88 6.43 0.80
CA THR A 308 35.72 7.87 0.65
C THR A 308 37.06 8.58 0.82
N ALA A 309 37.43 9.39 -0.17
CA ALA A 309 38.64 10.20 -0.12
C ALA A 309 38.37 11.64 0.28
N PHE A 310 37.13 11.97 0.64
CA PHE A 310 36.82 13.30 1.16
C PHE A 310 37.49 13.46 2.51
N PRO A 311 38.03 14.64 2.82
CA PRO A 311 38.71 14.81 4.12
C PRO A 311 37.73 14.80 5.28
N LEU A 312 37.75 13.70 6.03
CA LEU A 312 36.80 13.45 7.10
C LEU A 312 37.53 13.25 8.41
N ARG A 313 36.98 13.83 9.47
CA ARG A 313 37.50 13.62 10.81
C ARG A 313 36.90 12.33 11.39
N THR A 314 37.06 12.18 12.71
CA THR A 314 36.48 11.05 13.43
C THR A 314 35.66 11.62 14.58
N GLN A 315 34.34 11.51 14.48
CA GLN A 315 33.47 11.95 15.55
C GLN A 315 33.58 11.00 16.73
N GLU A 316 34.04 11.53 17.86
CA GLU A 316 34.20 10.70 19.05
C GLU A 316 32.84 10.43 19.69
N GLY A 317 32.75 9.26 20.32
CA GLY A 317 31.55 8.84 21.01
C GLY A 317 30.52 8.25 20.08
N VAL A 318 30.12 9.05 19.10
CA VAL A 318 29.13 8.61 18.13
C VAL A 318 29.59 7.39 17.36
N ARG A 319 28.64 6.51 17.07
CA ARG A 319 28.87 5.29 16.30
C ARG A 319 27.50 4.97 15.78
N ILE A 320 27.26 5.27 14.52
CA ILE A 320 25.94 5.07 13.93
C ILE A 320 25.95 5.34 12.43
N THR A 321 24.85 4.99 11.77
CA THR A 321 24.74 5.16 10.33
C THR A 321 23.46 5.92 10.01
N LEU A 322 23.56 6.83 9.05
CA LEU A 322 22.45 7.69 8.64
C LEU A 322 22.06 7.31 7.22
N ASP A 323 21.26 6.26 7.06
CA ASP A 323 20.91 5.83 5.72
C ASP A 323 19.41 5.98 5.46
N CYS A 324 18.60 5.65 6.45
CA CYS A 324 17.19 6.02 6.46
C CYS A 324 16.94 6.78 7.74
N ALA A 325 17.21 8.08 7.72
CA ALA A 325 17.08 8.91 8.90
C ALA A 325 16.15 10.06 8.57
N GLN A 326 15.34 10.44 9.54
CA GLN A 326 14.42 11.57 9.41
C GLN A 326 14.77 12.57 10.49
N ALA A 327 14.98 13.82 10.09
CA ALA A 327 15.47 14.80 11.05
C ALA A 327 14.85 16.16 10.78
N THR A 328 14.83 16.98 11.82
CA THR A 328 14.37 18.36 11.71
C THR A 328 15.07 19.17 12.79
N PHE A 329 14.92 20.48 12.71
CA PHE A 329 15.61 21.41 13.61
C PHE A 329 14.67 21.87 14.71
N ILE A 330 15.13 21.77 15.95
CA ILE A 330 14.68 22.64 17.03
C ILE A 330 15.34 23.99 16.72
N SER A 331 14.74 25.08 17.22
CA SER A 331 14.76 26.45 16.68
C SER A 331 16.01 26.90 15.93
N TYR A 332 17.16 26.69 16.57
CA TYR A 332 18.45 26.91 15.95
C TYR A 332 19.48 26.12 16.76
N ASP A 333 20.53 25.64 16.10
CA ASP A 333 21.66 24.91 16.70
C ASP A 333 21.39 23.58 17.43
N LYS A 334 20.27 22.94 17.11
CA LYS A 334 19.91 21.68 17.74
C LYS A 334 19.11 20.91 16.70
N MET A 335 19.46 19.66 16.47
CA MET A 335 18.78 18.87 15.44
C MET A 335 18.48 17.48 15.98
N VAL A 336 17.22 17.07 15.90
CA VAL A 336 16.78 15.78 16.40
C VAL A 336 16.70 14.80 15.24
N ILE A 337 17.44 13.70 15.35
CA ILE A 337 17.59 12.75 14.25
C ILE A 337 16.99 11.42 14.67
N SER A 338 16.00 10.95 13.92
CA SER A 338 15.44 9.62 14.13
C SER A 338 16.08 8.66 13.14
N LEU A 339 16.98 7.83 13.64
CA LEU A 339 17.68 6.89 12.79
C LEU A 339 16.78 5.72 12.40
N LYS A 340 17.35 4.78 11.65
CA LYS A 340 16.76 3.45 11.61
C LYS A 340 17.07 2.75 12.92
N GLY A 341 16.22 1.80 13.28
CA GLY A 341 16.24 1.24 14.61
C GLY A 341 15.47 2.06 15.62
N GLY A 342 14.92 3.20 15.21
CA GLY A 342 14.07 3.99 16.07
C GLY A 342 14.80 4.86 17.07
N GLU A 343 16.13 4.83 17.08
CA GLU A 343 16.89 5.57 18.07
C GLU A 343 16.93 7.05 17.72
N ILE A 344 16.90 7.88 18.75
CA ILE A 344 16.78 9.32 18.56
C ILE A 344 18.02 10.00 19.12
N TYR A 345 18.70 10.79 18.30
CA TYR A 345 19.85 11.56 18.75
C TYR A 345 19.54 13.04 18.64
N VAL A 346 20.26 13.85 19.42
CA VAL A 346 20.15 15.29 19.36
C VAL A 346 21.51 15.84 18.96
N LEU A 347 21.63 16.27 17.71
CA LEU A 347 22.88 16.85 17.23
C LEU A 347 22.91 18.34 17.55
N THR A 348 23.97 18.77 18.22
CA THR A 348 24.18 20.17 18.55
C THR A 348 25.29 20.71 17.67
N LEU A 349 24.99 21.75 16.90
CA LEU A 349 26.00 22.40 16.09
C LEU A 349 26.81 23.34 16.97
N ILE A 350 28.05 22.96 17.27
CA ILE A 350 28.90 23.77 18.12
C ILE A 350 29.34 25.01 17.33
N THR A 351 28.87 26.17 17.76
CA THR A 351 29.04 27.41 17.02
C THR A 351 30.10 28.27 17.70
N ASP A 352 31.03 28.79 16.91
CA ASP A 352 32.04 29.70 17.42
C ASP A 352 31.51 31.14 17.36
N GLY A 353 32.40 32.11 17.54
CA GLY A 353 32.00 33.50 17.48
C GLY A 353 31.72 34.02 16.08
N MET A 354 32.25 33.37 15.05
CA MET A 354 32.07 33.79 13.67
C MET A 354 30.77 33.27 13.07
N ARG A 355 29.87 32.70 13.88
CA ARG A 355 28.68 31.96 13.43
C ARG A 355 29.05 30.86 12.43
N SER A 356 30.16 30.20 12.69
CA SER A 356 30.63 29.04 11.93
C SER A 356 30.41 27.79 12.78
N VAL A 357 30.92 26.66 12.30
CA VAL A 357 30.76 25.40 12.99
C VAL A 357 32.14 24.85 13.31
N ARG A 358 32.39 24.57 14.59
CA ARG A 358 33.65 23.95 14.98
C ARG A 358 33.57 22.43 14.89
N ALA A 359 32.61 21.83 15.59
CA ALA A 359 32.47 20.38 15.61
C ALA A 359 31.03 20.01 15.91
N PHE A 360 30.80 18.71 16.02
CA PHE A 360 29.47 18.15 16.26
C PHE A 360 29.45 17.42 17.59
N HIS A 361 28.27 17.41 18.21
CA HIS A 361 28.07 16.72 19.47
C HIS A 361 26.88 15.78 19.33
N PHE A 362 27.08 14.53 19.73
CA PHE A 362 26.02 13.53 19.64
C PHE A 362 25.73 12.90 21.00
N ASP A 363 24.45 12.72 21.32
CA ASP A 363 24.05 12.11 22.58
C ASP A 363 23.04 11.03 22.29
N LYS A 364 22.90 10.05 23.17
CA LYS A 364 21.95 8.99 22.88
C LYS A 364 20.71 9.16 23.75
N ALA A 365 19.64 9.67 23.16
CA ALA A 365 18.39 9.86 23.86
C ALA A 365 17.53 8.61 23.70
N ALA A 366 16.24 8.71 24.03
CA ALA A 366 15.38 7.54 24.09
C ALA A 366 15.04 7.01 22.69
N ALA A 367 14.85 5.70 22.60
CA ALA A 367 14.48 5.07 21.35
C ALA A 367 12.96 5.07 21.18
N SER A 368 12.51 4.99 19.94
CA SER A 368 11.09 5.19 19.63
C SER A 368 10.72 4.38 18.39
N VAL A 369 9.61 4.77 17.78
CA VAL A 369 9.03 4.06 16.65
C VAL A 369 9.88 4.28 15.40
N LEU A 370 9.94 3.28 14.52
CA LEU A 370 10.58 3.44 13.22
C LEU A 370 9.80 4.41 12.35
N THR A 371 10.30 5.64 12.25
CA THR A 371 9.54 6.75 11.71
C THR A 371 9.58 6.74 10.19
N THR A 372 8.61 7.41 9.58
CA THR A 372 8.69 7.86 8.21
C THR A 372 8.60 9.37 8.11
N SER A 373 8.52 10.07 9.24
CA SER A 373 8.45 11.52 9.26
C SER A 373 8.89 12.02 10.63
N MET A 374 8.98 13.35 10.76
CA MET A 374 9.50 14.00 11.95
C MET A 374 9.12 15.48 11.89
N VAL A 375 8.46 15.98 12.92
CA VAL A 375 7.96 17.37 12.97
C VAL A 375 8.07 17.91 14.39
N THR A 376 8.66 19.11 14.53
CA THR A 376 8.54 19.86 15.77
C THR A 376 7.22 20.60 15.83
N MET A 377 6.58 20.54 16.99
CA MET A 377 5.32 21.21 17.25
C MET A 377 5.57 22.19 18.39
N GLU A 378 5.40 23.47 18.12
CA GLU A 378 5.63 24.52 19.13
C GLU A 378 6.98 24.35 19.82
N PRO A 379 6.96 24.34 21.15
CA PRO A 379 8.18 24.18 21.93
C PRO A 379 8.09 22.98 22.85
N GLY A 380 8.77 21.90 22.53
CA GLY A 380 8.77 20.75 23.40
C GLY A 380 7.94 19.56 22.95
N TYR A 381 7.23 19.69 21.83
CA TYR A 381 6.44 18.58 21.34
C TYR A 381 6.87 18.14 19.96
N LEU A 382 7.17 16.86 19.85
CA LEU A 382 7.59 16.23 18.60
C LEU A 382 6.58 15.20 18.15
N PHE A 383 6.30 15.15 16.85
CA PHE A 383 5.46 14.10 16.28
C PHE A 383 6.34 13.19 15.45
N LEU A 384 6.02 11.90 15.44
CA LEU A 384 6.82 10.89 14.75
C LEU A 384 5.92 10.06 13.85
N GLY A 385 5.65 10.56 12.65
CA GLY A 385 4.79 9.85 11.72
C GLY A 385 5.45 8.60 11.17
N SER A 386 4.73 7.48 11.26
CA SER A 386 5.31 6.22 10.87
C SER A 386 4.26 5.37 10.18
N ARG A 387 4.65 4.79 9.03
CA ARG A 387 3.85 3.76 8.38
C ARG A 387 3.76 2.52 9.25
N LEU A 388 4.90 1.95 9.59
CA LEU A 388 4.94 0.74 10.37
C LEU A 388 5.19 1.08 11.85
N GLY A 389 4.24 0.69 12.69
CA GLY A 389 4.24 1.13 14.06
C GLY A 389 3.28 2.28 14.30
N ASN A 390 3.03 2.54 15.57
CA ASN A 390 2.10 3.59 15.98
C ASN A 390 2.82 4.93 15.94
N SER A 391 2.29 5.86 15.16
CA SER A 391 2.86 7.20 15.13
C SER A 391 2.44 7.98 16.36
N LEU A 392 3.41 8.55 17.09
CA LEU A 392 3.12 9.09 18.41
C LEU A 392 3.70 10.50 18.58
N LEU A 393 3.38 11.06 19.75
CA LEU A 393 3.73 12.42 20.15
C LEU A 393 4.72 12.35 21.30
N LEU A 394 5.83 13.08 21.18
CA LEU A 394 6.84 13.12 22.22
C LEU A 394 6.84 14.45 22.94
N LYS A 395 7.43 14.45 24.13
CA LYS A 395 7.67 15.66 24.91
C LYS A 395 9.10 15.63 25.40
N TYR A 396 9.83 16.73 25.20
CA TYR A 396 11.23 16.81 25.60
C TYR A 396 11.47 18.05 26.44
N THR A 397 12.25 17.90 27.51
CA THR A 397 12.73 19.00 28.32
C THR A 397 14.25 18.84 28.48
N GLU A 398 14.89 19.91 28.92
CA GLU A 398 16.32 19.88 29.17
C GLU A 398 16.60 19.06 30.43
N LYS A 399 17.85 18.67 30.59
CA LYS A 399 18.24 17.81 31.69
C LYS A 399 19.65 18.10 32.16
N ALA A 459 21.04 21.28 27.34
CA ALA A 459 21.84 20.67 26.29
C ALA A 459 21.44 19.20 26.07
N THR A 460 21.25 18.49 27.17
CA THR A 460 20.87 17.08 27.15
C THR A 460 19.38 16.97 27.37
N TYR A 461 18.70 16.17 26.56
CA TYR A 461 17.25 16.07 26.57
C TYR A 461 16.79 14.69 27.03
N SER A 462 15.57 14.65 27.56
CA SER A 462 14.90 13.41 27.95
C SER A 462 13.49 13.41 27.38
N PHE A 463 12.96 12.22 27.10
CA PHE A 463 11.75 12.08 26.31
C PHE A 463 10.61 11.47 27.13
N GLU A 464 9.42 12.02 26.92
CA GLU A 464 8.19 11.49 27.50
C GLU A 464 7.22 11.25 26.36
N VAL A 465 6.51 10.12 26.44
CA VAL A 465 5.65 9.70 25.33
C VAL A 465 4.21 10.05 25.67
N CYS A 466 3.59 10.86 24.83
CA CYS A 466 2.18 11.18 24.95
C CYS A 466 1.37 10.14 24.18
N ASP A 467 0.09 10.43 23.93
CA ASP A 467 -0.81 9.45 23.35
C ASP A 467 -0.48 9.17 21.89
N SER A 468 -0.37 7.89 21.56
CA SER A 468 -0.01 7.41 20.23
C SER A 468 -1.25 7.30 19.36
N ILE A 469 -1.03 7.08 18.08
CA ILE A 469 -2.10 6.89 17.09
C ILE A 469 -2.03 5.46 16.62
N LEU A 470 -3.13 4.73 16.78
CA LEU A 470 -3.15 3.30 16.50
C LEU A 470 -3.04 3.05 15.01
N ASN A 471 -2.25 2.05 14.64
CA ASN A 471 -1.85 1.82 13.27
C ASN A 471 -1.86 0.33 12.98
N ILE A 472 -2.59 -0.05 11.94
CA ILE A 472 -2.44 -1.36 11.34
C ILE A 472 -1.41 -1.20 10.22
N GLY A 473 -0.26 -1.83 10.40
CA GLY A 473 0.87 -1.56 9.55
C GLY A 473 0.81 -2.24 8.20
N PRO A 474 1.98 -2.54 7.64
CA PRO A 474 2.04 -3.23 6.34
C PRO A 474 1.61 -4.67 6.45
N CYS A 475 0.32 -4.91 6.23
CA CYS A 475 -0.31 -6.22 6.43
C CYS A 475 0.30 -7.26 5.51
N ALA A 476 1.16 -8.10 6.05
CA ALA A 476 1.99 -8.98 5.23
C ALA A 476 1.28 -10.29 4.91
N ASN A 477 0.70 -10.93 5.91
CA ASN A 477 -0.14 -12.09 5.71
C ASN A 477 -1.16 -12.07 6.85
N ALA A 478 -2.39 -12.45 6.52
CA ALA A 478 -3.44 -12.41 7.52
C ALA A 478 -4.35 -13.61 7.33
N ALA A 479 -4.84 -14.14 8.44
CA ALA A 479 -5.60 -15.38 8.44
C ALA A 479 -6.92 -15.16 9.16
N VAL A 480 -7.95 -15.85 8.67
CA VAL A 480 -9.31 -15.73 9.17
C VAL A 480 -9.52 -16.82 10.21
N GLY A 481 -9.80 -16.40 11.45
CA GLY A 481 -10.01 -17.33 12.55
C GLY A 481 -11.35 -17.13 13.22
N GLU A 482 -11.58 -17.91 14.26
CA GLU A 482 -12.85 -17.91 14.96
C GLU A 482 -12.64 -17.36 16.36
N PRO A 483 -13.52 -16.49 16.89
CA PRO A 483 -13.35 -16.02 18.27
C PRO A 483 -13.67 -17.12 19.27
N ALA A 484 -13.24 -16.89 20.51
CA ALA A 484 -13.32 -17.91 21.55
C ALA A 484 -14.55 -17.76 22.43
N PHE A 485 -14.76 -16.58 23.00
CA PHE A 485 -15.73 -16.44 24.10
C PHE A 485 -17.09 -15.90 23.66
N LEU A 486 -17.57 -16.29 22.49
CA LEU A 486 -18.94 -15.94 22.11
C LEU A 486 -19.92 -16.70 23.00
N SER A 487 -20.93 -15.98 23.49
CA SER A 487 -21.80 -16.48 24.55
C SER A 487 -22.76 -17.54 24.01
N GLU A 488 -23.31 -18.33 24.93
CA GLU A 488 -24.15 -19.46 24.56
C GLU A 488 -25.54 -19.03 24.13
N GLU A 489 -25.92 -17.78 24.43
CA GLU A 489 -27.20 -17.26 23.96
C GLU A 489 -27.18 -17.03 22.45
N PHE A 490 -26.02 -16.77 21.88
CA PHE A 490 -25.88 -16.42 20.47
C PHE A 490 -25.37 -17.58 19.63
N GLN A 491 -25.28 -18.77 20.22
CA GLN A 491 -24.61 -19.89 19.56
C GLN A 491 -25.42 -20.45 18.39
N ASN A 492 -26.74 -20.25 18.39
CA ASN A 492 -27.60 -20.78 17.34
C ASN A 492 -27.82 -19.81 16.19
N SER A 493 -26.87 -18.91 15.95
CA SER A 493 -26.98 -18.02 14.80
C SER A 493 -26.60 -18.78 13.53
N PRO A 494 -27.28 -18.53 12.40
CA PRO A 494 -26.99 -19.34 11.20
C PRO A 494 -25.70 -18.94 10.49
N GLU A 495 -25.27 -17.68 10.60
CA GLU A 495 -24.09 -17.30 9.85
C GLU A 495 -22.83 -17.76 10.59
N PRO A 496 -21.71 -17.93 9.88
CA PRO A 496 -20.44 -18.17 10.56
C PRO A 496 -20.01 -16.96 11.37
N ASP A 497 -19.31 -17.21 12.46
CA ASP A 497 -18.87 -16.16 13.38
C ASP A 497 -17.35 -16.18 13.44
N LEU A 498 -16.73 -15.17 12.86
CA LEU A 498 -15.30 -15.24 12.60
C LEU A 498 -14.69 -13.85 12.52
N GLU A 499 -13.41 -13.76 12.88
CA GLU A 499 -12.65 -12.53 12.90
C GLU A 499 -11.24 -12.78 12.39
N ILE A 500 -10.59 -11.72 11.91
CA ILE A 500 -9.33 -11.85 11.18
C ILE A 500 -8.16 -11.47 12.10
N VAL A 501 -7.00 -12.05 11.81
CA VAL A 501 -5.77 -11.81 12.56
C VAL A 501 -4.68 -11.42 11.58
N VAL A 502 -4.12 -10.22 11.77
CA VAL A 502 -3.30 -9.56 10.77
C VAL A 502 -1.89 -9.40 11.29
N CYS A 503 -0.91 -9.88 10.54
CA CYS A 503 0.48 -9.56 10.81
C CYS A 503 0.77 -8.14 10.36
N SER A 504 0.91 -7.22 11.31
CA SER A 504 1.08 -5.81 10.99
C SER A 504 2.45 -5.35 11.47
N GLY A 505 2.89 -4.21 10.97
CA GLY A 505 4.13 -3.61 11.42
C GLY A 505 5.38 -4.33 10.95
N HIS A 506 6.52 -3.86 11.43
CA HIS A 506 7.81 -4.44 11.08
C HIS A 506 8.83 -4.08 12.16
N GLY A 507 9.70 -5.04 12.46
CA GLY A 507 10.86 -4.74 13.27
C GLY A 507 10.51 -4.74 14.74
N LYS A 508 10.95 -3.69 15.44
CA LYS A 508 10.62 -3.55 16.85
C LYS A 508 9.15 -3.25 17.06
N ASN A 509 8.48 -2.73 16.04
CA ASN A 509 7.06 -2.45 16.08
C ASN A 509 6.23 -3.57 15.48
N GLY A 510 6.82 -4.73 15.23
CA GLY A 510 6.11 -5.87 14.69
C GLY A 510 5.08 -6.40 15.66
N ALA A 511 3.91 -6.76 15.14
CA ALA A 511 2.78 -7.05 16.00
C ALA A 511 1.80 -7.95 15.22
N LEU A 512 0.88 -8.57 15.96
CA LEU A 512 -0.31 -9.17 15.38
C LEU A 512 -1.47 -8.22 15.64
N SER A 513 -2.38 -8.14 14.69
CA SER A 513 -3.56 -7.28 14.83
C SER A 513 -4.81 -8.14 14.71
N VAL A 514 -5.61 -8.16 15.78
CA VAL A 514 -6.85 -8.94 15.81
C VAL A 514 -7.99 -7.99 15.48
N LEU A 515 -8.37 -7.94 14.21
CA LEU A 515 -9.41 -7.03 13.74
C LEU A 515 -10.76 -7.73 13.74
N GLN A 516 -11.83 -6.94 13.78
CA GLN A 516 -13.19 -7.45 13.84
C GLN A 516 -14.13 -6.32 13.49
N LYS A 517 -15.20 -6.62 12.76
CA LYS A 517 -16.39 -5.81 12.58
C LYS A 517 -17.29 -6.00 13.82
N SER A 518 -18.61 -5.89 13.63
CA SER A 518 -19.69 -5.70 14.61
C SER A 518 -19.56 -6.35 15.98
N ILE A 519 -19.94 -5.59 17.00
CA ILE A 519 -19.67 -5.90 18.40
C ILE A 519 -20.49 -7.10 18.84
N ARG A 520 -19.82 -8.10 19.41
CA ARG A 520 -20.44 -9.29 19.95
C ARG A 520 -20.50 -9.14 21.46
N PRO A 521 -21.67 -8.84 22.02
CA PRO A 521 -21.75 -8.59 23.46
C PRO A 521 -21.69 -9.86 24.27
N GLN A 522 -21.16 -9.73 25.49
CA GLN A 522 -21.23 -10.80 26.47
C GLN A 522 -22.53 -10.68 27.24
N VAL A 523 -23.39 -11.68 27.12
CA VAL A 523 -24.65 -11.71 27.84
C VAL A 523 -24.45 -12.50 29.13
N VAL A 524 -24.65 -11.83 30.27
CA VAL A 524 -24.39 -12.46 31.56
C VAL A 524 -25.67 -13.01 32.16
N THR A 525 -26.81 -12.40 31.84
CA THR A 525 -28.11 -12.81 32.37
C THR A 525 -29.17 -12.43 31.37
N THR A 526 -30.02 -13.38 31.00
CA THR A 526 -31.11 -13.09 30.09
C THR A 526 -32.47 -13.30 30.75
N PHE A 527 -33.50 -12.74 30.15
CA PHE A 527 -34.87 -12.94 30.61
C PHE A 527 -35.77 -13.10 29.40
N GLU A 528 -37.07 -13.25 29.67
CA GLU A 528 -38.12 -13.19 28.65
C GLU A 528 -39.26 -12.37 29.24
N LEU A 529 -39.44 -11.16 28.74
CA LEU A 529 -40.49 -10.25 29.24
C LEU A 529 -41.35 -9.81 28.06
N PRO A 530 -42.43 -10.54 27.80
CA PRO A 530 -43.27 -10.22 26.64
C PRO A 530 -44.19 -9.04 26.91
N GLY A 531 -44.58 -8.38 25.82
CA GLY A 531 -45.58 -7.33 25.86
C GLY A 531 -45.04 -5.95 26.14
N CYS A 532 -43.85 -5.84 26.71
CA CYS A 532 -43.23 -4.55 26.99
C CYS A 532 -42.19 -4.25 25.93
N TYR A 533 -42.20 -3.01 25.44
CA TYR A 533 -41.38 -2.63 24.29
C TYR A 533 -40.41 -1.49 24.61
N ASP A 534 -40.85 -0.49 25.38
CA ASP A 534 -39.93 0.56 25.80
C ASP A 534 -39.25 0.19 27.11
N MET A 535 -38.16 0.90 27.41
CA MET A 535 -37.39 0.62 28.60
C MET A 535 -36.59 1.85 29.00
N TRP A 536 -36.34 1.97 30.30
CA TRP A 536 -35.54 3.05 30.84
C TRP A 536 -34.80 2.56 32.08
N THR A 537 -33.61 3.09 32.29
CA THR A 537 -32.86 2.87 33.53
C THR A 537 -32.55 4.24 34.12
N VAL A 538 -32.99 4.47 35.35
CA VAL A 538 -32.69 5.70 36.06
C VAL A 538 -31.84 5.38 37.27
N ILE A 539 -31.21 6.41 37.82
CA ILE A 539 -30.32 6.25 38.96
C ILE A 539 -31.02 6.72 40.21
N ALA A 540 -31.10 5.85 41.22
CA ALA A 540 -31.68 6.20 42.51
C ALA A 540 -30.62 6.02 43.59
N PRO A 541 -30.52 6.94 44.56
CA PRO A 541 -29.55 6.81 45.64
C PRO A 541 -29.97 5.80 46.69
N ARG A 570 -24.93 6.72 41.24
CA ARG A 570 -23.88 6.05 40.50
C ARG A 570 -24.41 4.79 39.81
N ARG A 571 -24.92 3.86 40.62
CA ARG A 571 -25.49 2.61 40.12
C ARG A 571 -26.94 2.85 39.75
N HIS A 572 -27.40 2.16 38.72
CA HIS A 572 -28.77 2.32 38.25
C HIS A 572 -29.73 1.59 39.19
N GLY A 573 -30.76 2.29 39.63
CA GLY A 573 -31.68 1.74 40.61
C GLY A 573 -32.89 1.06 40.02
N PHE A 574 -33.55 1.73 39.07
CA PHE A 574 -34.87 1.30 38.62
C PHE A 574 -34.85 1.00 37.13
N LEU A 575 -35.39 -0.15 36.75
CA LEU A 575 -35.64 -0.51 35.37
C LEU A 575 -37.13 -0.38 35.09
N ILE A 576 -37.49 0.49 34.16
CA ILE A 576 -38.87 0.91 33.96
C ILE A 576 -39.33 0.47 32.58
N LEU A 577 -40.31 -0.41 32.54
CA LEU A 577 -40.83 -0.96 31.29
C LEU A 577 -42.25 -0.45 31.04
N SER A 578 -42.54 -0.09 29.81
CA SER A 578 -43.83 0.46 29.43
C SER A 578 -44.56 -0.55 28.55
N ARG A 579 -45.59 -1.18 29.10
CA ARG A 579 -46.47 -2.02 28.33
C ARG A 579 -47.54 -1.19 27.64
N GLU A 580 -48.36 -1.84 26.82
CA GLU A 580 -49.47 -1.11 26.19
C GLU A 580 -50.58 -0.84 27.18
N ASP A 581 -50.69 -1.66 28.23
CA ASP A 581 -51.77 -1.54 29.20
C ASP A 581 -51.30 -1.06 30.57
N SER A 582 -50.07 -1.35 30.96
CA SER A 582 -49.60 -1.06 32.31
C SER A 582 -48.11 -0.74 32.24
N THR A 583 -47.45 -0.81 33.40
CA THR A 583 -46.05 -0.42 33.53
C THR A 583 -45.35 -1.37 34.49
N MET A 584 -44.21 -1.92 34.07
CA MET A 584 -43.40 -2.76 34.93
C MET A 584 -42.28 -1.93 35.53
N ILE A 585 -41.96 -2.19 36.79
CA ILE A 585 -40.86 -1.54 37.51
C ILE A 585 -40.02 -2.67 38.07
N LEU A 586 -38.71 -2.57 37.92
CA LEU A 586 -37.78 -3.56 38.46
C LEU A 586 -36.82 -2.90 39.44
N GLN A 587 -36.54 -3.60 40.53
CA GLN A 587 -35.52 -3.15 41.47
C GLN A 587 -34.20 -3.81 41.14
N THR A 588 -33.12 -3.04 41.17
CA THR A 588 -31.78 -3.57 40.96
C THR A 588 -31.07 -3.73 42.29
N GLY A 589 -29.80 -4.06 42.22
CA GLY A 589 -28.99 -4.22 43.42
C GLY A 589 -28.18 -5.49 43.41
N GLN A 590 -28.22 -6.22 44.53
CA GLN A 590 -27.60 -7.54 44.60
C GLN A 590 -28.32 -8.49 43.67
N GLU A 591 -29.60 -8.72 43.92
CA GLU A 591 -30.42 -9.53 43.04
C GLU A 591 -31.53 -8.68 42.43
N ILE A 592 -31.58 -8.65 41.10
CA ILE A 592 -32.56 -7.87 40.37
C ILE A 592 -33.92 -8.55 40.47
N MET A 593 -34.94 -7.77 40.83
CA MET A 593 -36.22 -8.34 41.20
C MET A 593 -37.31 -7.31 40.97
N GLU A 594 -38.47 -7.79 40.54
CA GLU A 594 -39.56 -6.92 40.11
C GLU A 594 -40.22 -6.26 41.30
N LEU A 595 -40.50 -4.96 41.16
CA LEU A 595 -40.97 -4.12 42.27
C LEU A 595 -42.49 -4.07 42.27
N ASP A 596 -43.09 -4.05 43.47
CA ASP A 596 -44.54 -4.19 43.62
C ASP A 596 -45.21 -2.97 44.24
N THR A 597 -44.45 -2.03 44.80
CA THR A 597 -45.01 -0.98 45.63
C THR A 597 -45.33 0.26 44.81
N SER A 598 -45.81 1.30 45.49
CA SER A 598 -46.20 2.54 44.81
C SER A 598 -44.97 3.36 44.43
N GLY A 599 -45.23 4.49 43.79
CA GLY A 599 -44.16 5.21 43.10
C GLY A 599 -44.62 5.60 41.72
N PHE A 600 -43.99 4.97 40.73
CA PHE A 600 -44.46 5.10 39.34
C PHE A 600 -45.86 4.50 39.24
N ALA A 601 -46.72 5.16 38.46
CA ALA A 601 -48.08 4.65 38.25
C ALA A 601 -48.03 3.47 37.29
N THR A 602 -48.45 2.30 37.77
CA THR A 602 -48.55 1.11 36.94
C THR A 602 -49.93 0.92 36.36
N GLN A 603 -50.80 1.92 36.46
CA GLN A 603 -52.16 1.81 35.94
C GLN A 603 -52.25 2.11 34.45
N GLY A 604 -51.15 2.53 33.83
CA GLY A 604 -51.14 2.80 32.41
C GLY A 604 -49.73 2.74 31.84
N PRO A 605 -49.59 3.11 30.57
CA PRO A 605 -48.25 3.20 29.99
C PRO A 605 -47.55 4.48 30.40
N THR A 606 -46.22 4.45 30.32
CA THR A 606 -45.38 5.62 30.55
C THR A 606 -44.66 5.96 29.27
N VAL A 607 -44.73 7.21 28.84
CA VAL A 607 -44.02 7.62 27.62
C VAL A 607 -42.50 7.65 27.74
N PHE A 608 -41.99 8.25 28.82
CA PHE A 608 -40.54 8.34 29.05
C PHE A 608 -40.21 8.61 30.52
N ALA A 609 -39.15 7.98 31.04
CA ALA A 609 -38.75 8.25 32.41
C ALA A 609 -37.27 8.61 32.48
N GLY A 610 -36.95 9.73 33.10
CA GLY A 610 -35.56 10.14 33.23
C GLY A 610 -35.25 10.96 34.47
N ASN A 611 -34.00 10.93 34.90
CA ASN A 611 -33.54 11.69 36.04
C ASN A 611 -33.59 13.19 35.76
N ILE A 612 -33.93 13.95 36.78
CA ILE A 612 -33.84 15.40 36.76
C ILE A 612 -32.85 15.81 37.85
N GLY A 613 -32.33 17.02 37.77
CA GLY A 613 -31.28 17.43 38.69
C GLY A 613 -29.96 16.80 38.29
N ASP A 614 -29.27 16.22 39.25
CA ASP A 614 -28.06 15.44 38.98
C ASP A 614 -28.18 14.09 39.70
N ASN A 615 -28.88 13.16 39.05
CA ASN A 615 -29.12 11.79 39.50
C ASN A 615 -29.74 11.73 40.90
N ARG A 616 -30.54 12.73 41.25
CA ARG A 616 -31.15 12.79 42.57
C ARG A 616 -32.65 12.52 42.49
N TYR A 617 -33.37 13.20 41.61
CA TYR A 617 -34.83 13.16 41.57
C TYR A 617 -35.26 12.55 40.25
N ILE A 618 -36.18 11.59 40.31
CA ILE A 618 -36.60 10.85 39.14
C ILE A 618 -37.92 11.41 38.64
N VAL A 619 -38.03 11.64 37.34
CA VAL A 619 -39.24 12.17 36.72
C VAL A 619 -39.71 11.17 35.66
N GLN A 620 -40.94 10.70 35.81
CA GLN A 620 -41.59 10.01 34.70
C GLN A 620 -42.74 10.86 34.22
N VAL A 621 -43.16 10.62 32.97
CA VAL A 621 -44.29 11.32 32.37
C VAL A 621 -45.19 10.27 31.74
N SER A 622 -46.43 10.31 32.14
CA SER A 622 -47.47 9.51 31.52
C SER A 622 -48.25 10.49 30.62
N PRO A 623 -49.19 9.97 29.82
CA PRO A 623 -49.93 10.92 28.98
C PRO A 623 -50.71 11.96 29.82
N LEU A 624 -51.30 11.53 30.93
CA LEU A 624 -52.05 12.44 31.81
C LEU A 624 -51.29 13.56 32.57
N GLY A 625 -50.13 13.26 33.15
CA GLY A 625 -49.40 14.24 33.96
C GLY A 625 -47.91 14.02 34.15
N ILE A 626 -47.19 14.97 34.78
CA ILE A 626 -45.73 14.73 34.92
C ILE A 626 -45.27 14.39 36.32
N ARG A 627 -45.39 13.14 36.70
CA ARG A 627 -45.05 12.65 38.03
C ARG A 627 -43.58 12.90 38.37
N LEU A 628 -43.33 13.65 39.43
CA LEU A 628 -42.03 13.67 40.07
C LEU A 628 -41.89 12.47 40.99
N LEU A 629 -40.67 12.25 41.47
CA LEU A 629 -40.35 11.14 42.35
C LEU A 629 -38.97 11.35 42.92
N GLU A 630 -38.81 11.12 44.22
CA GLU A 630 -37.53 11.24 44.87
C GLU A 630 -36.90 9.91 45.24
N GLY A 631 -37.51 8.80 44.82
CA GLY A 631 -37.12 7.51 45.34
C GLY A 631 -38.32 6.59 45.42
N VAL A 632 -38.61 6.14 46.64
CA VAL A 632 -39.79 5.33 46.86
C VAL A 632 -41.05 6.18 47.04
N ASN A 633 -40.91 7.48 47.27
CA ASN A 633 -42.03 8.33 47.63
C ASN A 633 -42.23 9.43 46.58
N GLN A 634 -43.44 9.49 46.04
CA GLN A 634 -43.83 10.53 45.09
C GLN A 634 -43.89 11.89 45.76
N LEU A 635 -43.28 12.89 45.10
CA LEU A 635 -43.23 14.23 45.67
C LEU A 635 -44.54 14.96 45.42
N HIS A 636 -44.88 15.21 44.16
CA HIS A 636 -46.14 15.83 43.80
C HIS A 636 -46.50 15.44 42.37
N PHE A 637 -47.74 15.75 41.98
CA PHE A 637 -48.32 15.30 40.72
C PHE A 637 -48.89 16.50 39.96
N ILE A 638 -48.64 16.50 38.65
CA ILE A 638 -49.04 17.59 37.77
C ILE A 638 -49.61 17.13 36.44
N PRO A 639 -50.94 17.09 36.33
CA PRO A 639 -51.61 16.70 35.09
C PRO A 639 -51.41 17.77 34.01
N VAL A 640 -51.33 17.36 32.75
CA VAL A 640 -51.13 18.30 31.66
C VAL A 640 -52.45 18.66 30.97
N ALA A 644 -55.15 16.22 24.19
CA ALA A 644 -54.39 15.54 23.16
C ALA A 644 -53.46 14.48 23.75
N PRO A 645 -53.31 13.36 23.05
CA PRO A 645 -52.41 12.30 23.55
C PRO A 645 -50.95 12.74 23.44
N ILE A 646 -50.19 12.47 24.48
CA ILE A 646 -48.77 12.76 24.47
C ILE A 646 -48.07 11.72 23.61
N VAL A 647 -46.93 12.09 23.03
CA VAL A 647 -46.15 11.16 22.23
C VAL A 647 -44.70 11.10 22.74
N GLN A 648 -44.10 12.26 22.96
CA GLN A 648 -42.75 12.29 23.48
C GLN A 648 -42.48 13.53 24.30
N CYS A 649 -41.53 13.44 25.21
CA CYS A 649 -41.12 14.59 26.00
C CYS A 649 -39.61 14.51 26.19
N ALA A 650 -38.97 15.64 26.45
CA ALA A 650 -37.54 15.61 26.65
C ALA A 650 -37.26 16.19 28.01
N VAL A 651 -36.52 15.46 28.81
CA VAL A 651 -36.22 15.94 30.14
C VAL A 651 -34.74 15.82 30.37
N ALA A 652 -33.99 16.67 29.68
CA ALA A 652 -32.56 16.63 29.85
C ALA A 652 -32.05 17.98 30.31
N ASP A 653 -31.41 17.99 31.47
CA ASP A 653 -30.80 19.25 31.94
C ASP A 653 -31.83 20.24 32.48
N PRO A 654 -32.17 20.11 33.77
CA PRO A 654 -33.15 20.86 34.57
C PRO A 654 -34.17 21.72 33.81
N TYR A 655 -34.91 21.10 32.90
CA TYR A 655 -35.91 21.72 32.05
C TYR A 655 -36.65 20.51 31.50
N VAL A 656 -37.96 20.53 31.52
CA VAL A 656 -38.74 19.40 31.04
C VAL A 656 -39.75 19.92 30.04
N VAL A 657 -39.58 19.57 28.77
CA VAL A 657 -40.44 20.04 27.69
C VAL A 657 -41.31 18.88 27.24
N ILE A 658 -42.61 19.11 27.18
CA ILE A 658 -43.61 18.07 26.98
C ILE A 658 -44.41 18.39 25.72
N MET A 659 -44.57 17.40 24.84
CA MET A 659 -45.19 17.59 23.54
C MET A 659 -46.25 16.52 23.27
N SER A 660 -47.46 16.98 22.93
CA SER A 660 -48.58 16.11 22.61
C SER A 660 -48.64 15.87 21.11
N ALA A 661 -49.74 15.24 20.67
CA ALA A 661 -49.85 14.82 19.28
C ALA A 661 -50.26 15.95 18.36
N GLU A 662 -51.06 16.89 18.85
CA GLU A 662 -51.57 17.98 18.01
C GLU A 662 -50.55 19.08 17.75
N GLY A 663 -49.37 19.00 18.34
CA GLY A 663 -48.37 20.04 18.19
C GLY A 663 -48.24 20.99 19.35
N HIS A 664 -48.85 20.66 20.50
CA HIS A 664 -48.75 21.52 21.68
C HIS A 664 -47.45 21.25 22.40
N VAL A 665 -46.85 22.31 22.94
CA VAL A 665 -45.56 22.22 23.63
C VAL A 665 -45.70 22.94 24.97
N THR A 666 -45.36 22.25 26.06
CA THR A 666 -45.33 22.82 27.41
C THR A 666 -43.96 22.54 28.02
N MET A 667 -43.45 23.47 28.83
CA MET A 667 -42.13 23.35 29.43
C MET A 667 -42.22 23.44 30.95
N PHE A 668 -41.43 22.60 31.64
CA PHE A 668 -41.26 22.64 33.08
C PHE A 668 -39.83 23.01 33.46
N LEU A 669 -39.58 23.10 34.76
CA LEU A 669 -38.31 23.58 35.31
C LEU A 669 -38.25 23.27 36.80
N LEU A 670 -37.09 22.80 37.27
CA LEU A 670 -36.87 22.64 38.71
C LEU A 670 -36.88 24.01 39.39
N LYS A 671 -37.63 24.11 40.49
CA LYS A 671 -37.68 25.33 41.30
C LYS A 671 -37.51 24.95 42.76
N SER A 672 -36.29 25.10 43.28
CA SER A 672 -36.03 24.85 44.68
C SER A 672 -36.49 26.04 45.51
N ASP A 673 -37.25 25.76 46.57
CA ASP A 673 -37.75 26.82 47.44
C ASP A 673 -36.93 26.88 48.72
N HIS A 680 -38.33 21.31 45.75
CA HIS A 680 -38.24 20.93 44.35
C HIS A 680 -39.62 20.69 43.75
N ARG A 681 -40.14 21.70 43.07
CA ARG A 681 -41.45 21.61 42.46
C ARG A 681 -41.38 22.23 41.07
N LEU A 682 -41.93 21.55 40.08
CA LEU A 682 -41.89 22.05 38.70
C LEU A 682 -43.11 22.90 38.34
N ALA A 683 -42.86 24.08 37.80
CA ALA A 683 -43.93 24.97 37.37
C ALA A 683 -44.10 24.93 35.86
N LEU A 684 -45.30 25.26 35.39
CA LEU A 684 -45.64 25.30 33.98
C LEU A 684 -45.17 26.63 33.40
N HIS A 685 -44.36 26.57 32.35
CA HIS A 685 -43.99 27.74 31.56
C HIS A 685 -44.14 27.39 30.09
N LYS A 686 -45.35 27.56 29.56
CA LYS A 686 -45.62 27.25 28.17
C LYS A 686 -44.89 28.24 27.28
N PRO A 687 -44.14 27.78 26.28
CA PRO A 687 -43.31 28.69 25.48
C PRO A 687 -44.15 29.62 24.62
N PRO A 688 -43.81 30.91 24.60
CA PRO A 688 -44.49 31.83 23.67
C PRO A 688 -44.04 31.55 22.24
N LEU A 689 -44.91 30.87 21.49
CA LEU A 689 -44.57 30.47 20.14
C LEU A 689 -45.72 30.85 19.21
N HIS A 690 -45.36 31.27 18.01
CA HIS A 690 -46.32 31.59 16.96
C HIS A 690 -46.24 30.48 15.92
N HIS A 691 -47.17 29.54 16.00
CA HIS A 691 -47.13 28.33 15.19
C HIS A 691 -47.67 28.64 13.80
N GLN A 692 -46.78 28.58 12.81
CA GLN A 692 -47.21 28.58 11.41
C GLN A 692 -47.54 27.18 10.91
N SER A 693 -46.97 26.15 11.53
CA SER A 693 -47.29 24.77 11.21
C SER A 693 -46.99 23.93 12.45
N LYS A 694 -47.37 22.66 12.38
CA LYS A 694 -47.37 21.79 13.56
C LYS A 694 -45.96 21.28 13.86
N VAL A 695 -45.61 21.32 15.14
CA VAL A 695 -44.33 20.80 15.64
C VAL A 695 -44.40 19.29 15.61
N ILE A 696 -43.39 18.66 14.99
CA ILE A 696 -43.41 17.20 14.86
C ILE A 696 -42.58 16.54 15.95
N THR A 697 -41.36 17.01 16.18
CA THR A 697 -40.48 16.36 17.14
C THR A 697 -39.64 17.42 17.83
N LEU A 698 -38.90 17.01 18.87
CA LEU A 698 -38.16 17.92 19.72
C LEU A 698 -36.86 17.29 20.17
N CYS A 699 -36.01 18.10 20.79
CA CYS A 699 -34.76 17.72 21.44
C CYS A 699 -34.34 18.84 22.37
N LEU A 700 -33.52 18.50 23.36
CA LEU A 700 -32.93 19.46 24.26
C LEU A 700 -31.45 19.15 24.43
N TYR A 701 -30.67 20.17 24.70
CA TYR A 701 -29.21 20.06 24.69
C TYR A 701 -28.59 21.25 25.39
N ARG A 702 -27.49 21.03 26.11
CA ARG A 702 -26.72 22.11 26.71
C ARG A 702 -25.23 21.91 26.46
N ASP A 703 -24.45 22.91 26.84
CA ASP A 703 -23.08 23.10 26.36
C ASP A 703 -22.10 23.01 27.52
N LEU A 704 -21.58 21.81 27.79
CA LEU A 704 -20.52 21.71 28.78
C LEU A 704 -19.22 22.32 28.26
N SER A 705 -18.74 21.86 27.11
CA SER A 705 -17.69 22.54 26.36
C SER A 705 -18.28 22.92 25.02
N GLY A 706 -18.96 24.06 24.96
CA GLY A 706 -19.82 24.38 23.85
C GLY A 706 -19.25 25.40 22.89
N MET A 707 -19.67 25.27 21.63
CA MET A 707 -19.38 26.23 20.59
C MET A 707 -20.60 27.09 20.27
N PHE A 708 -21.75 26.81 20.88
CA PHE A 708 -22.94 27.61 20.69
C PHE A 708 -22.80 28.88 21.51
N THR A 709 -22.47 29.99 20.84
CA THR A 709 -22.09 31.20 21.56
C THR A 709 -23.21 32.23 21.56
N THR A 710 -23.71 32.64 20.41
CA THR A 710 -24.70 33.71 20.36
C THR A 710 -26.01 33.21 19.78
N PRO A 781 -22.50 26.48 30.71
CA PRO A 781 -23.63 25.65 30.28
C PRO A 781 -24.87 26.46 29.90
N THR A 782 -25.17 26.51 28.60
CA THR A 782 -26.31 27.23 28.07
C THR A 782 -27.25 26.25 27.39
N HIS A 783 -28.53 26.33 27.72
CA HIS A 783 -29.51 25.35 27.30
C HIS A 783 -30.15 25.76 25.97
N TRP A 784 -30.41 24.77 25.12
CA TRP A 784 -30.93 25.00 23.79
C TRP A 784 -32.08 24.04 23.51
N CYS A 785 -33.14 24.53 22.88
CA CYS A 785 -34.28 23.72 22.50
C CYS A 785 -34.33 23.61 20.98
N LEU A 786 -34.47 22.38 20.49
CA LEU A 786 -34.56 22.13 19.06
C LEU A 786 -35.97 21.69 18.70
N LEU A 787 -36.48 22.24 17.62
CA LEU A 787 -37.89 22.12 17.27
C LEU A 787 -38.04 22.01 15.76
N VAL A 788 -38.74 20.99 15.31
CA VAL A 788 -38.94 20.72 13.89
C VAL A 788 -40.41 20.78 13.57
N ARG A 789 -40.79 21.70 12.68
CA ARG A 789 -42.17 21.90 12.29
C ARG A 789 -42.51 21.06 11.06
N GLU A 790 -43.79 20.92 10.78
CA GLU A 790 -44.20 20.04 9.69
C GLU A 790 -44.09 20.67 8.32
N ASN A 791 -43.85 21.98 8.24
CA ASN A 791 -43.67 22.62 6.94
C ASN A 791 -42.33 22.31 6.30
N GLY A 792 -41.38 21.79 7.07
CA GLY A 792 -40.07 21.45 6.54
C GLY A 792 -38.92 22.27 7.09
N THR A 793 -39.08 22.89 8.25
CA THR A 793 -38.05 23.78 8.78
C THR A 793 -37.49 23.28 10.10
N MET A 794 -36.29 23.73 10.42
CA MET A 794 -35.65 23.47 11.72
C MET A 794 -35.46 24.80 12.44
N GLU A 795 -35.78 24.82 13.73
CA GLU A 795 -35.70 26.04 14.53
C GLU A 795 -35.03 25.72 15.86
N ILE A 796 -33.79 26.19 16.03
CA ILE A 796 -33.08 26.06 17.29
C ILE A 796 -33.47 27.23 18.17
N TYR A 797 -33.87 26.94 19.40
CA TYR A 797 -34.34 27.94 20.33
C TYR A 797 -33.42 28.04 21.54
N GLN A 798 -33.19 29.26 22.01
CA GLN A 798 -32.55 29.47 23.30
C GLN A 798 -33.58 29.20 24.38
N LEU A 799 -33.23 28.36 25.33
CA LEU A 799 -34.21 27.73 26.22
C LEU A 799 -34.70 28.54 27.44
N PRO A 800 -33.87 29.30 28.18
CA PRO A 800 -34.46 30.07 29.31
C PRO A 800 -35.44 31.15 28.88
N ASP A 801 -35.09 31.94 27.86
CA ASP A 801 -36.04 32.77 27.14
C ASP A 801 -36.67 31.89 26.06
N TRP A 802 -37.17 32.47 24.98
CA TRP A 802 -37.69 31.62 23.91
C TRP A 802 -37.68 32.29 22.55
N ARG A 803 -36.47 32.56 22.05
CA ARG A 803 -36.32 33.25 20.77
C ARG A 803 -35.66 32.41 19.66
N LEU A 804 -36.06 32.68 18.42
CA LEU A 804 -35.55 31.98 17.24
C LEU A 804 -34.10 32.39 17.02
N VAL A 805 -33.23 31.39 16.91
CA VAL A 805 -31.80 31.67 16.81
C VAL A 805 -31.27 31.13 15.49
N PHE A 806 -31.68 29.93 15.10
CA PHE A 806 -31.15 29.26 13.92
C PHE A 806 -32.35 28.75 13.11
N LEU A 807 -32.30 28.89 11.79
CA LEU A 807 -33.43 28.56 10.93
C LEU A 807 -32.96 27.99 9.59
N VAL A 808 -33.41 26.78 9.28
CA VAL A 808 -33.14 26.14 8.00
C VAL A 808 -34.46 26.04 7.24
N LYS A 809 -34.44 26.45 5.96
CA LYS A 809 -35.66 26.46 5.17
C LYS A 809 -36.12 25.04 4.83
N ASN A 810 -35.18 24.17 4.51
CA ASN A 810 -35.52 22.80 4.13
C ASN A 810 -34.73 21.83 5.01
N PHE A 811 -35.25 21.58 6.22
CA PHE A 811 -34.60 20.62 7.12
C PHE A 811 -34.79 19.17 6.72
N PRO A 812 -35.92 18.81 6.11
CA PRO A 812 -36.03 17.39 5.74
C PRO A 812 -34.89 17.06 4.80
N VAL A 813 -35.20 16.79 3.53
CA VAL A 813 -34.25 16.45 2.45
C VAL A 813 -32.85 15.95 2.84
N GLY A 814 -31.96 16.86 3.22
CA GLY A 814 -30.62 16.47 3.62
C GLY A 814 -29.51 17.38 3.11
N GLN A 815 -29.86 18.61 2.78
CA GLN A 815 -28.85 19.54 2.27
C GLN A 815 -27.56 19.43 3.07
N ARG A 816 -26.44 19.48 2.35
CA ARG A 816 -25.13 19.04 2.85
C ARG A 816 -24.58 19.93 3.96
N VAL A 817 -24.67 21.24 3.78
CA VAL A 817 -24.22 22.21 4.79
C VAL A 817 -25.39 23.15 5.04
N LEU A 818 -25.77 23.30 6.31
CA LEU A 818 -26.89 24.16 6.65
C LEU A 818 -26.41 25.58 6.94
N VAL A 819 -27.36 26.51 6.95
CA VAL A 819 -27.10 27.92 7.21
C VAL A 819 -28.37 28.54 7.77
N ASP A 820 -28.22 29.57 8.60
CA ASP A 820 -29.39 30.21 9.18
C ASP A 820 -30.16 31.03 8.14
N SER A 821 -31.45 31.22 8.39
CA SER A 821 -32.42 31.86 7.49
C SER A 821 -32.41 31.28 6.07
N PRO A 844 -39.21 14.23 3.88
CA PRO A 844 -40.39 14.58 4.66
C PRO A 844 -40.70 13.58 5.76
N LEU A 845 -41.63 13.92 6.66
CA LEU A 845 -42.05 13.09 7.80
C LEU A 845 -40.85 12.73 8.68
N VAL A 846 -40.34 13.77 9.33
CA VAL A 846 -39.26 13.61 10.30
C VAL A 846 -39.76 12.78 11.48
N LYS A 847 -39.04 11.71 11.80
CA LYS A 847 -39.45 10.85 12.91
C LYS A 847 -38.87 11.34 14.23
N GLU A 848 -37.53 11.36 14.33
CA GLU A 848 -36.86 11.60 15.60
C GLU A 848 -35.59 12.39 15.36
N VAL A 849 -35.35 13.38 16.24
CA VAL A 849 -34.22 14.28 16.13
C VAL A 849 -33.55 14.38 17.48
N LEU A 850 -32.22 14.17 17.53
CA LEU A 850 -31.48 14.21 18.78
C LEU A 850 -30.18 14.97 18.63
N LEU A 851 -30.02 16.05 19.40
CA LEU A 851 -28.74 16.71 19.57
C LEU A 851 -28.04 16.18 20.82
N VAL A 852 -26.81 15.72 20.66
CA VAL A 852 -25.97 15.28 21.76
C VAL A 852 -24.54 15.73 21.52
N ALA A 853 -23.79 15.88 22.61
CA ALA A 853 -22.37 16.20 22.56
C ALA A 853 -21.59 14.91 22.78
N LEU A 854 -20.45 14.79 22.13
CA LEU A 854 -19.61 13.59 22.25
C LEU A 854 -18.15 14.03 22.26
N GLY A 855 -17.36 13.46 23.14
CA GLY A 855 -15.95 13.74 23.17
C GLY A 855 -15.50 14.15 24.56
N SER A 856 -14.30 14.72 24.62
CA SER A 856 -13.73 15.17 25.88
C SER A 856 -14.48 16.40 26.39
N ARG A 857 -14.97 16.31 27.63
CA ARG A 857 -15.76 17.35 28.30
C ARG A 857 -17.01 17.73 27.52
N GLN A 858 -17.56 16.76 26.76
CA GLN A 858 -18.75 16.94 25.92
C GLN A 858 -18.57 18.08 24.93
N SER A 859 -17.51 18.00 24.11
CA SER A 859 -17.06 19.16 23.34
C SER A 859 -17.86 19.33 22.06
N ARG A 860 -17.76 18.37 21.14
CA ARG A 860 -18.35 18.65 19.84
C ARG A 860 -19.73 18.04 19.72
N PRO A 861 -20.72 18.80 19.25
CA PRO A 861 -22.08 18.26 19.17
C PRO A 861 -22.40 17.60 17.84
N TYR A 862 -23.40 16.74 17.84
CA TYR A 862 -23.85 16.04 16.65
C TYR A 862 -25.37 16.10 16.58
N LEU A 863 -25.89 16.22 15.37
CA LEU A 863 -27.33 16.22 15.12
C LEU A 863 -27.67 14.90 14.45
N LEU A 864 -28.58 14.13 15.04
CA LEU A 864 -28.97 12.83 14.51
C LEU A 864 -30.46 12.87 14.21
N VAL A 865 -30.84 12.64 12.96
CA VAL A 865 -32.24 12.79 12.53
C VAL A 865 -32.71 11.46 11.97
N HIS A 866 -34.03 11.33 11.81
CA HIS A 866 -34.63 10.14 11.23
C HIS A 866 -35.67 10.57 10.20
N VAL A 867 -35.29 10.58 8.92
CA VAL A 867 -36.13 11.11 7.87
C VAL A 867 -36.29 10.05 6.79
N ASP A 868 -37.52 9.52 6.65
CA ASP A 868 -37.96 8.58 5.60
C ASP A 868 -37.07 7.36 5.44
N GLN A 869 -36.91 6.59 6.51
CA GLN A 869 -36.11 5.35 6.55
C GLN A 869 -34.67 5.59 6.13
N GLU A 870 -34.09 6.71 6.51
CA GLU A 870 -32.75 7.05 6.09
C GLU A 870 -32.08 7.87 7.19
N LEU A 871 -31.07 7.30 7.82
CA LEU A 871 -30.28 8.03 8.80
C LEU A 871 -29.34 9.00 8.11
N LEU A 872 -29.34 10.24 8.57
CA LEU A 872 -28.35 11.21 8.11
C LEU A 872 -27.98 12.10 9.29
N ILE A 873 -26.70 12.09 9.65
CA ILE A 873 -26.27 12.81 10.84
C ILE A 873 -25.38 13.97 10.46
N TYR A 874 -25.41 15.01 11.28
CA TYR A 874 -24.71 16.25 11.01
C TYR A 874 -23.71 16.53 12.12
N GLU A 875 -22.55 17.05 11.75
CA GLU A 875 -21.61 17.57 12.73
C GLU A 875 -21.95 19.01 13.07
N ALA A 876 -21.04 19.68 13.76
CA ALA A 876 -21.14 21.10 13.99
C ALA A 876 -19.75 21.70 14.02
N PHE A 877 -19.62 22.90 13.48
CA PHE A 877 -18.36 23.61 13.41
C PHE A 877 -18.63 25.09 13.54
N PRO A 878 -17.73 25.86 14.16
CA PRO A 878 -18.01 27.28 14.37
C PRO A 878 -17.83 28.08 13.08
N HIS A 879 -18.71 29.05 12.87
CA HIS A 879 -18.65 29.91 11.69
C HIS A 879 -19.42 31.19 11.94
N ASP A 880 -18.74 32.32 11.85
CA ASP A 880 -19.37 33.63 11.96
C ASP A 880 -20.31 33.91 10.78
N GLY A 886 -26.28 37.94 15.97
CA GLY A 886 -27.29 37.62 16.96
C GLY A 886 -27.81 36.20 16.86
N ASN A 887 -27.32 35.47 15.86
CA ASN A 887 -27.69 34.09 15.63
C ASN A 887 -26.59 33.17 16.17
N LEU A 888 -26.80 31.86 16.02
CA LEU A 888 -25.73 30.93 16.31
C LEU A 888 -24.59 31.08 15.33
N LYS A 889 -23.38 30.97 15.84
CA LYS A 889 -22.18 31.01 15.03
C LYS A 889 -21.76 29.58 14.73
N VAL A 890 -22.71 28.75 14.27
CA VAL A 890 -22.42 27.37 13.89
C VAL A 890 -23.13 27.02 12.59
N ARG A 891 -22.59 26.03 11.88
CA ARG A 891 -23.27 25.42 10.74
C ARG A 891 -23.05 23.92 10.85
N PHE A 892 -23.90 23.16 10.20
CA PHE A 892 -23.89 21.70 10.34
C PHE A 892 -23.43 21.05 9.05
N LYS A 893 -22.47 20.13 9.16
CA LYS A 893 -21.93 19.42 8.00
C LYS A 893 -22.35 17.96 8.03
N LYS A 894 -22.80 17.45 6.90
CA LYS A 894 -23.22 16.06 6.79
C LYS A 894 -21.99 15.17 6.63
N VAL A 895 -22.05 13.99 7.25
CA VAL A 895 -20.96 13.02 7.17
C VAL A 895 -21.48 11.73 6.57
N PRO A 896 -20.62 10.94 5.91
CA PRO A 896 -21.11 9.72 5.24
C PRO A 896 -21.53 8.62 6.20
N HIS A 897 -22.06 7.53 5.63
CA HIS A 897 -22.60 6.41 6.39
C HIS A 897 -22.37 5.10 5.68
N ASN A 898 -22.63 4.02 6.41
CA ASN A 898 -22.84 2.69 5.85
C ASN A 898 -24.15 2.10 6.36
N ILE A 899 -24.88 2.85 7.16
CA ILE A 899 -26.08 2.40 7.86
C ILE A 899 -27.32 2.75 7.04
N ASN A 900 -28.27 1.81 6.99
CA ASN A 900 -29.51 2.01 6.26
C ASN A 900 -30.67 1.48 7.09
N PHE A 901 -31.86 2.03 6.82
CA PHE A 901 -33.08 1.67 7.55
C PHE A 901 -34.04 1.00 6.58
N ARG A 902 -34.80 0.04 7.10
CA ARG A 902 -35.80 -0.69 6.32
C ARG A 902 -36.87 -1.31 7.20
N GLY A 926 -47.32 4.25 21.40
CA GLY A 926 -46.69 5.57 21.35
C GLY A 926 -45.43 5.58 20.52
N ARG A 927 -44.68 6.68 20.60
CA ARG A 927 -43.44 6.82 19.87
C ARG A 927 -42.29 6.18 20.64
N VAL A 928 -41.49 5.39 19.93
CA VAL A 928 -40.33 4.72 20.51
C VAL A 928 -39.09 5.49 20.06
N ALA A 929 -38.24 5.84 21.00
CA ALA A 929 -36.99 6.52 20.68
C ALA A 929 -36.00 5.54 20.06
N ARG A 930 -35.37 5.95 18.96
CA ARG A 930 -34.37 5.12 18.31
C ARG A 930 -32.95 5.60 18.59
N PHE A 931 -32.78 6.85 18.97
CA PHE A 931 -31.46 7.46 19.19
C PHE A 931 -31.28 7.59 20.69
N ARG A 932 -30.51 6.69 21.28
CA ARG A 932 -30.43 6.60 22.73
C ARG A 932 -29.01 6.90 23.19
N TYR A 933 -28.82 8.10 23.70
CA TYR A 933 -27.51 8.56 24.16
C TYR A 933 -27.10 7.83 25.43
N PHE A 934 -25.86 7.35 25.44
CA PHE A 934 -25.33 6.70 26.64
C PHE A 934 -24.04 7.39 27.05
N GLU A 935 -23.85 7.52 28.35
CA GLU A 935 -22.62 8.03 28.92
C GLU A 935 -21.98 6.93 29.77
N ASP A 936 -20.69 6.69 29.50
CA ASP A 936 -19.81 5.84 30.31
C ASP A 936 -20.32 4.39 30.37
N ILE A 937 -20.34 3.77 29.20
CA ILE A 937 -20.41 2.33 29.05
C ILE A 937 -19.01 1.87 28.63
N TYR A 938 -18.31 1.19 29.54
CA TYR A 938 -16.90 0.80 29.41
C TYR A 938 -16.04 2.04 29.16
N GLY A 939 -16.40 3.14 29.82
CA GLY A 939 -15.70 4.41 29.66
C GLY A 939 -16.04 5.17 28.39
N TYR A 940 -16.90 4.62 27.55
CA TYR A 940 -17.17 5.17 26.23
C TYR A 940 -18.49 5.92 26.25
N SER A 941 -18.49 7.14 25.73
CA SER A 941 -19.71 7.93 25.59
C SER A 941 -20.14 7.91 24.14
N GLY A 942 -21.45 7.98 23.91
CA GLY A 942 -21.93 8.03 22.55
C GLY A 942 -23.40 7.71 22.46
N VAL A 943 -23.81 7.27 21.26
CA VAL A 943 -25.19 7.04 20.91
C VAL A 943 -25.34 5.59 20.48
N PHE A 944 -26.38 4.91 20.96
CA PHE A 944 -26.81 3.68 20.35
C PHE A 944 -28.00 3.99 19.45
N ILE A 945 -27.99 3.45 18.25
CA ILE A 945 -29.00 3.73 17.24
C ILE A 945 -29.81 2.45 17.03
N CYS A 946 -31.06 2.47 17.45
CA CYS A 946 -31.91 1.30 17.32
C CYS A 946 -32.58 1.27 15.96
N GLY A 947 -32.84 0.06 15.47
CA GLY A 947 -33.50 -0.11 14.20
C GLY A 947 -33.35 -1.51 13.65
N PRO A 948 -33.49 -1.66 12.33
CA PRO A 948 -33.31 -2.99 11.72
C PRO A 948 -31.86 -3.42 11.66
N SER A 949 -30.93 -2.46 11.76
CA SER A 949 -29.50 -2.74 11.84
C SER A 949 -28.94 -1.83 12.93
N PRO A 950 -28.61 -2.38 14.10
CA PRO A 950 -28.12 -1.54 15.19
C PRO A 950 -26.71 -1.05 14.91
N HIS A 951 -26.39 0.13 15.45
CA HIS A 951 -25.09 0.74 15.26
C HIS A 951 -24.68 1.55 16.48
N TRP A 952 -23.57 1.15 17.09
CA TRP A 952 -22.95 1.87 18.19
C TRP A 952 -22.20 3.08 17.63
N LEU A 953 -22.58 4.27 18.05
CA LEU A 953 -21.92 5.49 17.64
C LEU A 953 -21.00 5.92 18.78
N LEU A 954 -19.70 5.97 18.53
CA LEU A 954 -18.72 6.28 19.57
C LEU A 954 -17.84 7.43 19.14
N VAL A 955 -17.61 8.37 20.05
CA VAL A 955 -16.58 9.38 19.90
C VAL A 955 -15.81 9.46 21.21
N THR A 956 -14.53 9.14 21.17
CA THR A 956 -13.65 9.20 22.32
C THR A 956 -13.00 10.58 22.37
N GLY A 957 -11.93 10.71 23.17
CA GLY A 957 -11.17 11.94 23.20
C GLY A 957 -10.39 12.22 21.92
N ARG A 958 -10.26 11.25 21.03
CA ARG A 958 -9.64 11.48 19.73
C ARG A 958 -10.48 12.42 18.87
N GLY A 959 -11.81 12.39 19.03
CA GLY A 959 -12.67 13.20 18.20
C GLY A 959 -13.07 12.55 16.90
N ALA A 960 -12.67 11.30 16.70
CA ALA A 960 -12.97 10.60 15.46
C ALA A 960 -14.29 9.87 15.59
N LEU A 961 -15.14 10.00 14.57
CA LEU A 961 -16.45 9.38 14.56
C LEU A 961 -16.28 7.89 14.29
N ARG A 962 -16.93 7.06 15.11
CA ARG A 962 -16.80 5.61 15.02
C ARG A 962 -18.19 4.99 14.99
N LEU A 963 -18.52 4.34 13.88
CA LEU A 963 -19.78 3.63 13.75
C LEU A 963 -19.48 2.14 13.80
N HIS A 964 -19.99 1.47 14.81
CA HIS A 964 -19.79 0.03 14.95
C HIS A 964 -21.15 -0.64 14.87
N PRO A 965 -21.38 -1.53 13.91
CA PRO A 965 -22.66 -2.23 13.85
C PRO A 965 -22.77 -3.30 14.92
N MET A 966 -23.91 -3.97 14.95
CA MET A 966 -24.12 -5.10 15.84
C MET A 966 -25.12 -6.04 15.16
N ALA A 967 -24.59 -7.04 14.46
CA ALA A 967 -25.43 -7.84 13.57
C ALA A 967 -25.95 -9.10 14.24
N ILE A 968 -25.26 -9.56 15.29
CA ILE A 968 -25.71 -10.74 16.02
C ILE A 968 -26.98 -10.37 16.77
N ASP A 969 -27.87 -11.36 16.91
CA ASP A 969 -29.10 -11.31 17.71
C ASP A 969 -30.13 -10.36 17.10
N GLY A 970 -30.09 -10.19 15.78
CA GLY A 970 -31.17 -9.57 15.05
C GLY A 970 -31.32 -8.09 15.27
N PRO A 971 -32.44 -7.52 14.81
CA PRO A 971 -32.72 -6.12 15.08
C PRO A 971 -33.08 -5.91 16.54
N VAL A 972 -32.83 -4.69 17.02
CA VAL A 972 -32.96 -4.34 18.42
C VAL A 972 -34.02 -3.26 18.54
N ASP A 973 -35.01 -3.48 19.41
CA ASP A 973 -36.11 -2.54 19.56
C ASP A 973 -35.75 -1.38 20.48
N SER A 974 -35.25 -1.69 21.67
CA SER A 974 -34.97 -0.67 22.68
C SER A 974 -33.63 -0.97 23.36
N PHE A 975 -33.21 -0.04 24.21
CA PHE A 975 -31.84 -0.02 24.73
C PHE A 975 -31.80 0.92 25.93
N ALA A 976 -30.87 0.64 26.85
CA ALA A 976 -30.65 1.48 28.03
C ALA A 976 -29.28 1.22 28.62
N PRO A 977 -28.59 2.25 29.14
CA PRO A 977 -27.36 2.03 29.88
C PRO A 977 -27.66 1.38 31.22
N PHE A 978 -26.74 0.54 31.68
CA PHE A 978 -27.01 -0.26 32.87
C PHE A 978 -25.75 -0.47 33.68
N HIS A 979 -25.81 -0.09 34.96
CA HIS A 979 -24.70 -0.25 35.89
C HIS A 979 -25.24 -0.86 37.18
N ASN A 980 -24.64 -1.95 37.62
CA ASN A 980 -25.22 -2.78 38.68
C ASN A 980 -24.07 -3.25 39.57
N VAL A 981 -24.35 -4.23 40.42
CA VAL A 981 -23.34 -4.79 41.31
C VAL A 981 -22.68 -5.98 40.64
N ASN A 982 -23.47 -7.02 40.32
CA ASN A 982 -22.92 -8.18 39.63
C ASN A 982 -22.65 -7.90 38.16
N CYS A 983 -23.24 -6.84 37.61
CA CYS A 983 -22.95 -6.37 36.26
C CYS A 983 -22.15 -5.08 36.37
N PRO A 984 -20.99 -5.00 35.75
CA PRO A 984 -20.25 -3.73 35.72
C PRO A 984 -20.87 -2.72 34.77
N ARG A 985 -20.14 -1.65 34.47
CA ARG A 985 -20.56 -0.66 33.48
C ARG A 985 -20.89 -1.33 32.16
N GLY A 986 -22.17 -1.32 31.83
CA GLY A 986 -22.65 -2.13 30.73
C GLY A 986 -23.93 -1.56 30.17
N PHE A 987 -24.70 -2.42 29.54
CA PHE A 987 -25.84 -1.98 28.75
C PHE A 987 -26.91 -3.06 28.76
N LEU A 988 -28.05 -2.73 28.16
CA LEU A 988 -29.27 -3.46 28.44
C LEU A 988 -30.27 -3.21 27.31
N TYR A 989 -30.64 -4.26 26.58
CA TYR A 989 -31.46 -4.07 25.39
C TYR A 989 -32.50 -5.18 25.26
N PHE A 990 -33.56 -4.88 24.53
CA PHE A 990 -34.53 -5.88 24.11
C PHE A 990 -34.13 -6.49 22.78
N ASN A 991 -34.50 -7.74 22.60
CA ASN A 991 -34.44 -8.44 21.32
C ASN A 991 -35.80 -8.29 20.65
N ARG A 992 -35.86 -8.58 19.35
CA ARG A 992 -37.13 -8.54 18.64
C ARG A 992 -38.07 -9.65 19.11
N GLN A 993 -37.55 -10.79 19.55
CA GLN A 993 -38.37 -11.87 20.08
C GLN A 993 -38.77 -11.64 21.53
N GLY A 994 -38.39 -10.53 22.14
CA GLY A 994 -38.81 -10.22 23.49
C GLY A 994 -37.96 -10.79 24.58
N GLU A 995 -36.64 -10.68 24.48
CA GLU A 995 -35.73 -11.17 25.50
C GLU A 995 -34.86 -10.03 26.01
N LEU A 996 -35.00 -9.70 27.30
CA LEU A 996 -34.12 -8.74 27.92
C LEU A 996 -32.79 -9.39 28.26
N ARG A 997 -31.69 -8.70 27.96
CA ARG A 997 -30.36 -9.28 28.07
C ARG A 997 -29.45 -8.33 28.84
N ILE A 998 -29.05 -8.73 30.05
CA ILE A 998 -28.01 -8.00 30.77
C ILE A 998 -26.69 -8.22 30.05
N SER A 999 -25.96 -7.15 29.74
CA SER A 999 -24.80 -7.32 28.89
C SER A 999 -23.67 -6.37 29.25
N VAL A 1000 -22.45 -6.84 29.01
CA VAL A 1000 -21.22 -6.09 29.19
C VAL A 1000 -20.43 -6.23 27.89
N LEU A 1001 -19.80 -5.15 27.43
CA LEU A 1001 -18.93 -5.22 26.27
C LEU A 1001 -17.73 -6.12 26.59
N PRO A 1002 -17.22 -6.88 25.61
CA PRO A 1002 -16.01 -7.66 25.85
C PRO A 1002 -14.80 -6.76 26.00
N ALA A 1003 -13.99 -7.04 27.03
CA ALA A 1003 -13.00 -6.07 27.47
C ALA A 1003 -11.69 -6.16 26.71
N TYR A 1004 -11.52 -7.18 25.86
CA TYR A 1004 -10.21 -7.36 25.25
C TYR A 1004 -10.01 -6.50 24.02
N LEU A 1005 -11.04 -5.87 23.48
CA LEU A 1005 -10.89 -5.08 22.27
C LEU A 1005 -10.71 -3.61 22.61
N SER A 1006 -10.53 -2.80 21.57
CA SER A 1006 -10.35 -1.35 21.70
C SER A 1006 -11.18 -0.68 20.63
N TYR A 1007 -12.26 -0.03 21.04
CA TYR A 1007 -13.27 0.47 20.12
C TYR A 1007 -12.98 1.87 19.63
N ASP A 1008 -11.78 2.41 19.89
CA ASP A 1008 -11.43 3.74 19.41
C ASP A 1008 -11.02 3.71 17.95
N ALA A 1009 -10.61 2.54 17.45
CA ALA A 1009 -10.14 2.42 16.08
C ALA A 1009 -11.33 2.18 15.14
N PRO A 1010 -11.16 2.41 13.82
CA PRO A 1010 -12.28 2.17 12.89
C PRO A 1010 -12.82 0.74 12.88
N TRP A 1011 -11.94 -0.25 13.00
CA TRP A 1011 -12.57 -1.46 13.49
C TRP A 1011 -12.16 -1.71 14.93
N PRO A 1012 -12.99 -2.38 15.72
CA PRO A 1012 -12.56 -2.80 17.05
C PRO A 1012 -11.41 -3.80 16.96
N VAL A 1013 -10.25 -3.40 17.46
CA VAL A 1013 -9.02 -4.15 17.24
C VAL A 1013 -8.23 -4.25 18.54
N ARG A 1014 -7.67 -5.42 18.78
CA ARG A 1014 -6.68 -5.65 19.83
C ARG A 1014 -5.32 -5.79 19.17
N LYS A 1015 -4.42 -4.87 19.50
CA LYS A 1015 -3.08 -4.85 18.91
C LYS A 1015 -2.15 -5.66 19.82
N ILE A 1016 -1.55 -6.71 19.28
CA ILE A 1016 -0.75 -7.62 20.11
C ILE A 1016 0.73 -7.42 19.82
N PRO A 1017 1.48 -6.77 20.69
CA PRO A 1017 2.89 -6.48 20.40
C PRO A 1017 3.75 -7.73 20.50
N LEU A 1018 4.54 -7.98 19.47
CA LEU A 1018 5.48 -9.08 19.45
C LEU A 1018 6.91 -8.63 19.63
N ARG A 1019 7.21 -7.35 19.32
CA ARG A 1019 8.56 -6.77 19.32
C ARG A 1019 9.53 -7.55 18.45
N CYS A 1020 9.01 -8.04 17.32
CA CYS A 1020 9.71 -8.84 16.31
C CYS A 1020 8.79 -8.92 15.10
N THR A 1021 9.39 -9.08 13.92
CA THR A 1021 8.64 -8.96 12.68
C THR A 1021 7.77 -10.19 12.45
N ALA A 1022 6.46 -9.98 12.41
CA ALA A 1022 5.51 -11.04 12.12
C ALA A 1022 5.44 -11.24 10.61
N HIS A 1023 5.79 -12.43 10.15
CA HIS A 1023 5.80 -12.71 8.71
C HIS A 1023 4.50 -13.38 8.27
N TYR A 1024 4.12 -14.45 8.95
CA TYR A 1024 2.96 -15.25 8.55
C TYR A 1024 2.10 -15.56 9.78
N VAL A 1025 0.87 -15.99 9.52
CA VAL A 1025 -0.05 -16.40 10.56
C VAL A 1025 -1.01 -17.41 9.96
N ALA A 1026 -1.37 -18.42 10.75
CA ALA A 1026 -2.19 -19.52 10.26
C ALA A 1026 -3.06 -20.05 11.38
N TYR A 1027 -4.37 -19.93 11.21
CA TYR A 1027 -5.34 -20.46 12.16
C TYR A 1027 -5.39 -21.97 11.97
N HIS A 1028 -5.19 -22.70 13.06
CA HIS A 1028 -5.37 -24.16 13.05
C HIS A 1028 -6.77 -24.42 13.57
N VAL A 1029 -7.61 -25.07 12.76
CA VAL A 1029 -9.03 -25.22 13.09
C VAL A 1029 -9.20 -26.21 14.24
N GLU A 1030 -8.55 -27.36 14.13
CA GLU A 1030 -8.46 -28.27 15.27
C GLU A 1030 -7.59 -27.63 16.35
N SER A 1031 -8.10 -27.66 17.58
CA SER A 1031 -7.47 -27.20 18.82
C SER A 1031 -7.33 -25.67 18.90
N LYS A 1032 -7.66 -24.95 17.82
CA LYS A 1032 -8.00 -23.53 17.81
C LYS A 1032 -6.87 -22.65 18.35
N VAL A 1033 -5.76 -22.61 17.61
CA VAL A 1033 -4.61 -21.76 17.92
C VAL A 1033 -4.09 -21.14 16.63
N TYR A 1034 -3.13 -20.24 16.79
CA TYR A 1034 -2.48 -19.54 15.68
C TYR A 1034 -1.00 -19.86 15.66
N ALA A 1035 -0.45 -20.09 14.48
CA ALA A 1035 0.98 -20.36 14.30
C ALA A 1035 1.59 -19.20 13.53
N VAL A 1036 2.56 -18.52 14.16
CA VAL A 1036 3.12 -17.29 13.65
C VAL A 1036 4.62 -17.45 13.47
N ALA A 1037 5.12 -17.20 12.26
CA ALA A 1037 6.55 -17.13 12.00
C ALA A 1037 7.03 -15.71 12.29
N THR A 1038 8.01 -15.58 13.17
CA THR A 1038 8.57 -14.29 13.52
C THR A 1038 10.05 -14.27 13.22
N SER A 1039 10.67 -13.11 13.43
CA SER A 1039 12.09 -12.91 13.21
C SER A 1039 12.75 -12.41 14.49
N THR A 1040 14.03 -12.03 14.35
CA THR A 1040 14.76 -11.21 15.30
C THR A 1040 15.99 -10.69 14.58
N ASN A 1041 16.50 -9.55 15.03
CA ASN A 1041 17.66 -8.92 14.41
C ASN A 1041 18.88 -9.14 15.30
N THR A 1042 19.76 -10.03 14.88
CA THR A 1042 21.00 -10.31 15.57
C THR A 1042 22.18 -9.88 14.70
N PRO A 1043 23.30 -9.46 15.31
CA PRO A 1043 24.46 -9.07 14.51
C PRO A 1043 25.11 -10.29 13.85
N CYS A 1044 25.39 -10.16 12.56
CA CYS A 1044 26.03 -11.21 11.79
C CYS A 1044 27.51 -11.22 12.15
N ALA A 1045 28.11 -12.41 12.18
CA ALA A 1045 29.51 -12.55 12.56
C ALA A 1045 30.28 -13.50 11.65
N ARG A 1046 29.62 -14.26 10.79
CA ARG A 1046 30.29 -15.24 9.96
C ARG A 1046 29.89 -15.05 8.50
N ILE A 1047 30.70 -15.57 7.60
CA ILE A 1047 30.48 -15.51 6.17
C ILE A 1047 30.67 -16.90 5.60
N PRO A 1048 29.62 -17.54 5.07
CA PRO A 1048 29.78 -18.88 4.50
C PRO A 1048 30.47 -18.84 3.14
N ARG A 1049 31.34 -19.81 2.91
CA ARG A 1049 32.00 -19.99 1.63
C ARG A 1049 31.78 -21.41 1.17
N MET A 1050 31.76 -21.62 -0.14
CA MET A 1050 31.67 -22.95 -0.73
C MET A 1050 32.99 -23.24 -1.44
N THR A 1051 33.81 -24.11 -0.83
CA THR A 1051 35.13 -24.40 -1.38
C THR A 1051 35.11 -25.56 -2.38
N GLY A 1052 33.97 -26.18 -2.60
CA GLY A 1052 33.88 -27.34 -3.47
C GLY A 1052 33.85 -28.66 -2.74
N GLU A 1053 34.28 -28.70 -1.47
CA GLU A 1053 34.27 -29.92 -0.70
C GLU A 1053 33.34 -29.80 0.50
N GLU A 1054 33.49 -28.73 1.27
CA GLU A 1054 32.64 -28.47 2.42
C GLU A 1054 32.47 -26.96 2.59
N LYS A 1055 31.56 -26.58 3.47
CA LYS A 1055 31.37 -25.17 3.77
C LYS A 1055 32.38 -24.70 4.80
N GLU A 1056 32.91 -23.50 4.60
CA GLU A 1056 33.87 -22.90 5.50
C GLU A 1056 33.41 -21.50 5.86
N PHE A 1057 33.20 -21.27 7.16
CA PHE A 1057 32.78 -19.97 7.64
C PHE A 1057 33.98 -19.06 7.81
N GLU A 1058 33.82 -17.79 7.48
CA GLU A 1058 34.86 -16.78 7.63
C GLU A 1058 34.44 -15.81 8.72
N THR A 1059 35.26 -15.69 9.76
CA THR A 1059 34.93 -14.81 10.86
C THR A 1059 35.21 -13.36 10.47
N ILE A 1060 34.20 -12.52 10.59
CA ILE A 1060 34.35 -11.08 10.36
C ILE A 1060 35.19 -10.50 11.49
N GLU A 1061 36.28 -9.83 11.11
CA GLU A 1061 37.19 -9.24 12.09
C GLU A 1061 37.53 -7.83 11.62
N ARG A 1062 36.95 -6.84 12.28
CA ARG A 1062 37.14 -5.44 11.94
C ARG A 1062 37.57 -4.68 13.18
N ASP A 1063 37.59 -3.35 13.06
CA ASP A 1063 37.85 -2.47 14.18
C ASP A 1063 36.68 -2.51 15.17
N GLU A 1064 36.93 -2.05 16.40
CA GLU A 1064 35.85 -1.90 17.36
C GLU A 1064 34.91 -0.77 17.02
N ARG A 1065 35.35 0.18 16.19
CA ARG A 1065 34.51 1.25 15.68
C ARG A 1065 34.00 0.83 14.31
N TYR A 1066 32.91 0.08 14.29
CA TYR A 1066 32.40 -0.64 13.13
C TYR A 1066 31.01 -1.14 13.48
N ILE A 1067 30.12 -1.06 12.51
CA ILE A 1067 28.73 -1.49 12.70
C ILE A 1067 28.55 -2.85 12.02
N HIS A 1068 27.78 -3.71 12.67
CA HIS A 1068 27.67 -5.08 12.22
C HIS A 1068 26.44 -5.26 11.31
N PRO A 1069 26.54 -6.12 10.31
CA PRO A 1069 25.37 -6.42 9.47
C PRO A 1069 24.31 -7.20 10.23
N GLN A 1070 23.09 -7.19 9.73
CA GLN A 1070 21.94 -7.77 10.43
C GLN A 1070 21.74 -9.19 9.94
N GLN A 1071 21.82 -10.15 10.85
CA GLN A 1071 21.45 -11.53 10.58
C GLN A 1071 20.09 -11.78 11.21
N GLU A 1072 19.22 -12.47 10.49
CA GLU A 1072 17.86 -12.73 10.93
C GLU A 1072 17.70 -14.19 11.31
N ALA A 1073 17.26 -14.45 12.53
CA ALA A 1073 16.96 -15.80 13.00
C ALA A 1073 15.45 -15.91 13.15
N PHE A 1074 14.85 -16.85 12.44
CA PHE A 1074 13.40 -16.99 12.47
C PHE A 1074 12.99 -18.07 13.45
N SER A 1075 11.87 -17.86 14.13
CA SER A 1075 11.25 -18.85 14.98
C SER A 1075 9.75 -18.84 14.74
N ILE A 1076 9.10 -19.95 15.06
CA ILE A 1076 7.68 -20.12 14.82
C ILE A 1076 6.96 -20.14 16.16
N GLN A 1077 6.13 -19.12 16.41
CA GLN A 1077 5.43 -18.97 17.67
C GLN A 1077 4.19 -19.86 17.70
N LEU A 1078 3.41 -19.73 18.76
CA LEU A 1078 2.11 -20.36 18.86
C LEU A 1078 1.23 -19.48 19.76
N ILE A 1079 0.22 -18.85 19.17
CA ILE A 1079 -0.57 -17.82 19.84
C ILE A 1079 -1.91 -18.42 20.22
N SER A 1080 -2.38 -18.13 21.44
CA SER A 1080 -3.64 -18.67 21.94
C SER A 1080 -4.75 -17.62 21.78
N PRO A 1081 -5.90 -17.97 21.23
CA PRO A 1081 -6.98 -16.99 21.12
C PRO A 1081 -7.73 -16.75 22.41
N VAL A 1082 -7.59 -17.64 23.39
CA VAL A 1082 -8.30 -17.52 24.67
C VAL A 1082 -7.80 -16.29 25.40
N SER A 1083 -6.52 -16.28 25.73
CA SER A 1083 -5.80 -15.07 26.11
C SER A 1083 -4.63 -14.95 25.17
N TRP A 1084 -4.42 -13.75 24.61
CA TRP A 1084 -3.54 -13.62 23.45
C TRP A 1084 -2.06 -13.65 23.78
N GLU A 1085 -1.69 -14.07 24.99
CA GLU A 1085 -0.29 -14.34 25.30
C GLU A 1085 0.21 -15.52 24.47
N ALA A 1086 1.47 -15.46 24.08
CA ALA A 1086 2.09 -16.58 23.39
C ALA A 1086 2.23 -17.77 24.33
N ILE A 1087 1.95 -18.96 23.81
CA ILE A 1087 1.99 -20.19 24.59
C ILE A 1087 3.43 -20.51 24.97
N PRO A 1088 3.74 -20.64 26.26
CA PRO A 1088 5.11 -20.99 26.65
C PRO A 1088 5.44 -22.42 26.27
N ASN A 1089 6.74 -22.66 26.06
CA ASN A 1089 7.35 -23.96 25.78
C ASN A 1089 6.84 -24.55 24.47
N ALA A 1090 6.32 -23.68 23.59
CA ALA A 1090 5.87 -24.07 22.27
C ALA A 1090 6.45 -23.09 21.26
N ARG A 1091 7.68 -23.36 20.82
CA ARG A 1091 8.33 -22.53 19.82
C ARG A 1091 9.30 -23.39 19.05
N ILE A 1092 9.11 -23.44 17.73
CA ILE A 1092 10.03 -24.11 16.83
C ILE A 1092 11.01 -23.05 16.36
N GLU A 1093 12.26 -23.18 16.77
CA GLU A 1093 13.33 -22.27 16.34
C GLU A 1093 14.07 -22.93 15.18
N LEU A 1094 14.30 -22.16 14.13
CA LEU A 1094 14.88 -22.71 12.90
C LEU A 1094 16.40 -22.71 13.00
N GLN A 1095 17.07 -22.94 11.88
CA GLN A 1095 18.52 -23.06 11.89
C GLN A 1095 19.18 -21.69 11.94
N GLU A 1096 20.49 -21.68 11.70
CA GLU A 1096 21.29 -20.46 11.90
C GLU A 1096 21.02 -19.43 10.82
N TRP A 1097 20.91 -19.88 9.57
CA TRP A 1097 20.76 -18.98 8.44
C TRP A 1097 19.42 -19.11 7.75
N GLU A 1098 18.42 -19.68 8.41
CA GLU A 1098 17.25 -20.20 7.72
C GLU A 1098 16.13 -19.17 7.75
N HIS A 1099 15.43 -19.03 6.63
CA HIS A 1099 14.34 -18.08 6.44
C HIS A 1099 13.08 -18.79 5.97
N VAL A 1100 11.96 -18.43 6.58
CA VAL A 1100 10.65 -19.01 6.29
C VAL A 1100 10.08 -18.28 5.09
N THR A 1101 9.84 -19.01 4.01
CA THR A 1101 9.33 -18.37 2.81
C THR A 1101 7.81 -18.44 2.74
N CYS A 1102 7.19 -19.41 3.41
CA CYS A 1102 5.75 -19.55 3.38
C CYS A 1102 5.25 -20.34 4.58
N MET A 1103 4.07 -19.97 5.06
CA MET A 1103 3.30 -20.79 6.00
C MET A 1103 1.84 -20.77 5.58
N LYS A 1104 1.25 -21.95 5.44
CA LYS A 1104 -0.18 -22.07 5.20
C LYS A 1104 -0.72 -23.22 6.02
N THR A 1105 -2.03 -23.25 6.20
CA THR A 1105 -2.68 -24.37 6.84
C THR A 1105 -3.06 -25.39 5.77
N VAL A 1106 -2.31 -26.48 5.70
CA VAL A 1106 -2.43 -27.44 4.61
C VAL A 1106 -3.13 -28.69 5.15
N SER A 1107 -4.26 -29.05 4.54
CA SER A 1107 -5.04 -30.21 4.98
C SER A 1107 -4.64 -31.42 4.15
N LEU A 1108 -3.72 -32.21 4.67
CA LEU A 1108 -3.36 -33.47 4.03
C LEU A 1108 -4.38 -34.52 4.43
N ARG A 1109 -4.46 -35.60 3.67
CA ARG A 1109 -5.46 -36.63 3.94
C ARG A 1109 -4.86 -37.73 4.79
N SER A 1110 -5.71 -38.35 5.61
CA SER A 1110 -5.28 -39.39 6.53
C SER A 1110 -6.43 -40.36 6.77
N GLU A 1111 -6.08 -41.62 7.02
CA GLU A 1111 -7.08 -42.64 7.33
C GLU A 1111 -7.44 -42.67 8.81
N GLU A 1112 -6.88 -41.76 9.61
CA GLU A 1112 -7.14 -41.76 11.04
C GLU A 1112 -8.51 -41.15 11.35
N THR A 1113 -8.80 -40.00 10.76
CA THR A 1113 -10.06 -39.32 11.04
C THR A 1113 -11.19 -39.94 10.22
N VAL A 1114 -12.42 -39.58 10.59
CA VAL A 1114 -13.59 -40.10 9.89
C VAL A 1114 -13.91 -39.20 8.69
N SER A 1115 -13.37 -37.99 8.67
CA SER A 1115 -13.44 -37.12 7.51
C SER A 1115 -12.29 -37.44 6.57
N GLY A 1116 -12.05 -36.56 5.60
CA GLY A 1116 -10.94 -36.78 4.70
C GLY A 1116 -9.64 -36.15 5.16
N LEU A 1117 -9.71 -35.02 5.87
CA LEU A 1117 -8.58 -34.14 6.05
C LEU A 1117 -8.23 -34.04 7.53
N LYS A 1118 -7.06 -33.47 7.83
CA LYS A 1118 -6.68 -33.17 9.20
C LYS A 1118 -6.31 -31.71 9.45
N GLY A 1119 -5.91 -30.98 8.43
CA GLY A 1119 -5.54 -29.59 8.63
C GLY A 1119 -4.23 -29.40 9.38
N TYR A 1120 -3.13 -29.76 8.73
CA TYR A 1120 -1.81 -29.55 9.32
C TYR A 1120 -1.37 -28.10 9.14
N VAL A 1121 -0.21 -27.79 9.70
CA VAL A 1121 0.47 -26.53 9.44
C VAL A 1121 1.79 -26.86 8.76
N ALA A 1122 1.98 -26.36 7.55
CA ALA A 1122 3.15 -26.68 6.75
C ALA A 1122 3.91 -25.41 6.45
N ALA A 1123 5.22 -25.43 6.66
CA ALA A 1123 6.07 -24.27 6.48
C ALA A 1123 7.21 -24.65 5.55
N GLY A 1124 7.37 -23.89 4.47
CA GLY A 1124 8.48 -24.09 3.57
C GLY A 1124 9.55 -23.05 3.84
N THR A 1125 10.80 -23.50 3.93
CA THR A 1125 11.86 -22.63 4.41
C THR A 1125 13.22 -23.06 3.89
N CYS A 1126 14.07 -22.08 3.62
CA CYS A 1126 15.36 -22.30 2.98
C CYS A 1126 16.40 -21.32 3.54
N LEU A 1127 17.65 -21.55 3.18
CA LEU A 1127 18.79 -20.85 3.78
C LEU A 1127 19.36 -19.80 2.84
N MET A 1128 19.46 -18.57 3.33
CA MET A 1128 20.10 -17.49 2.58
C MET A 1128 21.50 -17.28 3.11
N GLN A 1129 22.49 -17.71 2.34
CA GLN A 1129 23.89 -17.56 2.70
C GLN A 1129 24.71 -16.89 1.60
N GLY A 1130 24.12 -15.94 0.87
CA GLY A 1130 24.82 -15.25 -0.19
C GLY A 1130 24.67 -15.96 -1.53
N GLU A 1131 25.05 -15.23 -2.58
CA GLU A 1131 24.88 -15.75 -3.92
C GLU A 1131 25.91 -16.82 -4.28
N GLU A 1132 27.04 -16.88 -3.58
CA GLU A 1132 28.06 -17.86 -3.91
C GLU A 1132 27.78 -19.22 -3.29
N VAL A 1133 26.69 -19.38 -2.55
CA VAL A 1133 26.35 -20.64 -1.89
C VAL A 1133 25.02 -21.11 -2.42
N THR A 1134 24.93 -22.40 -2.76
CA THR A 1134 23.70 -22.96 -3.31
C THR A 1134 22.59 -22.97 -2.27
N CYS A 1135 21.45 -22.38 -2.60
CA CYS A 1135 20.33 -22.30 -1.69
C CYS A 1135 19.55 -23.61 -1.72
N ARG A 1136 19.41 -24.25 -0.56
CA ARG A 1136 18.60 -25.46 -0.42
C ARG A 1136 17.56 -25.25 0.67
N GLY A 1137 16.46 -25.99 0.59
CA GLY A 1137 15.33 -25.76 1.46
C GLY A 1137 14.96 -26.97 2.29
N ARG A 1138 13.86 -26.81 3.03
CA ARG A 1138 13.41 -27.83 3.97
C ARG A 1138 11.92 -27.64 4.21
N ILE A 1139 11.14 -28.70 3.99
CA ILE A 1139 9.69 -28.67 4.16
C ILE A 1139 9.39 -29.14 5.59
N LEU A 1140 8.63 -28.33 6.32
CA LEU A 1140 8.37 -28.55 7.74
C LEU A 1140 6.87 -28.67 7.95
N ILE A 1141 6.40 -29.89 8.24
CA ILE A 1141 4.98 -30.17 8.46
C ILE A 1141 4.75 -30.36 9.95
N MET A 1142 3.84 -29.58 10.51
CA MET A 1142 3.59 -29.56 11.94
C MET A 1142 2.12 -29.75 12.22
N ASP A 1143 1.82 -30.35 13.36
CA ASP A 1143 0.45 -30.55 13.82
C ASP A 1143 0.38 -30.23 15.30
N VAL A 1144 -0.73 -29.60 15.70
CA VAL A 1144 -0.96 -29.20 17.08
C VAL A 1144 -1.65 -30.35 17.81
N ILE A 1145 -1.09 -30.75 18.93
CA ILE A 1145 -1.58 -31.90 19.69
C ILE A 1145 -1.89 -31.45 21.11
N GLU A 1146 -3.11 -31.72 21.55
CA GLU A 1146 -3.53 -31.44 22.91
C GLU A 1146 -2.89 -32.47 23.85
N VAL A 1147 -2.17 -31.97 24.86
CA VAL A 1147 -1.54 -32.84 25.85
C VAL A 1147 -2.06 -32.45 27.23
N VAL A 1148 -1.56 -33.11 28.27
CA VAL A 1148 -1.91 -32.73 29.64
C VAL A 1148 -1.22 -31.40 29.97
N PRO A 1149 -1.92 -30.47 30.60
CA PRO A 1149 -1.34 -29.15 30.83
C PRO A 1149 -0.37 -29.14 31.99
N GLU A 1150 0.62 -28.27 31.91
CA GLU A 1150 1.50 -28.00 33.04
C GLU A 1150 0.70 -27.33 34.15
N PRO A 1151 0.89 -27.72 35.41
CA PRO A 1151 0.09 -27.13 36.50
C PRO A 1151 0.40 -25.66 36.73
N GLY A 1152 -0.66 -24.86 36.83
CA GLY A 1152 -0.54 -23.42 36.93
C GLY A 1152 -0.56 -22.69 35.61
N GLN A 1153 -0.52 -23.41 34.48
CA GLN A 1153 -0.49 -22.80 33.15
C GLN A 1153 -1.48 -23.53 32.28
N PRO A 1154 -2.72 -23.02 32.18
CA PRO A 1154 -3.73 -23.72 31.37
C PRO A 1154 -3.51 -23.57 29.88
N LEU A 1155 -2.69 -22.61 29.45
CA LEU A 1155 -2.42 -22.42 28.03
C LEU A 1155 -1.48 -23.47 27.48
N THR A 1156 -0.76 -24.21 28.34
CA THR A 1156 0.23 -25.17 27.90
C THR A 1156 -0.34 -26.53 27.57
N LYS A 1157 -1.63 -26.62 27.28
CA LYS A 1157 -2.21 -27.89 26.83
C LYS A 1157 -1.89 -28.19 25.38
N ASN A 1158 -1.43 -27.20 24.61
CA ASN A 1158 -1.14 -27.36 23.19
C ASN A 1158 0.35 -27.25 22.95
N LYS A 1159 0.85 -28.01 21.99
CA LYS A 1159 2.28 -28.06 21.69
C LYS A 1159 2.45 -28.62 20.29
N PHE A 1160 3.47 -28.12 19.58
CA PHE A 1160 3.77 -28.64 18.25
C PHE A 1160 4.30 -30.06 18.32
N LYS A 1161 3.95 -30.87 17.33
CA LYS A 1161 4.66 -32.10 17.03
C LYS A 1161 5.01 -32.09 15.55
N VAL A 1162 6.29 -32.24 15.24
CA VAL A 1162 6.75 -32.20 13.87
C VAL A 1162 6.70 -33.62 13.29
N LEU A 1163 5.88 -33.80 12.25
CA LEU A 1163 5.81 -35.09 11.55
C LEU A 1163 6.96 -35.21 10.56
N TYR A 1164 7.24 -34.14 9.83
CA TYR A 1164 8.16 -34.17 8.71
C TYR A 1164 9.10 -32.96 8.78
N GLU A 1165 10.40 -33.23 8.72
CA GLU A 1165 11.43 -32.19 8.61
C GLU A 1165 12.61 -32.80 7.85
N LYS A 1166 12.63 -32.60 6.53
CA LYS A 1166 13.72 -33.13 5.71
C LYS A 1166 14.18 -32.06 4.74
N GLU A 1167 15.50 -31.97 4.54
CA GLU A 1167 16.05 -30.98 3.63
C GLU A 1167 15.84 -31.41 2.20
N GLN A 1168 15.22 -30.56 1.40
CA GLN A 1168 14.84 -30.87 0.03
C GLN A 1168 16.02 -30.69 -0.91
N LYS A 1169 15.76 -30.87 -2.20
CA LYS A 1169 16.78 -30.66 -3.21
C LYS A 1169 16.59 -29.31 -3.88
N GLY A 1170 16.96 -28.24 -3.18
CA GLY A 1170 16.76 -26.91 -3.68
C GLY A 1170 15.91 -26.10 -2.74
N PRO A 1171 15.66 -24.83 -3.07
CA PRO A 1171 14.86 -23.98 -2.18
C PRO A 1171 13.40 -24.37 -2.17
N VAL A 1172 12.68 -24.09 -1.09
CA VAL A 1172 11.24 -24.31 -1.03
C VAL A 1172 10.58 -22.95 -0.88
N THR A 1173 9.73 -22.60 -1.84
CA THR A 1173 9.27 -21.23 -2.02
C THR A 1173 7.79 -21.07 -1.71
N ALA A 1174 6.96 -22.04 -2.05
CA ALA A 1174 5.53 -21.95 -1.77
C ALA A 1174 4.96 -23.34 -1.54
N LEU A 1175 3.86 -23.40 -0.79
CA LEU A 1175 3.19 -24.66 -0.45
C LEU A 1175 1.71 -24.55 -0.72
N CYS A 1176 1.07 -25.69 -1.01
CA CYS A 1176 -0.36 -25.78 -1.23
C CYS A 1176 -0.97 -27.11 -0.82
N HIS A 1177 -2.22 -27.27 -1.20
CA HIS A 1177 -2.94 -28.48 -0.90
C HIS A 1177 -3.98 -28.66 -1.98
N CYS A 1178 -4.06 -29.90 -2.40
CA CYS A 1178 -4.93 -30.38 -3.48
C CYS A 1178 -5.46 -31.76 -3.13
N ASN A 1179 -6.65 -31.80 -2.52
CA ASN A 1179 -7.36 -33.03 -2.15
C ASN A 1179 -6.52 -33.94 -1.26
N GLY A 1180 -5.76 -33.35 -0.35
CA GLY A 1180 -4.89 -34.11 0.51
C GLY A 1180 -3.48 -34.29 -0.01
N HIS A 1181 -3.10 -33.56 -1.06
CA HIS A 1181 -1.73 -33.58 -1.56
C HIS A 1181 -1.06 -32.25 -1.25
N LEU A 1182 0.17 -32.32 -0.76
CA LEU A 1182 0.97 -31.13 -0.52
C LEU A 1182 1.65 -30.73 -1.81
N VAL A 1183 1.44 -29.49 -2.25
CA VAL A 1183 1.98 -29.01 -3.51
C VAL A 1183 3.11 -28.05 -3.18
N SER A 1184 4.35 -28.47 -3.44
CA SER A 1184 5.52 -27.67 -3.13
C SER A 1184 6.19 -27.21 -4.41
N ALA A 1185 6.74 -26.00 -4.41
CA ALA A 1185 7.45 -25.44 -5.56
C ALA A 1185 8.93 -25.33 -5.22
N ILE A 1186 9.75 -26.21 -5.79
CA ILE A 1186 11.19 -26.18 -5.60
C ILE A 1186 11.85 -25.72 -6.89
N GLY A 1187 12.50 -24.57 -6.83
CA GLY A 1187 13.27 -24.07 -7.97
C GLY A 1187 12.37 -23.69 -9.12
N GLN A 1188 12.55 -24.38 -10.25
CA GLN A 1188 11.63 -24.28 -11.37
C GLN A 1188 10.73 -25.49 -11.51
N LYS A 1189 10.56 -26.27 -10.45
CA LYS A 1189 9.70 -27.44 -10.47
C LYS A 1189 8.67 -27.36 -9.35
N ILE A 1190 7.50 -27.91 -9.63
CA ILE A 1190 6.40 -27.80 -8.69
C ILE A 1190 5.87 -29.15 -8.27
N PHE A 1191 6.67 -29.88 -7.51
CA PHE A 1191 6.28 -31.20 -7.05
C PHE A 1191 4.98 -31.18 -6.26
N LEU A 1192 4.19 -32.22 -6.45
CA LEU A 1192 2.93 -32.39 -5.75
C LEU A 1192 3.16 -33.59 -4.87
N TRP A 1193 3.65 -33.38 -3.65
CA TRP A 1193 3.95 -34.55 -2.83
C TRP A 1193 2.68 -35.25 -2.37
N SER A 1194 2.86 -36.44 -1.83
CA SER A 1194 1.79 -37.18 -1.14
C SER A 1194 2.31 -37.63 0.20
N LEU A 1195 1.47 -37.55 1.22
CA LEU A 1195 1.86 -37.86 2.59
C LEU A 1195 1.59 -39.33 2.89
N ARG A 1196 2.63 -40.05 3.25
CA ARG A 1196 2.53 -41.42 3.74
C ARG A 1196 2.44 -41.37 5.25
N ALA A 1197 2.70 -42.52 5.88
CA ALA A 1197 2.75 -42.66 7.34
C ALA A 1197 3.68 -41.64 8.00
N SER A 1198 4.88 -41.48 7.46
CA SER A 1198 5.86 -40.57 8.04
C SER A 1198 6.58 -39.70 7.02
N GLU A 1199 6.50 -40.02 5.73
CA GLU A 1199 7.33 -39.38 4.72
C GLU A 1199 6.49 -38.88 3.55
N LEU A 1200 7.03 -37.90 2.85
CA LEU A 1200 6.46 -37.38 1.61
C LEU A 1200 7.02 -38.14 0.41
N THR A 1201 6.13 -38.60 -0.46
CA THR A 1201 6.51 -39.26 -1.70
C THR A 1201 5.99 -38.45 -2.88
N GLY A 1202 6.86 -38.22 -3.86
CA GLY A 1202 6.48 -37.41 -5.00
C GLY A 1202 5.63 -38.18 -6.00
N MET A 1203 4.71 -37.47 -6.64
CA MET A 1203 3.83 -38.08 -7.64
C MET A 1203 4.03 -37.48 -9.02
N ALA A 1204 3.95 -36.15 -9.18
CA ALA A 1204 3.94 -35.55 -10.50
C ALA A 1204 4.41 -34.11 -10.45
N PHE A 1205 5.32 -33.76 -11.35
CA PHE A 1205 5.84 -32.39 -11.45
C PHE A 1205 5.82 -31.90 -12.89
N ILE A 1206 6.02 -30.59 -13.03
CA ILE A 1206 6.30 -29.96 -14.32
C ILE A 1206 7.46 -28.99 -14.13
N ASP A 1207 7.88 -28.40 -15.25
CA ASP A 1207 8.93 -27.38 -15.25
C ASP A 1207 8.26 -26.02 -15.39
N THR A 1208 8.24 -25.24 -14.31
CA THR A 1208 7.64 -23.93 -14.35
C THR A 1208 8.71 -22.85 -14.54
N GLN A 1209 8.29 -21.60 -14.52
CA GLN A 1209 9.15 -20.44 -14.75
C GLN A 1209 9.94 -20.09 -13.49
N LEU A 1210 10.51 -18.88 -13.48
CA LEU A 1210 11.66 -18.49 -12.67
C LEU A 1210 11.55 -18.71 -11.16
N TYR A 1211 10.65 -18.00 -10.50
CA TYR A 1211 10.56 -18.06 -9.05
C TYR A 1211 9.08 -17.97 -8.67
N ILE A 1212 8.45 -19.12 -8.51
CA ILE A 1212 7.07 -19.16 -8.06
C ILE A 1212 7.02 -18.84 -6.56
N HIS A 1213 6.31 -17.78 -6.19
CA HIS A 1213 6.29 -17.40 -4.78
C HIS A 1213 4.93 -17.51 -4.14
N GLN A 1214 3.86 -17.35 -4.90
CA GLN A 1214 2.50 -17.59 -4.41
C GLN A 1214 1.85 -18.70 -5.22
N MET A 1215 1.13 -19.58 -4.53
CA MET A 1215 0.27 -20.57 -5.15
C MET A 1215 -1.00 -20.70 -4.33
N ILE A 1216 -2.14 -20.89 -5.00
CA ILE A 1216 -3.39 -21.33 -4.39
C ILE A 1216 -4.01 -22.36 -5.31
N SER A 1217 -5.08 -23.01 -4.83
CA SER A 1217 -5.73 -24.04 -5.62
C SER A 1217 -7.16 -24.25 -5.12
N VAL A 1218 -8.04 -24.60 -6.05
CA VAL A 1218 -9.42 -24.81 -5.74
C VAL A 1218 -9.90 -25.97 -6.56
N LYS A 1219 -10.24 -27.06 -5.89
CA LYS A 1219 -10.74 -28.27 -6.53
C LYS A 1219 -9.87 -28.78 -7.67
N ASN A 1220 -8.70 -29.30 -7.32
CA ASN A 1220 -7.75 -29.87 -8.29
C ASN A 1220 -7.19 -28.99 -9.42
N PHE A 1221 -7.27 -27.67 -9.26
CA PHE A 1221 -6.74 -26.75 -10.25
C PHE A 1221 -5.77 -25.84 -9.54
N ILE A 1222 -4.48 -25.91 -9.81
CA ILE A 1222 -3.61 -25.00 -9.08
C ILE A 1222 -3.43 -23.72 -9.89
N LEU A 1223 -3.29 -22.59 -9.19
CA LEU A 1223 -2.82 -21.34 -9.77
C LEU A 1223 -1.46 -21.02 -9.16
N ALA A 1224 -0.55 -20.46 -9.96
CA ALA A 1224 0.79 -20.14 -9.50
C ALA A 1224 1.13 -18.71 -9.89
N ALA A 1225 2.13 -18.14 -9.23
CA ALA A 1225 2.48 -16.74 -9.39
C ALA A 1225 3.99 -16.58 -9.42
N ASP A 1226 4.51 -16.09 -10.55
CA ASP A 1226 5.92 -15.80 -10.68
C ASP A 1226 6.20 -14.36 -10.25
N VAL A 1227 7.47 -14.05 -10.03
CA VAL A 1227 7.98 -12.70 -9.87
C VAL A 1227 7.73 -11.91 -11.15
N MET A 1228 7.93 -12.54 -12.32
CA MET A 1228 7.93 -11.78 -13.56
C MET A 1228 6.99 -12.35 -14.63
N LYS A 1229 6.83 -13.66 -14.70
CA LYS A 1229 6.01 -14.27 -15.75
C LYS A 1229 4.55 -14.43 -15.33
N SER A 1230 4.28 -14.25 -14.04
CA SER A 1230 3.04 -13.77 -13.41
C SER A 1230 1.96 -14.83 -13.27
N ILE A 1231 1.93 -15.89 -14.08
CA ILE A 1231 0.81 -16.84 -14.09
C ILE A 1231 1.29 -18.15 -14.69
N SER A 1232 0.99 -19.26 -14.04
CA SER A 1232 0.97 -20.56 -14.70
C SER A 1232 -0.02 -21.44 -13.95
N LEU A 1233 -1.25 -21.50 -14.45
CA LEU A 1233 -2.28 -22.26 -13.77
C LEU A 1233 -2.19 -23.72 -14.21
N LEU A 1234 -2.36 -24.62 -13.28
CA LEU A 1234 -2.07 -26.03 -13.50
C LEU A 1234 -3.36 -26.82 -13.48
N ARG A 1235 -3.23 -28.13 -13.57
CA ARG A 1235 -4.33 -29.07 -13.46
C ARG A 1235 -3.76 -30.45 -13.18
N TYR A 1236 -4.28 -31.11 -12.15
CA TYR A 1236 -3.82 -32.42 -11.76
C TYR A 1236 -4.92 -33.45 -11.95
N GLN A 1237 -4.77 -34.30 -12.97
CA GLN A 1237 -5.64 -35.44 -13.12
C GLN A 1237 -5.35 -36.46 -12.01
N GLU A 1238 -6.40 -37.13 -11.56
CA GLU A 1238 -6.31 -37.97 -10.38
C GLU A 1238 -5.77 -39.35 -10.72
N GLU A 1239 -6.40 -40.02 -11.69
CA GLU A 1239 -6.15 -41.42 -12.04
C GLU A 1239 -4.72 -41.63 -12.51
N SER A 1240 -4.34 -40.97 -13.61
CA SER A 1240 -2.95 -40.91 -13.99
C SER A 1240 -2.25 -39.87 -13.11
N LYS A 1241 -1.06 -40.22 -12.63
CA LYS A 1241 -0.31 -39.34 -11.74
C LYS A 1241 0.41 -38.32 -12.60
N THR A 1242 -0.32 -37.36 -13.14
CA THR A 1242 0.28 -36.41 -14.08
C THR A 1242 -0.26 -35.02 -13.78
N LEU A 1243 0.62 -34.04 -13.96
CA LEU A 1243 0.29 -32.63 -13.76
C LEU A 1243 0.53 -31.92 -15.07
N SER A 1244 -0.34 -30.97 -15.41
CA SER A 1244 -0.27 -30.33 -16.72
C SER A 1244 -0.39 -28.82 -16.54
N LEU A 1245 -0.02 -28.11 -17.60
CA LEU A 1245 -0.16 -26.66 -17.66
C LEU A 1245 -1.34 -26.34 -18.56
N VAL A 1246 -2.39 -25.75 -17.99
CA VAL A 1246 -3.55 -25.41 -18.79
C VAL A 1246 -3.30 -24.15 -19.60
N SER A 1247 -3.06 -23.02 -18.94
CA SER A 1247 -2.93 -21.74 -19.62
C SER A 1247 -2.01 -20.87 -18.79
N ARG A 1248 -1.64 -19.73 -19.35
CA ARG A 1248 -0.71 -18.81 -18.70
C ARG A 1248 -0.88 -17.44 -19.30
N ASP A 1249 -0.42 -16.43 -18.57
CA ASP A 1249 -0.40 -15.05 -19.04
C ASP A 1249 0.87 -14.87 -19.86
N ALA A 1250 0.70 -14.58 -21.16
CA ALA A 1250 1.85 -14.50 -22.05
C ALA A 1250 2.67 -13.24 -21.80
N LYS A 1251 2.06 -12.21 -21.26
CA LYS A 1251 2.76 -10.96 -21.00
C LYS A 1251 3.62 -11.10 -19.76
N PRO A 1252 4.75 -10.40 -19.65
CA PRO A 1252 5.47 -10.35 -18.39
C PRO A 1252 4.83 -9.35 -17.44
N LEU A 1253 4.81 -9.69 -16.15
CA LEU A 1253 4.12 -8.87 -15.16
C LEU A 1253 4.62 -9.20 -13.76
N GLU A 1254 4.90 -8.17 -12.99
CA GLU A 1254 5.20 -8.34 -11.58
C GLU A 1254 3.95 -8.76 -10.84
N VAL A 1255 4.06 -9.62 -9.83
CA VAL A 1255 2.90 -10.14 -9.11
C VAL A 1255 3.22 -10.19 -7.62
N TYR A 1256 2.34 -9.62 -6.79
CA TYR A 1256 2.46 -9.84 -5.35
C TYR A 1256 1.78 -11.14 -4.94
N SER A 1257 0.46 -11.24 -5.14
CA SER A 1257 -0.24 -12.47 -4.77
C SER A 1257 -1.48 -12.63 -5.65
N VAL A 1258 -2.04 -13.83 -5.63
CA VAL A 1258 -3.14 -14.23 -6.48
C VAL A 1258 -4.34 -14.66 -5.63
N ASP A 1259 -5.50 -14.71 -6.28
CA ASP A 1259 -6.75 -15.08 -5.61
C ASP A 1259 -7.66 -15.76 -6.63
N PHE A 1260 -8.81 -16.24 -6.16
CA PHE A 1260 -9.85 -16.83 -6.98
C PHE A 1260 -11.14 -16.05 -6.82
N MET A 1261 -11.50 -15.26 -7.82
CA MET A 1261 -12.82 -14.66 -7.88
C MET A 1261 -13.84 -15.74 -8.23
N VAL A 1262 -14.88 -15.87 -7.42
CA VAL A 1262 -15.87 -16.93 -7.56
C VAL A 1262 -17.22 -16.30 -7.83
N ASP A 1263 -17.84 -16.68 -8.94
CA ASP A 1263 -19.22 -16.35 -9.27
C ASP A 1263 -19.92 -17.71 -9.34
N ASN A 1264 -21.16 -17.75 -9.85
CA ASN A 1264 -21.90 -19.00 -10.01
C ASN A 1264 -21.14 -20.03 -10.83
N ALA A 1265 -20.85 -19.71 -12.09
CA ALA A 1265 -20.06 -20.62 -12.90
C ALA A 1265 -18.72 -20.00 -13.28
N GLN A 1266 -18.62 -18.66 -13.26
CA GLN A 1266 -17.42 -17.98 -13.68
C GLN A 1266 -16.41 -17.95 -12.55
N LEU A 1267 -15.24 -18.55 -12.78
CA LEU A 1267 -14.14 -18.56 -11.83
C LEU A 1267 -13.06 -17.59 -12.31
N GLY A 1268 -12.96 -16.45 -11.66
CA GLY A 1268 -11.95 -15.46 -11.98
C GLY A 1268 -10.66 -15.69 -11.20
N PHE A 1269 -9.59 -15.10 -11.73
CA PHE A 1269 -8.24 -15.29 -11.20
C PHE A 1269 -7.70 -13.92 -10.83
N LEU A 1270 -7.98 -13.47 -9.62
CA LEU A 1270 -7.62 -12.12 -9.20
C LEU A 1270 -6.14 -12.02 -8.91
N VAL A 1271 -5.50 -10.98 -9.46
CA VAL A 1271 -4.05 -10.80 -9.40
C VAL A 1271 -3.74 -9.37 -9.00
N SER A 1272 -2.91 -9.19 -7.97
CA SER A 1272 -2.34 -7.88 -7.62
C SER A 1272 -0.88 -7.88 -8.04
N ASP A 1273 -0.37 -6.73 -8.51
CA ASP A 1273 0.70 -6.77 -9.49
C ASP A 1273 1.78 -5.70 -9.36
N ARG A 1274 2.09 -5.20 -8.14
CA ARG A 1274 3.22 -4.31 -7.82
C ARG A 1274 3.07 -2.90 -8.39
N ASP A 1275 2.12 -2.71 -9.29
CA ASP A 1275 1.90 -1.43 -9.92
C ASP A 1275 0.62 -0.79 -9.38
N ARG A 1276 0.16 -1.29 -8.23
CA ARG A 1276 -1.05 -0.86 -7.55
C ARG A 1276 -2.28 -1.04 -8.45
N ASN A 1277 -2.54 -2.28 -8.83
CA ASN A 1277 -3.65 -2.60 -9.71
C ASN A 1277 -4.31 -3.88 -9.24
N LEU A 1278 -5.45 -4.20 -9.84
CA LEU A 1278 -6.06 -5.52 -9.70
C LEU A 1278 -6.54 -5.94 -11.08
N MET A 1279 -6.44 -7.23 -11.36
CA MET A 1279 -6.85 -7.74 -12.66
C MET A 1279 -7.28 -9.18 -12.55
N VAL A 1280 -8.30 -9.53 -13.32
CA VAL A 1280 -8.97 -10.81 -13.24
C VAL A 1280 -8.82 -11.51 -14.57
N TYR A 1281 -8.09 -12.62 -14.59
CA TYR A 1281 -7.87 -13.40 -15.80
C TYR A 1281 -8.88 -14.53 -15.81
N MET A 1282 -9.39 -14.87 -16.99
CA MET A 1282 -10.25 -16.03 -17.15
C MET A 1282 -9.71 -16.94 -18.23
N TYR A 1283 -10.09 -18.21 -18.14
CA TYR A 1283 -9.72 -19.23 -19.12
C TYR A 1283 -10.91 -19.47 -20.03
N LEU A 1284 -10.83 -18.94 -21.25
CA LEU A 1284 -11.94 -18.97 -22.20
C LEU A 1284 -11.45 -19.57 -23.51
N PRO A 1285 -11.62 -20.89 -23.70
CA PRO A 1285 -11.14 -21.51 -24.94
C PRO A 1285 -11.98 -21.19 -26.16
N GLU A 1286 -13.27 -20.93 -26.00
CA GLU A 1286 -14.12 -20.69 -27.16
C GLU A 1286 -13.90 -19.29 -27.72
N ALA A 1287 -13.29 -18.40 -26.95
CA ALA A 1287 -12.93 -17.09 -27.45
C ALA A 1287 -11.80 -17.20 -28.46
N LYS A 1288 -11.80 -16.29 -29.43
CA LYS A 1288 -10.84 -16.36 -30.53
C LYS A 1288 -9.71 -15.34 -30.41
N GLU A 1289 -9.88 -14.29 -29.60
CA GLU A 1289 -8.80 -13.33 -29.40
C GLU A 1289 -7.70 -13.91 -28.52
N SER A 1290 -8.01 -14.91 -27.70
CA SER A 1290 -7.00 -15.74 -27.08
C SER A 1290 -6.69 -16.87 -28.05
N PHE A 1291 -5.54 -17.49 -27.87
CA PHE A 1291 -5.23 -18.67 -28.66
C PHE A 1291 -5.92 -19.86 -28.01
N GLY A 1292 -5.98 -20.98 -28.73
CA GLY A 1292 -6.77 -22.10 -28.26
C GLY A 1292 -6.24 -22.76 -27.00
N GLY A 1293 -6.89 -22.43 -25.89
CA GLY A 1293 -6.58 -23.04 -24.60
C GLY A 1293 -5.17 -22.80 -24.08
N MET A 1294 -4.54 -21.69 -24.46
CA MET A 1294 -3.18 -21.45 -24.01
C MET A 1294 -2.99 -20.09 -23.35
N ARG A 1295 -3.65 -19.06 -23.86
CA ARG A 1295 -3.45 -17.71 -23.35
C ARG A 1295 -4.62 -17.30 -22.47
N LEU A 1296 -4.31 -16.69 -21.33
CA LEU A 1296 -5.37 -16.12 -20.52
C LEU A 1296 -5.68 -14.70 -20.98
N LEU A 1297 -6.84 -14.21 -20.58
CA LEU A 1297 -7.31 -12.88 -20.94
C LEU A 1297 -7.81 -12.17 -19.70
N ARG A 1298 -7.34 -10.94 -19.48
CA ARG A 1298 -7.85 -10.13 -18.39
C ARG A 1298 -9.23 -9.62 -18.76
N ARG A 1299 -10.15 -9.63 -17.81
CA ARG A 1299 -11.52 -9.25 -18.07
C ARG A 1299 -11.98 -8.07 -17.23
N ALA A 1300 -11.23 -7.71 -16.19
CA ALA A 1300 -11.58 -6.57 -15.36
C ALA A 1300 -10.28 -5.96 -14.87
N ASP A 1301 -10.15 -4.65 -14.98
CA ASP A 1301 -8.95 -3.95 -14.57
C ASP A 1301 -9.34 -2.82 -13.63
N PHE A 1302 -8.51 -2.58 -12.63
CA PHE A 1302 -8.86 -1.65 -11.57
C PHE A 1302 -7.62 -1.23 -10.81
N HIS A 1303 -7.35 0.06 -10.76
CA HIS A 1303 -6.19 0.59 -10.06
C HIS A 1303 -6.51 0.86 -8.60
N VAL A 1304 -6.16 -0.08 -7.73
CA VAL A 1304 -6.27 0.18 -6.30
C VAL A 1304 -5.14 1.09 -5.88
N GLY A 1305 -5.32 1.82 -4.79
CA GLY A 1305 -4.31 2.78 -4.41
C GLY A 1305 -3.11 2.17 -3.73
N ALA A 1306 -3.20 0.90 -3.36
CA ALA A 1306 -2.24 0.32 -2.45
C ALA A 1306 -1.95 -1.12 -2.84
N HIS A 1307 -0.83 -1.62 -2.32
CA HIS A 1307 -0.36 -2.96 -2.60
C HIS A 1307 -1.20 -3.99 -1.85
N VAL A 1308 -1.28 -5.21 -2.39
CA VAL A 1308 -2.12 -6.26 -1.81
C VAL A 1308 -1.29 -7.54 -1.70
N ASN A 1309 -1.25 -8.12 -0.50
CA ASN A 1309 -0.65 -9.44 -0.30
C ASN A 1309 -1.66 -10.49 0.14
N THR A 1310 -2.63 -10.10 0.96
CA THR A 1310 -3.55 -11.05 1.54
C THR A 1310 -4.81 -11.19 0.68
N PHE A 1311 -5.43 -12.36 0.76
CA PHE A 1311 -6.70 -12.62 0.10
C PHE A 1311 -7.51 -13.62 0.88
N TRP A 1312 -8.79 -13.31 1.07
CA TRP A 1312 -9.75 -14.12 1.82
C TRP A 1312 -10.91 -14.45 0.90
N ARG A 1313 -11.65 -15.51 1.23
CA ARG A 1313 -12.94 -15.71 0.60
C ARG A 1313 -13.95 -16.01 1.69
N THR A 1314 -15.08 -15.32 1.64
CA THR A 1314 -16.16 -15.56 2.58
C THR A 1314 -17.39 -15.93 1.76
N PRO A 1315 -18.33 -16.64 2.34
CA PRO A 1315 -19.57 -16.90 1.60
C PRO A 1315 -20.46 -15.68 1.50
N CYS A 1316 -21.54 -15.81 0.74
CA CYS A 1316 -22.58 -14.80 0.61
C CYS A 1316 -23.47 -14.81 1.87
N ARG A 1317 -24.50 -13.98 1.86
CA ARG A 1317 -25.47 -13.99 2.95
C ARG A 1317 -26.88 -14.31 2.46
N TRP A 1330 -27.34 -12.98 -5.33
CA TRP A 1330 -26.08 -13.50 -4.82
C TRP A 1330 -26.24 -14.94 -4.40
N GLU A 1331 -26.84 -15.73 -5.28
CA GLU A 1331 -27.09 -17.14 -5.02
C GLU A 1331 -25.85 -17.89 -4.56
N ASN A 1332 -24.74 -17.70 -5.26
CA ASN A 1332 -23.58 -18.53 -5.03
C ASN A 1332 -22.25 -17.82 -5.26
N LYS A 1333 -22.24 -16.51 -5.15
CA LYS A 1333 -21.01 -15.75 -5.37
C LYS A 1333 -20.32 -15.33 -4.09
N HIS A 1334 -19.08 -15.79 -3.95
CA HIS A 1334 -18.20 -15.52 -2.83
C HIS A 1334 -17.61 -14.11 -2.94
N ILE A 1335 -17.51 -13.45 -1.79
CA ILE A 1335 -16.80 -12.18 -1.68
C ILE A 1335 -15.32 -12.48 -1.47
N THR A 1336 -14.47 -11.91 -2.31
CA THR A 1336 -13.02 -12.14 -2.18
C THR A 1336 -12.41 -10.90 -1.57
N TRP A 1337 -12.29 -10.91 -0.24
CA TRP A 1337 -11.75 -9.82 0.54
C TRP A 1337 -10.25 -9.71 0.31
N PHE A 1338 -9.67 -8.56 0.66
CA PHE A 1338 -8.23 -8.36 0.71
C PHE A 1338 -7.90 -7.18 1.61
N ALA A 1339 -6.74 -7.25 2.25
CA ALA A 1339 -6.26 -6.21 3.14
C ALA A 1339 -5.08 -5.51 2.50
N THR A 1340 -5.25 -4.24 2.16
CA THR A 1340 -4.23 -3.50 1.42
C THR A 1340 -3.03 -3.22 2.33
N LEU A 1341 -1.86 -3.20 1.70
CA LEU A 1341 -0.59 -3.10 2.41
C LEU A 1341 -0.37 -1.73 3.02
N ASP A 1342 -1.10 -0.72 2.58
CA ASP A 1342 -1.01 0.61 3.18
C ASP A 1342 -2.08 0.84 4.25
N GLY A 1343 -2.55 -0.21 4.92
CA GLY A 1343 -3.38 -0.07 6.10
C GLY A 1343 -4.79 -0.60 5.99
N GLY A 1344 -5.47 -0.42 4.85
CA GLY A 1344 -6.89 -0.68 4.78
C GLY A 1344 -7.25 -2.10 4.35
N ILE A 1345 -8.56 -2.34 4.23
CA ILE A 1345 -9.11 -3.63 3.83
C ILE A 1345 -10.17 -3.38 2.76
N GLY A 1346 -10.13 -4.16 1.67
CA GLY A 1346 -11.03 -3.92 0.56
C GLY A 1346 -11.89 -5.12 0.24
N LEU A 1347 -12.71 -4.97 -0.79
CA LEU A 1347 -13.70 -5.94 -1.20
C LEU A 1347 -13.65 -6.14 -2.70
N LEU A 1348 -14.07 -7.31 -3.16
CA LEU A 1348 -14.57 -7.47 -4.51
C LEU A 1348 -15.83 -8.32 -4.50
N LEU A 1349 -16.93 -7.73 -4.93
CA LEU A 1349 -18.24 -8.37 -4.93
C LEU A 1349 -18.68 -8.54 -6.38
N PRO A 1350 -18.79 -9.77 -6.88
CA PRO A 1350 -19.25 -9.98 -8.25
C PRO A 1350 -20.72 -9.61 -8.39
N MET A 1351 -21.11 -9.13 -9.57
CA MET A 1351 -22.48 -8.75 -9.82
C MET A 1351 -22.94 -9.27 -11.16
N GLN A 1352 -24.25 -9.20 -11.39
CA GLN A 1352 -24.81 -9.47 -12.70
C GLN A 1352 -24.57 -8.28 -13.62
N GLU A 1353 -24.75 -8.52 -14.92
CA GLU A 1353 -24.54 -7.47 -15.91
C GLU A 1353 -25.65 -6.42 -15.83
N LYS A 1354 -26.87 -6.84 -15.50
CA LYS A 1354 -28.01 -5.93 -15.48
C LYS A 1354 -27.90 -4.93 -14.35
N THR A 1355 -27.44 -5.39 -13.18
CA THR A 1355 -27.23 -4.49 -12.05
C THR A 1355 -25.99 -3.63 -12.28
N TYR A 1356 -25.04 -4.14 -13.06
CA TYR A 1356 -23.78 -3.44 -13.32
C TYR A 1356 -24.00 -2.16 -14.13
N ARG A 1357 -24.70 -2.28 -15.26
CA ARG A 1357 -24.73 -1.17 -16.20
C ARG A 1357 -25.71 -0.08 -15.80
N ARG A 1358 -26.59 -0.34 -14.83
CA ARG A 1358 -27.33 0.75 -14.23
C ARG A 1358 -26.44 1.61 -13.35
N LEU A 1359 -25.41 0.98 -12.77
CA LEU A 1359 -24.46 1.70 -11.93
C LEU A 1359 -23.27 2.24 -12.71
N LEU A 1360 -22.94 1.65 -13.86
CA LEU A 1360 -21.92 2.23 -14.71
C LEU A 1360 -22.38 3.55 -15.31
N MET A 1361 -23.68 3.66 -15.61
CA MET A 1361 -24.23 4.94 -16.03
C MET A 1361 -24.26 5.93 -14.87
N LEU A 1362 -24.33 5.42 -13.64
CA LEU A 1362 -24.29 6.28 -12.48
C LEU A 1362 -22.89 6.82 -12.24
N GLN A 1363 -21.87 5.96 -12.35
CA GLN A 1363 -20.51 6.37 -12.08
C GLN A 1363 -20.01 7.38 -13.09
N ASN A 1364 -20.44 7.27 -14.34
CA ASN A 1364 -20.05 8.25 -15.35
C ASN A 1364 -20.73 9.59 -15.12
N ALA A 1365 -21.86 9.59 -14.40
CA ALA A 1365 -22.49 10.84 -14.03
C ALA A 1365 -21.90 11.41 -12.75
N LEU A 1366 -21.54 10.52 -11.80
CA LEU A 1366 -20.94 10.97 -10.55
C LEU A 1366 -19.54 11.51 -10.74
N THR A 1367 -18.81 11.01 -11.74
CA THR A 1367 -17.45 11.48 -11.99
C THR A 1367 -17.46 12.91 -12.51
N THR A 1368 -18.39 13.22 -13.42
CA THR A 1368 -18.40 14.51 -14.09
C THR A 1368 -18.94 15.62 -13.20
N MET A 1369 -20.12 15.42 -12.62
CA MET A 1369 -20.90 16.53 -12.07
C MET A 1369 -20.64 16.79 -10.59
N LEU A 1370 -19.59 16.21 -10.01
CA LEU A 1370 -19.37 16.53 -8.61
C LEU A 1370 -17.98 17.14 -8.41
N PRO A 1371 -17.86 18.17 -7.56
CA PRO A 1371 -16.54 18.78 -7.25
C PRO A 1371 -15.69 17.94 -6.30
N HIS A 1372 -14.91 17.03 -6.87
CA HIS A 1372 -14.09 16.12 -6.08
C HIS A 1372 -12.94 16.87 -5.42
N HIS A 1373 -12.35 16.23 -4.41
CA HIS A 1373 -11.26 16.84 -3.66
C HIS A 1373 -9.99 16.92 -4.49
N ALA A 1374 -9.28 18.05 -4.34
CA ALA A 1374 -8.04 18.37 -5.06
C ALA A 1374 -8.20 18.35 -6.57
N GLY A 1375 -9.42 18.64 -7.05
CA GLY A 1375 -9.73 18.76 -8.47
C GLY A 1375 -9.43 17.56 -9.33
N LEU A 1376 -9.62 16.37 -8.79
CA LEU A 1376 -9.09 15.17 -9.41
C LEU A 1376 -10.10 14.49 -10.31
N ASN A 1377 -9.61 13.55 -11.11
CA ASN A 1377 -10.43 12.72 -11.96
C ASN A 1377 -10.57 11.37 -11.31
N PRO A 1378 -11.75 10.99 -10.82
CA PRO A 1378 -11.90 9.64 -10.23
C PRO A 1378 -11.82 8.53 -11.25
N ARG A 1379 -12.02 8.86 -12.53
CA ARG A 1379 -11.94 7.86 -13.57
C ARG A 1379 -10.49 7.54 -13.91
N ALA A 1380 -9.67 8.57 -14.08
CA ALA A 1380 -8.29 8.37 -14.52
C ALA A 1380 -7.43 7.79 -13.40
N PHE A 1381 -7.84 8.01 -12.16
CA PHE A 1381 -7.16 7.38 -11.04
C PHE A 1381 -7.46 5.89 -10.99
N ARG A 1382 -8.68 5.49 -11.35
CA ARG A 1382 -9.04 4.08 -11.33
C ARG A 1382 -8.85 3.42 -12.69
N MET A 1383 -8.09 4.06 -13.56
CA MET A 1383 -7.74 3.50 -14.86
C MET A 1383 -6.51 2.64 -14.58
N LEU A 1384 -6.37 1.52 -15.29
CA LEU A 1384 -5.27 0.59 -15.07
C LEU A 1384 -3.85 1.10 -15.25
N HIS A 1385 -2.98 0.68 -14.34
CA HIS A 1385 -1.52 0.95 -14.29
C HIS A 1385 -0.94 2.37 -14.23
N VAL A 1386 0.37 2.39 -13.93
CA VAL A 1386 1.22 3.58 -13.77
C VAL A 1386 0.84 4.51 -12.61
N ASP A 1387 0.23 5.65 -12.92
CA ASP A 1387 -0.16 6.58 -11.87
C ASP A 1387 0.96 6.84 -10.87
N ASN A 1393 -3.56 -1.77 -23.04
CA ASN A 1393 -5.00 -1.78 -23.25
C ASN A 1393 -5.69 -2.16 -21.95
N ALA A 1394 -6.61 -1.31 -21.50
CA ALA A 1394 -7.29 -1.47 -20.23
C ALA A 1394 -8.74 -1.88 -20.49
N VAL A 1395 -9.14 -3.03 -19.94
CA VAL A 1395 -10.52 -3.47 -19.96
C VAL A 1395 -11.09 -3.33 -18.55
N ARG A 1396 -11.86 -2.26 -18.33
CA ARG A 1396 -12.35 -1.94 -17.00
C ARG A 1396 -13.76 -2.51 -16.84
N ASN A 1397 -13.96 -3.27 -15.77
CA ASN A 1397 -15.26 -3.81 -15.44
C ASN A 1397 -15.55 -3.81 -13.94
N VAL A 1398 -14.76 -3.08 -13.15
CA VAL A 1398 -14.94 -3.00 -11.71
C VAL A 1398 -15.41 -1.60 -11.39
N LEU A 1399 -16.49 -1.49 -10.62
CA LEU A 1399 -17.03 -0.19 -10.25
C LEU A 1399 -16.30 0.38 -9.04
N ASP A 1400 -16.38 1.70 -8.90
CA ASP A 1400 -15.75 2.40 -7.80
C ASP A 1400 -16.79 2.57 -6.70
N GLY A 1401 -16.78 1.65 -5.74
CA GLY A 1401 -17.79 1.70 -4.68
C GLY A 1401 -17.51 2.78 -3.66
N GLU A 1402 -16.33 3.40 -3.73
CA GLU A 1402 -16.06 4.59 -2.94
C GLU A 1402 -16.52 5.84 -3.66
N LEU A 1403 -16.87 5.74 -4.94
CA LEU A 1403 -17.51 6.85 -5.64
C LEU A 1403 -19.01 6.68 -5.69
N LEU A 1404 -19.50 5.45 -5.81
CA LEU A 1404 -20.92 5.15 -5.68
C LEU A 1404 -21.45 5.42 -4.28
N ASN A 1405 -20.57 5.44 -3.27
CA ASN A 1405 -20.96 5.82 -1.93
C ASN A 1405 -21.21 7.32 -1.81
N ARG A 1406 -20.74 8.12 -2.77
CA ARG A 1406 -21.11 9.52 -2.78
C ARG A 1406 -22.45 9.76 -3.47
N TYR A 1407 -23.12 8.70 -3.91
CA TYR A 1407 -24.51 8.85 -4.30
C TYR A 1407 -25.41 8.84 -3.08
N LEU A 1408 -25.00 8.15 -2.01
CA LEU A 1408 -25.75 8.15 -0.77
C LEU A 1408 -25.60 9.46 -0.03
N TYR A 1409 -24.49 10.16 -0.26
CA TYR A 1409 -24.18 11.38 0.47
C TYR A 1409 -24.93 12.58 -0.09
N LEU A 1410 -25.43 12.48 -1.31
CA LEU A 1410 -26.22 13.54 -1.91
C LEU A 1410 -27.58 13.64 -1.25
N SER A 1411 -28.10 14.87 -1.20
CA SER A 1411 -29.45 15.10 -0.72
C SER A 1411 -30.45 14.53 -1.71
N THR A 1412 -31.62 14.14 -1.22
CA THR A 1412 -32.61 13.59 -2.14
C THR A 1412 -33.46 14.69 -2.80
N MET A 1413 -33.06 15.95 -2.66
CA MET A 1413 -33.41 16.94 -3.67
C MET A 1413 -32.48 16.84 -4.87
N GLU A 1414 -31.20 16.62 -4.62
CA GLU A 1414 -30.19 16.48 -5.67
C GLU A 1414 -29.98 15.05 -6.12
N ARG A 1415 -30.50 14.07 -5.38
CA ARG A 1415 -30.40 12.68 -5.81
C ARG A 1415 -31.28 12.41 -7.01
N SER A 1416 -32.40 13.12 -7.11
CA SER A 1416 -33.35 12.87 -8.19
C SER A 1416 -32.91 13.52 -9.49
N GLU A 1417 -31.96 14.45 -9.43
CA GLU A 1417 -31.51 15.09 -10.65
C GLU A 1417 -30.58 14.18 -11.45
N LEU A 1418 -29.72 13.43 -10.76
CA LEU A 1418 -28.86 12.48 -11.46
C LEU A 1418 -29.64 11.27 -11.93
N ALA A 1419 -30.73 10.94 -11.26
CA ALA A 1419 -31.53 9.80 -11.68
C ALA A 1419 -32.30 10.11 -12.96
N LYS A 1420 -32.68 11.38 -13.15
CA LYS A 1420 -33.34 11.76 -14.39
C LYS A 1420 -32.35 11.88 -15.54
N LYS A 1421 -31.09 12.22 -15.22
CA LYS A 1421 -30.10 12.35 -16.28
C LYS A 1421 -29.59 11.00 -16.75
N ILE A 1422 -29.77 9.95 -15.95
CA ILE A 1422 -29.42 8.60 -16.39
C ILE A 1422 -30.65 7.78 -16.74
N GLY A 1423 -31.84 8.24 -16.35
CA GLY A 1423 -33.07 7.64 -16.81
C GLY A 1423 -33.65 6.56 -15.92
N THR A 1424 -33.81 6.85 -14.63
CA THR A 1424 -34.47 5.95 -13.71
C THR A 1424 -34.99 6.73 -12.51
N THR A 1425 -35.67 6.03 -11.61
CA THR A 1425 -36.11 6.64 -10.36
C THR A 1425 -35.01 6.47 -9.31
N PRO A 1426 -34.93 7.36 -8.32
CA PRO A 1426 -33.89 7.20 -7.29
C PRO A 1426 -34.10 6.00 -6.38
N ASP A 1427 -35.31 5.44 -6.32
CA ASP A 1427 -35.57 4.36 -5.39
C ASP A 1427 -34.99 3.03 -5.88
N ILE A 1428 -34.77 2.91 -7.19
CA ILE A 1428 -34.15 1.71 -7.73
C ILE A 1428 -32.67 1.66 -7.39
N ILE A 1429 -31.99 2.80 -7.50
CA ILE A 1429 -30.54 2.84 -7.27
C ILE A 1429 -30.24 2.63 -5.79
N LEU A 1430 -31.12 3.12 -4.92
CA LEU A 1430 -30.97 2.87 -3.49
C LEU A 1430 -31.21 1.40 -3.16
N ASP A 1431 -32.03 0.72 -3.95
CA ASP A 1431 -32.14 -0.73 -3.83
C ASP A 1431 -30.92 -1.41 -4.41
N ASP A 1432 -30.29 -0.77 -5.41
CA ASP A 1432 -29.10 -1.37 -6.03
C ASP A 1432 -27.88 -1.23 -5.12
N LEU A 1433 -27.73 -0.07 -4.47
CA LEU A 1433 -26.51 0.18 -3.72
C LEU A 1433 -26.55 -0.43 -2.33
N LEU A 1434 -27.71 -0.43 -1.69
CA LEU A 1434 -27.76 -0.88 -0.31
C LEU A 1434 -27.79 -2.40 -0.17
N GLU A 1435 -27.98 -3.13 -1.27
CA GLU A 1435 -27.77 -4.57 -1.23
C GLU A 1435 -26.29 -4.91 -1.22
N THR A 1436 -25.46 -4.02 -1.75
CA THR A 1436 -24.01 -4.20 -1.66
C THR A 1436 -23.55 -4.04 -0.22
N ASP A 1437 -24.12 -3.07 0.51
CA ASP A 1437 -23.74 -2.85 1.89
C ASP A 1437 -24.28 -3.93 2.82
N ARG A 1438 -25.35 -4.60 2.41
CA ARG A 1438 -25.99 -5.58 3.29
C ARG A 1438 -25.27 -6.92 3.25
N VAL A 1439 -24.88 -7.38 2.06
CA VAL A 1439 -24.29 -8.69 1.92
C VAL A 1439 -22.83 -8.70 2.39
N THR A 1440 -22.17 -7.54 2.40
CA THR A 1440 -20.77 -7.44 2.78
C THR A 1440 -20.58 -7.05 4.23
N ALA A 1441 -21.48 -7.48 5.12
CA ALA A 1441 -21.38 -7.10 6.52
C ALA A 1441 -20.80 -8.23 7.35
N HIS A 1442 -19.79 -8.92 6.81
CA HIS A 1442 -19.15 -10.00 7.55
C HIS A 1442 -18.13 -9.47 8.55
N PHE A 1443 -17.32 -10.40 9.05
CA PHE A 1443 -16.23 -10.18 10.00
C PHE A 1443 -16.70 -9.55 11.30
N LYS B 70 31.73 -23.66 -8.01
CA LYS B 70 31.37 -22.26 -8.17
C LYS B 70 29.91 -22.16 -8.53
N THR B 71 29.31 -21.00 -8.25
CA THR B 71 27.89 -20.77 -8.52
C THR B 71 27.51 -19.32 -8.30
N ILE B 72 26.41 -18.92 -8.94
CA ILE B 72 25.83 -17.60 -8.72
C ILE B 72 24.33 -17.81 -8.64
N ASP B 73 23.82 -17.97 -7.42
CA ASP B 73 22.43 -18.34 -7.19
C ASP B 73 21.62 -17.07 -6.99
N TYR B 74 20.57 -16.90 -7.80
CA TYR B 74 19.72 -15.74 -7.67
C TYR B 74 18.64 -15.91 -6.60
N ASN B 75 18.58 -17.06 -5.93
CA ASN B 75 17.53 -17.28 -4.95
C ASN B 75 17.67 -16.47 -3.66
N PRO B 76 18.84 -16.30 -3.02
CA PRO B 76 18.85 -15.46 -1.81
C PRO B 76 18.67 -13.99 -2.07
N SER B 77 18.76 -13.54 -3.33
CA SER B 77 18.50 -12.15 -3.62
C SER B 77 17.00 -11.88 -3.70
N VAL B 78 16.25 -12.83 -4.28
CA VAL B 78 14.82 -12.63 -4.48
C VAL B 78 14.07 -12.73 -3.16
N ILE B 79 14.49 -13.66 -2.30
CA ILE B 79 13.86 -13.82 -0.99
C ILE B 79 14.12 -12.61 -0.11
N LYS B 80 15.32 -12.03 -0.22
CA LYS B 80 15.58 -10.78 0.48
C LYS B 80 14.76 -9.64 -0.12
N TYR B 81 14.46 -9.73 -1.41
CA TYR B 81 13.57 -8.74 -2.00
C TYR B 81 12.12 -8.94 -1.57
N LEU B 82 11.67 -10.19 -1.40
CA LEU B 82 10.29 -10.40 -1.00
C LEU B 82 10.07 -10.05 0.47
N GLU B 83 11.11 -10.21 1.30
CA GLU B 83 10.99 -9.75 2.67
C GLU B 83 11.08 -8.23 2.76
N ASN B 84 11.74 -7.59 1.80
CA ASN B 84 11.75 -6.15 1.69
C ASN B 84 10.65 -5.63 0.77
N ARG B 85 9.90 -6.53 0.13
CA ARG B 85 8.74 -6.12 -0.65
C ARG B 85 7.66 -5.48 0.22
N ILE B 86 7.59 -5.91 1.48
CA ILE B 86 6.43 -5.58 2.31
C ILE B 86 6.54 -4.17 2.87
N TRP B 87 7.58 -3.91 3.65
CA TRP B 87 7.67 -2.66 4.41
C TRP B 87 8.42 -1.55 3.70
N GLN B 88 8.70 -1.72 2.40
CA GLN B 88 9.30 -0.66 1.60
C GLN B 88 8.32 0.03 0.67
N ARG B 89 8.04 1.31 0.87
CA ARG B 89 7.11 2.00 0.00
C ARG B 89 7.73 2.27 -1.38
N ASP B 90 9.01 2.64 -1.40
CA ASP B 90 9.67 3.00 -2.65
C ASP B 90 11.11 2.47 -2.62
N GLN B 91 11.94 3.03 -3.49
CA GLN B 91 13.38 2.84 -3.32
C GLN B 91 14.02 3.94 -2.49
N ARG B 92 13.26 4.96 -2.11
CA ARG B 92 13.78 6.01 -1.24
C ARG B 92 13.69 5.61 0.23
N ASP B 93 13.11 4.46 0.52
CA ASP B 93 13.01 3.92 1.87
C ASP B 93 14.04 2.84 2.13
N MET B 94 14.83 2.45 1.12
CA MET B 94 15.69 1.28 1.24
C MET B 94 16.91 1.57 2.10
N ARG B 95 17.20 0.64 3.02
CA ARG B 95 18.44 0.63 3.77
C ARG B 95 19.60 0.38 2.81
N ALA B 96 20.61 1.26 2.86
CA ALA B 96 21.67 1.23 1.88
C ALA B 96 22.64 0.09 2.15
N ILE B 97 23.07 -0.59 1.08
CA ILE B 97 24.07 -1.63 1.17
C ILE B 97 25.41 -0.96 1.43
N GLN B 98 26.05 -1.34 2.48
CA GLN B 98 27.30 -0.69 2.82
C GLN B 98 28.48 -1.54 2.36
N PRO B 99 29.49 -0.91 1.77
CA PRO B 99 30.54 -1.68 1.08
C PRO B 99 31.48 -2.39 2.02
N ASP B 100 31.06 -3.57 2.48
CA ASP B 100 31.90 -4.48 3.23
C ASP B 100 31.54 -5.90 2.80
N ALA B 101 32.40 -6.85 3.12
CA ALA B 101 32.15 -8.24 2.75
C ALA B 101 31.14 -8.91 3.68
N GLY B 102 30.71 -8.21 4.73
CA GLY B 102 29.71 -8.73 5.64
C GLY B 102 28.28 -8.42 5.26
N TYR B 103 28.06 -7.54 4.29
CA TYR B 103 26.73 -7.15 3.87
C TYR B 103 26.27 -7.92 2.64
N TYR B 104 26.62 -9.20 2.55
CA TYR B 104 26.30 -10.02 1.38
C TYR B 104 24.83 -10.40 1.32
N ASN B 105 24.15 -10.48 2.47
CA ASN B 105 22.74 -10.86 2.46
C ASN B 105 21.85 -9.75 1.92
N ASP B 106 22.33 -8.51 1.97
CA ASP B 106 21.46 -7.36 1.69
C ASP B 106 21.31 -7.06 0.20
N LEU B 107 21.92 -7.85 -0.68
CA LEU B 107 21.74 -7.66 -2.10
C LEU B 107 20.34 -8.09 -2.53
N VAL B 108 19.67 -7.24 -3.27
CA VAL B 108 18.39 -7.57 -3.90
C VAL B 108 18.66 -7.56 -5.39
N PRO B 109 17.85 -8.20 -6.23
CA PRO B 109 18.14 -8.20 -7.68
C PRO B 109 17.74 -6.87 -8.30
N PRO B 110 17.85 -6.79 -9.63
CA PRO B 110 17.27 -5.61 -10.29
C PRO B 110 15.72 -5.77 -10.19
N ILE B 111 14.96 -4.74 -10.40
CA ILE B 111 13.53 -4.88 -10.13
C ILE B 111 13.33 -4.49 -8.66
N GLY B 112 14.41 -4.51 -7.90
CA GLY B 112 14.53 -4.11 -6.51
C GLY B 112 15.75 -3.27 -6.20
N MET B 113 15.60 -1.96 -6.23
CA MET B 113 16.69 -1.00 -6.42
C MET B 113 16.62 -0.74 -7.92
N LEU B 114 15.45 -0.26 -8.30
CA LEU B 114 15.12 0.02 -9.69
C LEU B 114 15.80 1.27 -10.22
N ASN B 115 15.82 2.34 -9.44
CA ASN B 115 16.62 3.45 -9.88
C ASN B 115 18.10 3.06 -9.61
N ASN B 116 19.04 3.98 -9.74
CA ASN B 116 20.39 3.55 -9.48
C ASN B 116 20.66 2.36 -10.36
N PRO B 117 20.44 2.55 -11.66
CA PRO B 117 20.54 1.63 -12.79
C PRO B 117 21.93 1.03 -12.97
N MET B 118 22.99 1.68 -12.50
CA MET B 118 24.34 1.12 -12.67
C MET B 118 24.32 -0.23 -12.01
N ASN B 119 23.67 -0.31 -10.86
CA ASN B 119 23.50 -1.56 -10.18
C ASN B 119 23.53 -2.57 -11.34
N ALA B 120 24.03 -3.75 -11.11
CA ALA B 120 23.94 -4.70 -12.18
C ALA B 120 24.79 -4.35 -13.37
N VAL B 121 25.74 -3.44 -13.20
CA VAL B 121 26.61 -3.17 -14.31
C VAL B 121 27.74 -4.14 -14.24
N THR B 122 27.53 -5.33 -14.76
CA THR B 122 28.37 -6.46 -14.45
C THR B 122 29.79 -6.37 -14.96
N THR B 123 30.69 -6.57 -14.02
CA THR B 123 32.11 -6.62 -14.27
C THR B 123 32.85 -7.62 -13.38
N LYS B 124 32.13 -8.52 -12.72
CA LYS B 124 32.79 -9.60 -12.00
C LYS B 124 32.77 -10.86 -12.85
N PHE B 125 33.95 -11.43 -13.07
CA PHE B 125 34.10 -12.63 -13.88
C PHE B 125 33.57 -13.85 -13.14
N VAL B 126 32.98 -14.78 -13.89
CA VAL B 126 32.49 -16.01 -13.29
C VAL B 126 33.20 -17.22 -13.89
N ARG B 127 32.88 -17.55 -15.13
CA ARG B 127 33.44 -18.73 -15.76
C ARG B 127 33.49 -18.61 -17.26
N THR B 128 34.47 -19.25 -17.88
CA THR B 128 34.61 -19.26 -19.33
C THR B 128 34.22 -20.65 -19.78
N SER B 129 33.03 -20.74 -20.35
CA SER B 129 32.43 -21.99 -20.81
C SER B 129 32.96 -22.28 -22.21
N THR B 130 33.88 -23.24 -22.30
CA THR B 130 34.51 -23.60 -23.56
C THR B 130 34.12 -25.02 -23.93
N ASN B 131 34.12 -25.31 -25.23
CA ASN B 131 33.81 -26.66 -25.70
C ASN B 131 35.09 -27.47 -25.79
N LYS B 132 34.95 -28.73 -26.21
CA LYS B 132 36.09 -29.59 -26.41
C LYS B 132 36.59 -29.46 -27.85
N VAL B 133 35.66 -29.22 -28.76
CA VAL B 133 35.95 -29.19 -30.19
C VAL B 133 36.60 -27.86 -30.54
N LYS B 134 36.39 -26.85 -29.69
CA LYS B 134 36.94 -25.49 -29.82
C LYS B 134 36.53 -24.86 -31.16
N CYS B 135 35.23 -24.59 -31.27
CA CYS B 135 34.73 -23.88 -32.43
C CYS B 135 34.28 -22.48 -32.04
N PRO B 136 34.48 -21.48 -32.91
CA PRO B 136 34.06 -20.12 -32.56
C PRO B 136 32.54 -19.98 -32.59
N VAL B 137 32.01 -19.29 -31.59
CA VAL B 137 30.58 -19.20 -31.40
C VAL B 137 30.08 -17.88 -31.95
N PHE B 138 28.81 -17.85 -32.38
CA PHE B 138 28.24 -16.65 -32.98
C PHE B 138 27.07 -16.11 -32.17
N VAL B 139 26.03 -16.90 -31.94
CA VAL B 139 24.86 -16.44 -31.19
C VAL B 139 24.74 -17.26 -29.92
N VAL B 140 24.50 -16.57 -28.80
CA VAL B 140 24.23 -17.19 -27.52
C VAL B 140 23.02 -16.49 -26.92
N ARG B 141 22.00 -17.27 -26.57
CA ARG B 141 20.77 -16.72 -25.97
C ARG B 141 20.35 -17.59 -24.80
N TRP B 142 19.66 -16.98 -23.84
CA TRP B 142 19.14 -17.72 -22.70
C TRP B 142 17.79 -18.34 -23.01
N THR B 143 17.54 -19.49 -22.40
CA THR B 143 16.19 -20.04 -22.34
C THR B 143 15.33 -19.09 -21.52
N PRO B 144 14.09 -18.77 -21.93
CA PRO B 144 13.34 -17.69 -21.27
C PRO B 144 12.92 -17.97 -19.85
N GLU B 145 13.03 -19.20 -19.37
CA GLU B 145 12.89 -19.45 -17.94
C GLU B 145 14.23 -19.35 -17.22
N GLY B 146 15.32 -19.13 -17.93
CA GLY B 146 16.61 -18.97 -17.29
C GLY B 146 17.25 -20.24 -16.81
N ARG B 147 16.77 -21.39 -17.27
CA ARG B 147 17.32 -22.66 -16.80
C ARG B 147 18.68 -22.95 -17.40
N ARG B 148 18.91 -22.51 -18.64
CA ARG B 148 20.06 -22.99 -19.38
C ARG B 148 20.39 -22.05 -20.52
N LEU B 149 21.69 -21.88 -20.77
CA LEU B 149 22.18 -21.19 -21.96
C LEU B 149 22.42 -22.17 -23.09
N VAL B 150 21.79 -21.92 -24.23
CA VAL B 150 22.10 -22.60 -25.48
C VAL B 150 23.08 -21.71 -26.22
N THR B 151 23.98 -22.34 -26.98
CA THR B 151 25.10 -21.64 -27.61
C THR B 151 25.28 -22.12 -29.04
N GLY B 152 25.17 -21.19 -29.99
CA GLY B 152 25.39 -21.54 -31.38
C GLY B 152 26.82 -21.29 -31.83
N ALA B 153 27.42 -22.32 -32.41
CA ALA B 153 28.83 -22.28 -32.77
C ALA B 153 28.95 -22.41 -34.29
N SER B 154 30.18 -22.42 -34.78
CA SER B 154 30.44 -22.49 -36.21
C SER B 154 30.20 -23.88 -36.79
N SER B 155 30.24 -24.92 -35.97
CA SER B 155 30.01 -26.27 -36.45
C SER B 155 28.54 -26.68 -36.39
N GLY B 156 27.64 -25.73 -36.18
CA GLY B 156 26.22 -26.04 -36.12
C GLY B 156 25.80 -26.78 -34.87
N GLU B 157 26.56 -26.65 -33.78
CA GLU B 157 26.32 -27.41 -32.57
C GLU B 157 25.70 -26.50 -31.52
N PHE B 158 24.62 -26.98 -30.91
CA PHE B 158 24.06 -26.32 -29.75
C PHE B 158 24.61 -26.95 -28.48
N THR B 159 25.43 -26.20 -27.75
CA THR B 159 25.98 -26.68 -26.49
C THR B 159 25.23 -26.01 -25.37
N LEU B 160 24.41 -26.79 -24.66
CA LEU B 160 23.54 -26.26 -23.63
C LEU B 160 24.31 -26.19 -22.31
N TRP B 161 24.49 -24.97 -21.81
CA TRP B 161 25.19 -24.73 -20.56
C TRP B 161 24.19 -24.54 -19.44
N ASN B 162 24.52 -25.02 -18.26
CA ASN B 162 23.61 -24.93 -17.11
C ASN B 162 23.54 -23.48 -16.62
N GLY B 163 22.45 -23.15 -15.94
CA GLY B 163 22.15 -21.77 -15.61
C GLY B 163 22.62 -21.28 -14.26
N LEU B 164 22.87 -22.17 -13.30
CA LEU B 164 23.43 -21.77 -12.02
C LEU B 164 24.83 -22.33 -11.85
N THR B 165 24.99 -23.64 -11.92
CA THR B 165 26.29 -24.29 -11.94
C THR B 165 26.72 -24.64 -13.36
N PHE B 166 27.45 -23.75 -14.03
CA PHE B 166 27.50 -23.60 -15.49
C PHE B 166 28.11 -24.80 -16.20
N ASN B 167 28.37 -25.94 -15.54
CA ASN B 167 29.18 -27.06 -15.99
C ASN B 167 28.92 -27.55 -17.42
N PHE B 168 27.77 -28.18 -17.66
CA PHE B 168 27.44 -28.79 -18.95
C PHE B 168 26.02 -29.35 -18.85
N GLU B 169 25.28 -29.33 -19.96
CA GLU B 169 24.08 -30.15 -20.06
C GLU B 169 24.11 -31.09 -21.25
N THR B 170 24.27 -30.59 -22.48
CA THR B 170 24.21 -31.45 -23.67
C THR B 170 24.80 -30.71 -24.87
N ILE B 171 25.11 -31.49 -25.91
CA ILE B 171 25.55 -30.97 -27.19
C ILE B 171 24.61 -31.50 -28.26
N LEU B 172 23.99 -30.61 -29.01
CA LEU B 172 23.22 -30.98 -30.18
C LEU B 172 24.07 -30.81 -31.43
N GLN B 173 23.52 -31.23 -32.56
CA GLN B 173 24.02 -30.83 -33.87
C GLN B 173 22.84 -30.35 -34.69
N ALA B 174 22.73 -29.04 -34.86
CA ALA B 174 21.55 -28.42 -35.44
C ALA B 174 21.71 -28.25 -36.96
N HIS B 175 22.68 -27.48 -37.40
CA HIS B 175 22.79 -27.09 -38.79
C HIS B 175 24.05 -27.67 -39.42
N ASP B 176 24.12 -27.58 -40.74
CA ASP B 176 25.31 -27.94 -41.48
C ASP B 176 26.20 -26.74 -41.76
N SER B 177 25.94 -25.62 -41.10
CA SER B 177 26.56 -24.34 -41.36
C SER B 177 26.82 -23.66 -40.03
N PRO B 178 27.61 -22.58 -40.01
CA PRO B 178 27.68 -21.75 -38.82
C PRO B 178 26.33 -21.13 -38.48
N VAL B 179 25.95 -21.25 -37.20
CA VAL B 179 24.64 -20.83 -36.74
C VAL B 179 24.65 -19.32 -36.53
N ARG B 180 23.94 -18.62 -37.41
CA ARG B 180 23.94 -17.16 -37.40
C ARG B 180 22.94 -16.51 -36.45
N ALA B 181 21.65 -16.67 -36.74
CA ALA B 181 20.63 -16.08 -35.91
C ALA B 181 19.98 -17.10 -35.01
N MET B 182 19.49 -16.63 -33.88
CA MET B 182 18.83 -17.50 -32.92
C MET B 182 18.01 -16.64 -32.00
N THR B 183 16.72 -16.91 -31.97
CA THR B 183 15.78 -16.16 -31.15
C THR B 183 14.77 -17.13 -30.54
N TRP B 184 14.31 -16.78 -29.34
CA TRP B 184 13.24 -17.48 -28.66
C TRP B 184 11.92 -16.75 -28.87
N SER B 185 10.82 -17.47 -28.67
CA SER B 185 9.51 -16.87 -28.82
C SER B 185 9.20 -15.93 -27.66
N HIS B 186 8.08 -15.21 -27.75
CA HIS B 186 7.65 -14.39 -26.63
C HIS B 186 7.17 -15.25 -25.47
N ASN B 187 6.41 -16.30 -25.79
CA ASN B 187 6.18 -17.35 -24.81
C ASN B 187 7.35 -18.34 -24.85
N ASP B 188 7.24 -19.39 -24.04
CA ASP B 188 8.33 -20.35 -23.96
C ASP B 188 8.28 -21.42 -25.05
N MET B 189 7.46 -21.23 -26.09
CA MET B 189 7.15 -22.33 -26.99
C MET B 189 8.26 -22.63 -28.01
N TRP B 190 8.57 -21.68 -28.90
CA TRP B 190 9.42 -22.01 -30.04
C TRP B 190 10.73 -21.23 -30.03
N MET B 191 11.69 -21.74 -30.79
CA MET B 191 12.99 -21.12 -30.97
C MET B 191 13.36 -21.15 -32.44
N LEU B 192 13.49 -19.97 -33.05
CA LEU B 192 13.90 -19.84 -34.43
C LEU B 192 15.42 -19.82 -34.52
N THR B 193 15.98 -20.67 -35.39
CA THR B 193 17.41 -20.69 -35.63
C THR B 193 17.66 -20.72 -37.13
N ALA B 194 18.62 -19.92 -37.58
CA ALA B 194 19.04 -19.91 -38.98
C ALA B 194 20.47 -20.38 -39.09
N ASP B 195 21.02 -20.39 -40.29
CA ASP B 195 22.43 -20.78 -40.45
C ASP B 195 23.02 -20.04 -41.65
N HIS B 196 24.26 -20.39 -41.98
CA HIS B 196 24.98 -19.77 -43.08
C HIS B 196 24.61 -20.38 -44.43
N GLY B 197 23.93 -21.53 -44.43
CA GLY B 197 23.45 -22.09 -45.67
C GLY B 197 22.14 -21.50 -46.12
N GLY B 198 21.26 -21.16 -45.18
CA GLY B 198 19.98 -20.56 -45.49
C GLY B 198 18.78 -21.28 -44.92
N TYR B 199 18.97 -22.29 -44.07
CA TYR B 199 17.86 -23.06 -43.55
C TYR B 199 17.39 -22.50 -42.22
N VAL B 200 16.07 -22.54 -42.01
CA VAL B 200 15.45 -22.03 -40.80
C VAL B 200 14.64 -23.15 -40.16
N LYS B 201 15.02 -23.54 -38.95
CA LYS B 201 14.36 -24.63 -38.25
C LYS B 201 13.63 -24.11 -37.01
N TYR B 202 12.49 -24.72 -36.73
CA TYR B 202 11.79 -24.44 -35.47
C TYR B 202 12.28 -25.41 -34.41
N TRP B 203 12.21 -24.98 -33.16
CA TRP B 203 12.75 -25.77 -32.05
C TRP B 203 11.82 -25.66 -30.85
N GLN B 204 11.40 -26.81 -30.33
CA GLN B 204 10.62 -26.84 -29.10
C GLN B 204 11.52 -26.57 -27.90
N SER B 205 10.89 -26.44 -26.73
CA SER B 205 11.64 -26.11 -25.53
C SER B 205 12.45 -27.29 -25.00
N ASN B 206 12.12 -28.50 -25.44
CA ASN B 206 12.92 -29.67 -25.09
C ASN B 206 14.03 -29.95 -26.10
N MET B 207 14.29 -29.00 -27.01
CA MET B 207 15.31 -29.06 -28.06
C MET B 207 15.08 -30.26 -28.98
N ASN B 208 13.85 -30.34 -29.48
CA ASN B 208 13.47 -31.31 -30.49
C ASN B 208 13.35 -30.59 -31.81
N ASN B 209 13.85 -31.21 -32.88
CA ASN B 209 13.77 -30.60 -34.19
C ASN B 209 12.36 -30.72 -34.73
N VAL B 210 11.84 -29.61 -35.24
CA VAL B 210 10.47 -29.50 -35.73
C VAL B 210 10.69 -29.17 -37.20
N LYS B 211 9.61 -28.88 -37.95
CA LYS B 211 9.67 -28.74 -39.41
C LYS B 211 10.65 -27.66 -39.86
N MET B 212 11.29 -27.92 -41.00
CA MET B 212 12.35 -27.09 -41.52
C MET B 212 12.01 -26.66 -42.94
N PHE B 213 12.70 -25.62 -43.42
CA PHE B 213 12.57 -25.15 -44.79
C PHE B 213 13.81 -24.36 -45.13
N GLN B 214 13.82 -23.79 -46.33
CA GLN B 214 14.86 -22.88 -46.77
C GLN B 214 14.23 -21.51 -46.92
N ALA B 215 14.82 -20.52 -46.28
CA ALA B 215 14.29 -19.15 -46.36
C ALA B 215 15.01 -18.38 -47.48
N HIS B 216 16.32 -18.33 -47.42
CA HIS B 216 17.12 -17.57 -48.37
C HIS B 216 18.09 -18.49 -49.10
N LYS B 217 18.66 -17.99 -50.18
CA LYS B 217 19.65 -18.77 -50.92
C LYS B 217 21.03 -18.42 -50.38
N GLU B 218 21.14 -17.22 -49.80
CA GLU B 218 22.38 -16.73 -49.23
C GLU B 218 22.29 -16.81 -47.72
N ALA B 219 23.44 -16.74 -47.05
CA ALA B 219 23.47 -16.83 -45.60
C ALA B 219 22.57 -15.82 -44.92
N ILE B 220 21.78 -16.33 -43.98
CA ILE B 220 20.87 -15.54 -43.15
C ILE B 220 21.65 -15.04 -41.94
N ARG B 221 21.57 -13.74 -41.68
CA ARG B 221 22.43 -13.14 -40.67
C ARG B 221 21.68 -12.77 -39.39
N GLU B 222 20.39 -12.47 -39.48
CA GLU B 222 19.64 -12.08 -38.30
C GLU B 222 18.16 -12.42 -38.52
N ALA B 223 17.50 -12.84 -37.44
CA ALA B 223 16.07 -13.08 -37.47
C ALA B 223 15.42 -12.40 -36.26
N SER B 224 14.11 -12.25 -36.33
CA SER B 224 13.30 -11.70 -35.25
C SER B 224 11.83 -11.65 -35.66
N PHE B 225 10.90 -12.04 -34.79
CA PHE B 225 9.46 -12.02 -35.16
C PHE B 225 8.54 -10.99 -34.51
N SER B 226 7.32 -10.91 -35.03
CA SER B 226 6.28 -9.98 -34.60
C SER B 226 5.84 -10.07 -33.15
N PRO B 227 5.19 -9.01 -32.65
CA PRO B 227 4.76 -9.04 -31.25
C PRO B 227 3.61 -10.00 -30.94
N THR B 228 3.73 -11.20 -31.49
CA THR B 228 2.88 -12.37 -31.38
C THR B 228 3.63 -13.43 -32.16
N ASP B 229 3.20 -14.68 -32.03
CA ASP B 229 3.98 -15.80 -32.54
C ASP B 229 3.67 -16.14 -33.99
N ASN B 230 3.25 -15.16 -34.79
CA ASN B 230 2.64 -15.48 -36.07
C ASN B 230 3.55 -15.24 -37.26
N LYS B 231 4.59 -14.42 -37.11
CA LYS B 231 5.22 -13.86 -38.29
C LYS B 231 6.65 -13.44 -38.00
N PHE B 232 7.61 -14.03 -38.73
CA PHE B 232 9.01 -13.66 -38.55
C PHE B 232 9.62 -13.13 -39.84
N ALA B 233 10.76 -12.47 -39.69
CA ALA B 233 11.50 -11.88 -40.78
C ALA B 233 12.96 -12.32 -40.71
N THR B 234 13.47 -12.79 -41.85
CA THR B 234 14.85 -13.24 -41.95
C THR B 234 15.59 -12.40 -42.98
N CYS B 235 16.72 -11.84 -42.57
CA CYS B 235 17.54 -11.06 -43.47
C CYS B 235 18.84 -11.79 -43.74
N SER B 236 19.35 -11.63 -44.95
CA SER B 236 20.42 -12.49 -45.42
C SER B 236 21.39 -11.65 -46.25
N ASP B 237 22.41 -12.32 -46.78
CA ASP B 237 23.46 -11.64 -47.51
C ASP B 237 23.15 -11.48 -49.00
N ASP B 238 21.93 -11.80 -49.43
CA ASP B 238 21.53 -11.45 -50.79
C ASP B 238 20.81 -10.11 -50.85
N GLY B 239 20.53 -9.49 -49.71
CA GLY B 239 19.95 -8.17 -49.65
C GLY B 239 18.46 -8.14 -49.38
N THR B 240 17.79 -9.29 -49.41
CA THR B 240 16.35 -9.34 -49.23
C THR B 240 15.99 -9.62 -47.78
N VAL B 241 14.98 -8.93 -47.29
CA VAL B 241 14.40 -9.17 -45.97
C VAL B 241 13.04 -9.81 -46.21
N ARG B 242 12.95 -11.12 -46.05
CA ARG B 242 11.73 -11.84 -46.39
C ARG B 242 10.90 -12.08 -45.14
N ILE B 243 9.62 -11.74 -45.22
CA ILE B 243 8.70 -11.83 -44.09
C ILE B 243 7.89 -13.12 -44.24
N TRP B 244 7.93 -13.94 -43.20
CA TRP B 244 7.43 -15.31 -43.26
C TRP B 244 6.24 -15.49 -42.34
N ASP B 245 5.34 -16.38 -42.73
CA ASP B 245 4.33 -16.88 -41.80
C ASP B 245 4.98 -17.93 -40.91
N PHE B 246 4.38 -18.15 -39.75
CA PHE B 246 4.94 -19.09 -38.77
C PHE B 246 4.39 -20.48 -39.00
N LEU B 247 3.07 -20.66 -38.95
CA LEU B 247 2.49 -21.99 -38.96
C LEU B 247 2.51 -22.60 -40.35
N ARG B 248 2.36 -21.76 -41.38
CA ARG B 248 2.28 -22.29 -42.73
C ARG B 248 3.63 -22.32 -43.43
N CYS B 249 4.67 -21.73 -42.81
CA CYS B 249 5.99 -21.51 -43.41
C CYS B 249 5.90 -20.76 -44.74
N HIS B 250 4.97 -19.83 -44.84
CA HIS B 250 4.63 -19.20 -46.11
C HIS B 250 5.32 -17.85 -46.24
N GLU B 251 6.03 -17.68 -47.36
CA GLU B 251 6.67 -16.42 -47.67
C GLU B 251 5.63 -15.39 -48.05
N GLU B 252 5.38 -14.44 -47.16
CA GLU B 252 4.32 -13.47 -47.42
C GLU B 252 4.76 -12.46 -48.48
N ARG B 253 5.85 -11.74 -48.21
CA ARG B 253 6.37 -10.80 -49.20
C ARG B 253 7.85 -10.53 -48.94
N ILE B 254 8.49 -9.94 -49.95
CA ILE B 254 9.93 -9.69 -49.95
C ILE B 254 10.13 -8.18 -49.89
N LEU B 255 11.07 -7.75 -49.07
CA LEU B 255 11.41 -6.34 -48.91
C LEU B 255 12.68 -6.05 -49.69
N ARG B 256 12.52 -5.62 -50.93
CA ARG B 256 13.63 -5.35 -51.83
C ARG B 256 13.89 -3.85 -51.89
N GLY B 257 14.98 -3.48 -52.55
CA GLY B 257 15.37 -2.09 -52.61
C GLY B 257 16.25 -1.65 -51.47
N HIS B 258 17.21 -2.49 -51.05
CA HIS B 258 18.02 -2.17 -49.90
C HIS B 258 19.44 -1.77 -50.26
N GLY B 259 19.90 -2.10 -51.47
CA GLY B 259 21.18 -1.65 -51.97
C GLY B 259 22.28 -2.68 -51.91
N ALA B 260 22.40 -3.43 -50.81
CA ALA B 260 23.41 -4.47 -50.67
C ALA B 260 22.91 -5.44 -49.60
N ASP B 261 23.84 -6.27 -49.10
CA ASP B 261 23.50 -7.29 -48.12
C ASP B 261 23.12 -6.69 -46.77
N VAL B 262 22.04 -7.22 -46.20
CA VAL B 262 21.45 -6.73 -44.95
C VAL B 262 21.84 -7.69 -43.84
N LYS B 263 22.25 -7.15 -42.68
CA LYS B 263 22.79 -8.00 -41.63
C LYS B 263 22.09 -7.89 -40.28
N CYS B 264 21.00 -7.12 -40.17
CA CYS B 264 20.25 -7.06 -38.93
C CYS B 264 18.82 -6.61 -39.17
N VAL B 265 17.88 -7.18 -38.42
CA VAL B 265 16.44 -6.91 -38.50
C VAL B 265 15.86 -6.99 -37.09
N ASP B 266 15.08 -5.99 -36.69
CA ASP B 266 14.37 -6.04 -35.42
C ASP B 266 12.95 -5.56 -35.63
N TRP B 267 11.98 -6.34 -35.15
CA TRP B 267 10.58 -5.94 -35.16
C TRP B 267 10.26 -4.99 -34.00
N HIS B 268 9.30 -4.14 -34.24
CA HIS B 268 8.89 -3.22 -33.18
C HIS B 268 7.96 -3.94 -32.22
N PRO B 269 8.03 -3.68 -30.92
CA PRO B 269 7.20 -4.43 -29.96
C PRO B 269 5.72 -4.08 -29.99
N THR B 270 5.33 -2.92 -30.50
CA THR B 270 3.91 -2.61 -30.61
C THR B 270 3.49 -2.31 -32.04
N LYS B 271 4.19 -1.37 -32.69
CA LYS B 271 3.66 -0.68 -33.87
C LYS B 271 3.73 -1.52 -35.13
N GLY B 272 4.49 -2.60 -35.14
CA GLY B 272 4.63 -3.34 -36.38
C GLY B 272 5.53 -2.64 -37.38
N LEU B 273 6.80 -2.54 -37.05
CA LEU B 273 7.83 -2.04 -37.95
C LEU B 273 8.88 -3.13 -38.17
N VAL B 274 9.61 -3.03 -39.27
CA VAL B 274 10.79 -3.86 -39.48
C VAL B 274 11.93 -2.91 -39.82
N VAL B 275 12.92 -2.83 -38.94
CA VAL B 275 14.06 -1.95 -39.15
C VAL B 275 15.24 -2.78 -39.58
N SER B 276 15.85 -2.41 -40.71
CA SER B 276 16.93 -3.19 -41.29
C SER B 276 18.19 -2.34 -41.40
N GLY B 277 19.34 -2.95 -41.11
CA GLY B 277 20.63 -2.35 -41.37
C GLY B 277 21.14 -2.73 -42.74
N SER B 278 22.40 -2.37 -43.00
CA SER B 278 22.97 -2.63 -44.31
C SER B 278 24.49 -2.62 -44.22
N LYS B 279 25.11 -3.05 -45.32
CA LYS B 279 26.51 -2.74 -45.58
C LYS B 279 26.64 -1.58 -46.55
N ASP B 280 25.57 -1.33 -47.33
CA ASP B 280 25.59 -0.25 -48.31
C ASP B 280 25.50 1.10 -47.61
N SER B 281 26.39 2.01 -48.00
CA SER B 281 26.41 3.33 -47.41
C SER B 281 25.32 4.24 -47.95
N GLN B 282 24.81 3.96 -49.15
CA GLN B 282 23.80 4.83 -49.73
C GLN B 282 22.43 4.57 -49.11
N GLN B 283 22.16 3.34 -48.69
CA GLN B 283 20.90 2.97 -48.03
C GLN B 283 21.22 2.22 -46.76
N PRO B 284 21.69 2.92 -45.71
CA PRO B 284 22.17 2.18 -44.52
C PRO B 284 21.06 1.61 -43.65
N ILE B 285 20.00 2.37 -43.37
CA ILE B 285 18.91 1.93 -42.50
C ILE B 285 17.59 2.22 -43.19
N LYS B 286 16.79 1.18 -43.40
CA LYS B 286 15.49 1.29 -44.05
C LYS B 286 14.42 0.83 -43.09
N PHE B 287 13.45 1.70 -42.80
CA PHE B 287 12.26 1.30 -42.06
C PHE B 287 11.31 0.63 -43.04
N TRP B 288 10.76 -0.52 -42.65
CA TRP B 288 9.90 -1.28 -43.52
C TRP B 288 8.51 -1.38 -42.92
N ASP B 289 7.56 -1.83 -43.73
CA ASP B 289 6.20 -2.10 -43.30
C ASP B 289 5.97 -3.59 -43.48
N PRO B 290 5.45 -4.29 -42.48
CA PRO B 290 5.16 -5.72 -42.70
C PRO B 290 3.87 -5.98 -43.45
N LYS B 291 2.86 -5.12 -43.27
CA LYS B 291 1.57 -5.35 -43.93
C LYS B 291 1.65 -5.08 -45.42
N THR B 292 2.16 -3.92 -45.80
CA THR B 292 2.44 -3.63 -47.19
C THR B 292 3.87 -4.07 -47.50
N GLY B 293 4.30 -3.82 -48.74
CA GLY B 293 5.69 -3.97 -49.10
C GLY B 293 6.44 -2.66 -49.16
N GLN B 294 5.90 -1.60 -48.56
CA GLN B 294 6.41 -0.25 -48.74
C GLN B 294 7.53 0.03 -47.75
N SER B 295 8.61 0.59 -48.25
CA SER B 295 9.65 1.14 -47.39
C SER B 295 9.11 2.40 -46.74
N LEU B 296 9.07 2.41 -45.40
CA LEU B 296 8.41 3.50 -44.70
C LEU B 296 9.28 4.76 -44.68
N ALA B 297 10.55 4.62 -44.31
CA ALA B 297 11.45 5.75 -44.20
C ALA B 297 12.89 5.29 -44.36
N THR B 298 13.67 6.07 -45.07
CA THR B 298 15.11 5.81 -45.21
C THR B 298 15.85 6.64 -44.17
N LEU B 299 16.84 6.04 -43.52
CA LEU B 299 17.59 6.77 -42.50
C LEU B 299 19.09 6.53 -42.51
N HIS B 300 19.82 7.19 -43.41
CA HIS B 300 21.27 7.06 -43.47
C HIS B 300 21.83 7.64 -42.20
N ALA B 301 22.46 6.83 -41.38
CA ALA B 301 23.00 7.31 -40.11
C ALA B 301 24.47 7.02 -39.86
N HIS B 302 25.07 6.08 -40.58
CA HIS B 302 26.46 5.80 -40.32
C HIS B 302 27.29 5.88 -41.59
N LYS B 303 28.61 5.83 -41.42
CA LYS B 303 29.50 5.92 -42.56
C LYS B 303 29.59 4.59 -43.30
N ASN B 304 29.69 3.49 -42.57
CA ASN B 304 29.79 2.19 -43.21
C ASN B 304 29.29 1.08 -42.30
N THR B 305 28.47 0.20 -42.88
CA THR B 305 28.22 -1.17 -42.44
C THR B 305 27.67 -1.22 -41.00
N VAL B 306 26.41 -0.79 -40.89
CA VAL B 306 25.63 -1.00 -39.68
C VAL B 306 25.59 -2.49 -39.35
N MET B 307 26.08 -2.85 -38.17
CA MET B 307 26.20 -4.26 -37.79
C MET B 307 24.92 -4.74 -37.10
N GLU B 308 24.55 -4.09 -36.00
CA GLU B 308 23.37 -4.50 -35.25
C GLU B 308 22.42 -3.34 -35.03
N VAL B 309 21.14 -3.67 -35.07
CA VAL B 309 20.05 -2.72 -34.83
C VAL B 309 19.11 -3.36 -33.82
N LYS B 310 18.90 -2.69 -32.69
CA LYS B 310 18.03 -3.19 -31.63
C LYS B 310 17.02 -2.13 -31.22
N LEU B 311 15.99 -2.59 -30.50
CA LEU B 311 14.88 -1.77 -30.06
C LEU B 311 14.57 -2.08 -28.60
N ASN B 312 14.21 -1.06 -27.84
CA ASN B 312 13.75 -1.28 -26.46
C ASN B 312 12.43 -2.03 -26.43
N LEU B 313 12.08 -2.50 -25.24
CA LEU B 313 10.75 -3.04 -25.04
C LEU B 313 9.71 -1.95 -24.92
N ASN B 314 10.12 -0.69 -24.76
CA ASN B 314 9.13 0.38 -24.68
C ASN B 314 8.71 0.85 -26.07
N GLY B 315 9.64 0.77 -27.03
CA GLY B 315 9.33 1.05 -28.42
C GLY B 315 9.66 2.44 -28.89
N ASN B 316 10.23 3.29 -28.04
CA ASN B 316 10.51 4.65 -28.44
C ASN B 316 11.87 4.83 -29.11
N TRP B 317 12.79 3.89 -28.96
CA TRP B 317 14.19 4.14 -29.27
C TRP B 317 14.75 3.13 -30.24
N LEU B 318 15.56 3.63 -31.18
CA LEU B 318 16.30 2.83 -32.13
C LEU B 318 17.78 2.92 -31.78
N LEU B 319 18.37 1.80 -31.41
CA LEU B 319 19.79 1.74 -31.10
C LEU B 319 20.54 1.02 -32.21
N THR B 320 21.65 1.60 -32.63
CA THR B 320 22.35 1.19 -33.84
C THR B 320 23.84 1.05 -33.55
N ALA B 321 24.44 -0.02 -34.07
CA ALA B 321 25.87 -0.27 -33.92
C ALA B 321 26.50 -0.48 -35.29
N SER B 322 27.57 0.26 -35.57
CA SER B 322 28.19 0.17 -36.89
C SER B 322 29.69 -0.05 -36.80
N ARG B 323 30.35 -0.14 -37.94
CA ARG B 323 31.79 -0.39 -37.98
C ARG B 323 32.63 0.86 -37.83
N ASP B 324 31.99 2.02 -37.77
CA ASP B 324 32.72 3.28 -37.66
C ASP B 324 32.95 3.70 -36.22
N HIS B 325 33.11 2.73 -35.31
CA HIS B 325 33.51 2.92 -33.91
C HIS B 325 32.46 3.69 -33.12
N LEU B 326 31.19 3.53 -33.49
CA LEU B 326 30.13 4.34 -32.91
C LEU B 326 28.91 3.50 -32.58
N CYS B 327 28.14 3.98 -31.60
CA CYS B 327 26.78 3.53 -31.35
C CYS B 327 25.91 4.77 -31.23
N LYS B 328 24.73 4.75 -31.82
CA LYS B 328 23.87 5.92 -31.88
C LYS B 328 22.45 5.58 -31.47
N LEU B 329 21.84 6.46 -30.68
CA LEU B 329 20.42 6.36 -30.33
C LEU B 329 19.59 7.20 -31.29
N PHE B 330 18.50 6.64 -31.76
CA PHE B 330 17.56 7.31 -32.64
C PHE B 330 16.16 7.20 -32.06
N ASP B 331 15.43 8.30 -32.11
CA ASP B 331 14.01 8.30 -31.78
C ASP B 331 13.27 8.02 -33.08
N ILE B 332 12.44 6.98 -33.08
CA ILE B 332 11.73 6.62 -34.30
C ILE B 332 10.56 7.55 -34.57
N ARG B 333 10.17 8.36 -33.59
CA ARG B 333 9.15 9.35 -33.82
C ARG B 333 9.74 10.60 -34.47
N ASN B 334 11.04 10.83 -34.26
CA ASN B 334 11.72 12.03 -34.74
C ASN B 334 13.00 11.58 -35.45
N LEU B 335 12.92 11.34 -36.75
CA LEU B 335 14.06 10.87 -37.53
C LEU B 335 14.92 11.99 -38.08
N LYS B 336 14.44 13.24 -38.06
CA LYS B 336 15.22 14.36 -38.56
C LYS B 336 16.40 14.65 -37.64
N GLU B 337 16.13 14.76 -36.35
CA GLU B 337 17.17 15.00 -35.36
C GLU B 337 17.87 13.69 -35.01
N GLU B 338 18.67 13.75 -33.96
CA GLU B 338 19.51 12.63 -33.55
C GLU B 338 19.80 12.74 -32.06
N LEU B 339 19.65 11.63 -31.34
CA LEU B 339 19.99 11.58 -29.93
C LEU B 339 21.49 11.34 -29.79
N GLN B 340 21.94 10.99 -28.59
CA GLN B 340 23.36 11.00 -28.27
C GLN B 340 24.11 9.87 -28.98
N VAL B 341 25.41 10.06 -29.12
CA VAL B 341 26.29 9.09 -29.76
C VAL B 341 27.24 8.54 -28.71
N PHE B 342 27.84 7.38 -29.01
CA PHE B 342 28.58 6.60 -28.04
C PHE B 342 29.95 6.26 -28.60
N ARG B 343 30.96 7.03 -28.21
CA ARG B 343 32.34 6.80 -28.65
C ARG B 343 33.02 5.86 -27.67
N GLY B 344 34.35 5.77 -27.72
CA GLY B 344 35.08 4.99 -26.76
C GLY B 344 35.38 3.58 -27.18
N HIS B 345 34.57 2.98 -28.05
CA HIS B 345 34.95 1.74 -28.72
C HIS B 345 36.09 2.08 -29.67
N LYS B 346 37.29 1.57 -29.36
CA LYS B 346 38.43 1.87 -30.21
C LYS B 346 38.39 1.08 -31.50
N LYS B 347 37.63 -0.01 -31.52
CA LYS B 347 37.33 -0.78 -32.72
C LYS B 347 35.81 -0.81 -32.91
N GLU B 348 35.37 -1.61 -33.87
CA GLU B 348 33.93 -1.70 -34.18
C GLU B 348 33.09 -2.30 -33.08
N ALA B 349 31.88 -1.79 -32.95
CA ALA B 349 30.92 -2.23 -31.95
C ALA B 349 30.03 -3.20 -32.69
N THR B 350 30.11 -4.49 -32.37
CA THR B 350 29.33 -5.46 -33.11
C THR B 350 28.38 -6.41 -32.38
N ALA B 351 27.85 -6.04 -31.22
CA ALA B 351 26.96 -6.98 -30.54
C ALA B 351 25.90 -6.35 -29.65
N VAL B 352 25.80 -5.05 -29.65
CA VAL B 352 24.81 -4.40 -28.79
C VAL B 352 23.69 -5.31 -28.28
N ALA B 353 23.44 -5.29 -26.97
CA ALA B 353 22.32 -5.98 -26.36
C ALA B 353 21.74 -5.12 -25.25
N TRP B 354 20.43 -4.86 -25.31
CA TRP B 354 19.75 -4.06 -24.29
C TRP B 354 19.60 -4.84 -22.99
N HIS B 355 19.39 -4.10 -21.90
CA HIS B 355 19.15 -4.71 -20.60
C HIS B 355 17.67 -4.96 -20.44
N PRO B 356 17.24 -6.12 -19.93
CA PRO B 356 15.80 -6.41 -19.93
C PRO B 356 14.98 -5.62 -18.93
N VAL B 357 15.49 -5.43 -17.72
CA VAL B 357 14.75 -4.67 -16.71
C VAL B 357 15.11 -3.19 -16.54
N HIS B 358 16.32 -2.79 -16.89
CA HIS B 358 16.74 -1.39 -16.75
C HIS B 358 16.70 -0.63 -18.06
N GLU B 359 15.51 -0.23 -18.50
CA GLU B 359 15.34 0.51 -19.75
C GLU B 359 16.23 1.74 -19.74
N GLY B 360 17.00 1.92 -20.80
CA GLY B 360 17.93 3.01 -20.84
C GLY B 360 19.36 2.65 -20.51
N LEU B 361 19.66 1.37 -20.36
CA LEU B 361 21.06 0.95 -20.27
C LEU B 361 21.24 -0.29 -21.11
N PHE B 362 22.45 -0.49 -21.61
CA PHE B 362 22.72 -1.64 -22.46
C PHE B 362 24.20 -1.96 -22.42
N ALA B 363 24.50 -3.22 -22.70
CA ALA B 363 25.87 -3.68 -22.87
C ALA B 363 26.26 -3.46 -24.31
N SER B 364 27.56 -3.42 -24.58
CA SER B 364 28.07 -3.23 -25.93
C SER B 364 29.43 -3.92 -26.04
N GLY B 365 29.58 -4.78 -27.03
CA GLY B 365 30.82 -5.47 -27.25
C GLY B 365 31.69 -4.78 -28.27
N GLY B 366 32.81 -5.42 -28.61
CA GLY B 366 33.75 -4.84 -29.56
C GLY B 366 34.42 -5.94 -30.35
N SER B 367 35.23 -5.52 -31.33
CA SER B 367 35.96 -6.50 -32.12
C SER B 367 37.38 -6.72 -31.61
N ASP B 368 37.90 -5.80 -30.81
CA ASP B 368 39.14 -6.09 -30.08
C ASP B 368 38.88 -6.83 -28.79
N GLY B 369 37.62 -7.07 -28.46
CA GLY B 369 37.23 -7.71 -27.22
C GLY B 369 36.74 -6.76 -26.16
N SER B 370 36.57 -5.49 -26.49
CA SER B 370 36.14 -4.51 -25.52
C SER B 370 34.69 -4.76 -25.14
N LEU B 371 34.40 -4.75 -23.85
CA LEU B 371 33.05 -4.88 -23.32
C LEU B 371 32.73 -3.59 -22.59
N LEU B 372 31.72 -2.87 -23.05
CA LEU B 372 31.36 -1.58 -22.48
C LEU B 372 29.89 -1.53 -22.14
N PHE B 373 29.58 -0.90 -21.02
CA PHE B 373 28.21 -0.76 -20.55
C PHE B 373 27.83 0.70 -20.62
N TRP B 374 26.61 0.98 -21.09
CA TRP B 374 26.19 2.33 -21.41
C TRP B 374 24.92 2.67 -20.65
N HIS B 375 24.59 3.95 -20.62
CA HIS B 375 23.33 4.38 -20.04
C HIS B 375 22.86 5.64 -20.75
N VAL B 376 21.55 5.69 -20.99
CA VAL B 376 20.98 6.79 -21.77
C VAL B 376 20.87 8.03 -20.89
N GLY B 377 21.60 9.07 -21.27
CA GLY B 377 21.70 10.30 -20.50
C GLY B 377 23.11 10.66 -20.10
N VAL B 378 24.02 9.68 -20.05
CA VAL B 378 25.40 9.90 -19.67
C VAL B 378 26.25 9.95 -20.94
N GLU B 379 27.10 10.96 -21.06
CA GLU B 379 27.89 11.14 -22.27
C GLU B 379 29.01 10.11 -22.36
N LYS B 380 29.66 9.82 -21.23
CA LYS B 380 30.71 8.82 -21.20
C LYS B 380 30.10 7.46 -20.92
N GLU B 381 30.93 6.42 -20.81
CA GLU B 381 30.44 5.10 -20.46
C GLU B 381 30.40 4.95 -18.95
N VAL B 382 29.55 4.05 -18.48
CA VAL B 382 29.43 3.81 -17.05
C VAL B 382 30.63 3.03 -16.55
N GLY B 383 30.96 1.95 -17.23
CA GLY B 383 32.11 1.16 -16.86
C GLY B 383 32.15 -0.09 -17.69
N GLY B 384 33.36 -0.60 -17.89
CA GLY B 384 33.48 -1.78 -18.72
C GLY B 384 34.91 -2.25 -18.79
N MET B 385 35.18 -3.04 -19.82
CA MET B 385 36.43 -3.78 -19.95
C MET B 385 37.05 -3.51 -21.31
N GLU B 386 38.31 -3.07 -21.29
CA GLU B 386 39.09 -2.88 -22.50
C GLU B 386 40.16 -3.95 -22.54
N MET B 387 40.22 -4.67 -23.66
CA MET B 387 41.20 -5.71 -24.00
C MET B 387 41.12 -6.88 -23.02
N ALA B 388 39.99 -7.05 -22.33
CA ALA B 388 39.84 -8.16 -21.39
C ALA B 388 39.55 -9.45 -22.14
N HIS B 389 38.44 -9.46 -22.86
CA HIS B 389 38.01 -10.63 -23.62
C HIS B 389 38.87 -10.76 -24.86
N GLU B 390 39.40 -11.96 -25.10
CA GLU B 390 40.23 -12.15 -26.28
C GLU B 390 39.38 -12.30 -27.52
N GLY B 391 39.91 -11.81 -28.64
CA GLY B 391 39.22 -11.92 -29.92
C GLY B 391 38.15 -10.86 -30.13
N MET B 392 37.14 -11.19 -30.93
CA MET B 392 36.03 -10.31 -31.23
C MET B 392 35.01 -10.44 -30.10
N ILE B 393 33.85 -9.82 -30.25
CA ILE B 393 32.62 -10.22 -29.55
C ILE B 393 31.49 -10.20 -30.58
N TRP B 394 30.74 -11.29 -30.69
CA TRP B 394 29.63 -11.37 -31.63
C TRP B 394 28.31 -10.92 -31.01
N SER B 395 27.83 -11.59 -29.96
CA SER B 395 26.52 -11.29 -29.40
C SER B 395 26.51 -11.45 -27.89
N LEU B 396 25.62 -10.72 -27.24
CA LEU B 396 25.44 -10.77 -25.80
C LEU B 396 23.98 -11.06 -25.48
N ALA B 397 23.75 -11.73 -24.36
CA ALA B 397 22.41 -12.03 -23.90
C ALA B 397 22.38 -11.95 -22.38
N TRP B 398 21.53 -11.09 -21.84
CA TRP B 398 21.32 -11.02 -20.41
C TRP B 398 20.39 -12.15 -20.00
N HIS B 399 20.56 -12.64 -18.78
CA HIS B 399 19.57 -13.49 -18.14
C HIS B 399 18.25 -12.74 -18.00
N PRO B 400 17.11 -13.44 -17.95
CA PRO B 400 15.82 -12.74 -17.75
C PRO B 400 15.72 -11.89 -16.49
N LEU B 401 16.42 -12.26 -15.43
CA LEU B 401 16.78 -11.30 -14.39
C LEU B 401 18.11 -10.67 -14.77
N GLY B 402 18.24 -9.38 -14.52
CA GLY B 402 19.42 -8.70 -15.04
C GLY B 402 20.73 -8.92 -14.32
N HIS B 403 20.93 -10.04 -13.63
CA HIS B 403 22.09 -10.14 -12.75
C HIS B 403 23.33 -10.64 -13.47
N ILE B 404 23.17 -11.59 -14.39
CA ILE B 404 24.32 -12.19 -15.07
C ILE B 404 24.22 -11.95 -16.57
N LEU B 405 25.37 -11.68 -17.20
CA LEU B 405 25.47 -11.43 -18.62
C LEU B 405 26.35 -12.49 -19.27
N CYS B 406 26.07 -12.80 -20.53
CA CYS B 406 26.87 -13.73 -21.32
C CYS B 406 27.34 -13.05 -22.60
N SER B 407 28.32 -13.67 -23.26
CA SER B 407 28.92 -13.10 -24.46
C SER B 407 29.49 -14.21 -25.33
N GLY B 408 29.43 -14.03 -26.64
CA GLY B 408 30.00 -15.02 -27.53
C GLY B 408 31.28 -14.39 -28.00
N SER B 409 32.40 -14.98 -27.61
CA SER B 409 33.69 -14.46 -27.98
C SER B 409 34.04 -14.86 -29.41
N ASN B 410 35.02 -14.18 -29.99
CA ASN B 410 35.44 -14.48 -31.35
C ASN B 410 36.46 -15.60 -31.44
N ASP B 411 36.90 -16.12 -30.29
CA ASP B 411 37.88 -17.20 -30.25
C ASP B 411 37.13 -18.50 -30.19
N HIS B 412 37.18 -19.19 -29.06
CA HIS B 412 36.40 -20.42 -28.95
C HIS B 412 35.88 -20.54 -27.54
N THR B 413 35.52 -19.43 -26.93
CA THR B 413 35.05 -19.45 -25.56
C THR B 413 33.80 -18.63 -25.33
N SER B 414 33.35 -18.56 -24.07
CA SER B 414 32.17 -17.78 -23.76
C SER B 414 32.22 -17.46 -22.28
N LYS B 415 32.16 -16.18 -21.93
CA LYS B 415 32.43 -15.74 -20.57
C LYS B 415 31.17 -15.19 -19.92
N PHE B 416 31.02 -15.44 -18.62
CA PHE B 416 29.84 -15.06 -17.87
C PHE B 416 30.20 -13.96 -16.88
N TRP B 417 29.36 -12.93 -16.81
CA TRP B 417 29.70 -11.75 -16.03
C TRP B 417 28.56 -11.43 -15.08
N THR B 418 28.86 -11.32 -13.79
CA THR B 418 27.87 -10.97 -12.80
C THR B 418 28.34 -9.75 -12.02
N ARG B 419 27.39 -9.03 -11.42
CA ARG B 419 27.69 -7.81 -10.68
C ARG B 419 28.73 -7.93 -9.57
N ASN B 420 29.41 -6.82 -9.31
CA ASN B 420 30.44 -6.75 -8.28
C ASN B 420 29.85 -6.87 -6.88
N ARG B 421 30.48 -7.68 -6.05
CA ARG B 421 30.02 -7.89 -4.69
C ARG B 421 30.31 -6.66 -3.85
N PRO B 422 29.58 -6.45 -2.76
CA PRO B 422 29.91 -5.33 -1.87
C PRO B 422 31.21 -5.58 -1.13
N GLY B 423 32.06 -4.56 -1.12
CA GLY B 423 33.23 -4.52 -0.27
C GLY B 423 34.51 -5.01 -0.91
N ASP B 424 34.45 -5.68 -2.05
CA ASP B 424 35.64 -6.21 -2.66
C ASP B 424 36.44 -5.10 -3.34
N LYS B 425 37.74 -5.28 -3.43
CA LYS B 425 38.55 -4.39 -4.24
C LYS B 425 38.86 -5.04 -5.58
N MET B 426 38.62 -4.28 -6.65
CA MET B 426 38.77 -4.79 -8.00
C MET B 426 40.22 -4.68 -8.41
N ARG B 427 40.98 -5.74 -8.17
CA ARG B 427 42.42 -5.72 -8.37
C ARG B 427 42.86 -6.78 -9.37
N ASP B 428 41.89 -7.47 -9.97
CA ASP B 428 42.19 -8.60 -10.84
C ASP B 428 42.64 -8.09 -12.22
N ARG B 429 42.77 -9.03 -13.15
CA ARG B 429 43.19 -8.73 -14.51
C ARG B 429 42.20 -7.83 -15.24
N TYR B 430 40.93 -7.92 -14.86
CA TYR B 430 39.91 -7.08 -15.46
C TYR B 430 39.80 -5.81 -14.63
N ASN B 431 38.93 -4.90 -15.06
CA ASN B 431 38.73 -3.63 -14.36
C ASN B 431 40.03 -2.89 -14.08
N LEU B 432 40.64 -3.17 -12.93
CA LEU B 432 41.90 -2.52 -12.56
C LEU B 432 43.10 -3.39 -12.85
#